data_7MW8
#
_entry.id   7MW8
#
_cell.length_a   130.420
_cell.length_b   66.719
_cell.length_c   134.961
_cell.angle_alpha   90.000
_cell.angle_beta   116.250
_cell.angle_gamma   90.000
#
_symmetry.space_group_name_H-M   'P 1 21 1'
#
loop_
_entity.id
_entity.type
_entity.pdbx_description
1 polymer 'Phosphodiesterase-nucleotide pyrophosphatase'
2 polymer pApG
3 non-polymer 'ZINC ION'
4 water water
#
loop_
_entity_poly.entity_id
_entity_poly.type
_entity_poly.pdbx_seq_one_letter_code
_entity_poly.pdbx_strand_id
1 'polypeptide(L)'
;MIDRRFGVAAAALALLAACSSPPSARSAPTQLPTAAPGTASASTPHALLLISIDGLRADMLDRGITPNLSHLAREGVRAR
WMAPSYPSLAFPNHYTLVTGLRPDHHGIVHNSMRDPTLGGFWLSKSEAVGDARWWGGEPVWVGVENTGQHAATWSWPGSE
AAIKGVRPSQWRHYQKGVRLDTRVDAVRGWLATDGAQRNRLVTLYFEHVDEAGHDHGPESRQYADAVRAVDAAIGRLLAG
MQRDGTRARTNIIVVSDHGMAEVAPGHAISVEDIAPPQIATAITDGQVIGFEPLPGQQAAAEASVLGAHDHYDCWRKAEL
PARWQYGSHPRIPSLVCQMHEGWDALFPDKLAKRAQRGTRGSHGYDPALPSMRAVFLAQGPDLAQGKTLPGFDNVDVYAL
MSRLLGIPAAPNDGNPATLLPALRMPP
;
D,B,C,A,E,F
2 'polyribonucleotide' AG J,K,L,M,N,O
#
# COMPACT_ATOMS: atom_id res chain seq x y z
N THR A 44 -4.63 22.05 23.66
CA THR A 44 -4.37 20.58 23.62
C THR A 44 -5.38 19.83 22.70
N PRO A 45 -4.92 18.76 22.00
CA PRO A 45 -5.88 18.01 21.18
C PRO A 45 -6.80 17.12 22.04
N HIS A 46 -7.99 16.83 21.53
CA HIS A 46 -9.08 16.21 22.32
C HIS A 46 -8.83 14.70 22.64
N ALA A 47 -9.10 14.31 23.87
CA ALA A 47 -8.86 12.92 24.33
C ALA A 47 -10.00 12.03 23.85
N LEU A 48 -9.68 10.75 23.62
CA LEU A 48 -10.68 9.71 23.28
C LEU A 48 -11.04 8.75 24.46
N LEU A 49 -12.29 8.80 24.95
CA LEU A 49 -12.83 7.80 25.88
C LEU A 49 -13.60 6.66 25.15
N LEU A 50 -13.00 5.47 25.09
CA LEU A 50 -13.56 4.29 24.48
C LEU A 50 -14.17 3.40 25.56
N ILE A 51 -15.50 3.22 25.55
CA ILE A 51 -16.21 2.43 26.54
C ILE A 51 -16.79 1.20 25.81
N SER A 52 -16.48 -0.02 26.27
CA SER A 52 -17.26 -1.22 25.91
C SER A 52 -18.26 -1.64 26.99
N ILE A 53 -19.53 -1.82 26.59
CA ILE A 53 -20.50 -2.52 27.43
C ILE A 53 -20.64 -3.96 26.86
N ASP A 54 -20.00 -4.92 27.52
CA ASP A 54 -20.00 -6.30 27.04
C ASP A 54 -21.42 -6.85 26.91
N GLY A 55 -21.77 -7.29 25.70
CA GLY A 55 -23.07 -7.91 25.45
C GLY A 55 -24.27 -7.00 25.47
N LEU A 56 -24.09 -5.71 25.23
CA LEU A 56 -25.27 -4.83 25.04
C LEU A 56 -25.76 -4.97 23.61
N ARG A 57 -27.00 -5.39 23.42
CA ARG A 57 -27.50 -5.70 22.09
C ARG A 57 -28.11 -4.45 21.50
N ALA A 58 -28.05 -4.34 20.16
CA ALA A 58 -28.34 -3.11 19.42
C ALA A 58 -29.71 -2.46 19.69
N ASP A 59 -30.71 -3.28 20.01
CA ASP A 59 -32.07 -2.80 20.27
C ASP A 59 -32.32 -2.40 21.72
N MET A 60 -31.37 -2.63 22.62
CA MET A 60 -31.52 -2.28 24.03
C MET A 60 -31.39 -0.78 24.30
N LEU A 61 -30.92 -0.03 23.30
CA LEU A 61 -30.97 1.42 23.30
C LEU A 61 -32.37 2.02 23.13
N ASP A 62 -33.35 1.19 22.77
CA ASP A 62 -34.66 1.64 22.34
C ASP A 62 -35.74 1.21 23.32
N ARG A 63 -35.40 0.91 24.56
CA ARG A 63 -36.37 0.34 25.52
C ARG A 63 -36.67 1.21 26.75
N GLY A 64 -36.29 2.49 26.68
CA GLY A 64 -36.41 3.42 27.83
C GLY A 64 -35.55 3.11 29.06
N ILE A 65 -34.58 2.20 28.92
CA ILE A 65 -33.75 1.70 30.03
C ILE A 65 -32.31 2.22 29.93
N THR A 66 -32.06 3.19 29.06
CA THR A 66 -30.72 3.76 28.88
C THR A 66 -30.73 5.29 28.81
N PRO A 67 -31.28 5.98 29.85
CA PRO A 67 -31.37 7.45 29.86
C PRO A 67 -30.08 8.15 29.45
N ASN A 68 -28.96 7.79 30.07
CA ASN A 68 -27.69 8.48 29.79
C ASN A 68 -27.11 8.23 28.35
N LEU A 69 -27.09 6.97 27.92
CA LEU A 69 -26.63 6.62 26.54
C LEU A 69 -27.55 7.18 25.43
N SER A 70 -28.87 7.15 25.65
CA SER A 70 -29.87 7.81 24.77
C SER A 70 -29.63 9.29 24.59
N HIS A 71 -29.35 9.96 25.70
CA HIS A 71 -28.96 11.36 25.68
C HIS A 71 -27.61 11.52 24.96
N LEU A 72 -26.70 10.57 25.18
CA LEU A 72 -25.44 10.59 24.42
C LEU A 72 -25.64 10.56 22.88
N ALA A 73 -26.61 9.76 22.42
CA ALA A 73 -26.99 9.71 21.00
C ALA A 73 -27.77 10.93 20.56
N ARG A 74 -28.64 11.47 21.42
CA ARG A 74 -29.27 12.77 21.15
C ARG A 74 -28.14 13.76 20.79
N GLU A 75 -27.20 13.92 21.71
CA GLU A 75 -26.04 14.82 21.57
C GLU A 75 -25.16 14.52 20.36
N GLY A 76 -25.02 13.25 19.98
CA GLY A 76 -24.05 12.85 18.97
C GLY A 76 -24.59 11.86 17.94
N VAL A 77 -23.88 10.72 17.80
CA VAL A 77 -24.02 9.82 16.66
C VAL A 77 -24.34 8.39 17.13
N ARG A 78 -25.28 7.74 16.45
CA ARG A 78 -25.69 6.37 16.79
C ARG A 78 -25.82 5.60 15.51
N ALA A 79 -25.06 4.51 15.38
CA ALA A 79 -25.28 3.56 14.29
C ALA A 79 -26.54 2.74 14.64
N ARG A 80 -27.32 2.44 13.62
CA ARG A 80 -28.50 1.60 13.76
C ARG A 80 -28.13 0.26 14.49
N TRP A 81 -27.02 -0.34 14.04
CA TRP A 81 -26.37 -1.47 14.72
C TRP A 81 -24.88 -1.54 14.27
N MET A 82 -24.11 -2.39 14.92
CA MET A 82 -22.75 -2.71 14.49
C MET A 82 -22.67 -4.22 14.56
N ALA A 83 -22.13 -4.82 13.50
CA ALA A 83 -22.07 -6.24 13.38
C ALA A 83 -20.71 -6.70 13.94
N PRO A 84 -20.70 -7.69 14.86
CA PRO A 84 -19.42 -8.24 15.36
C PRO A 84 -18.68 -9.00 14.28
N SER A 85 -17.42 -9.31 14.48
CA SER A 85 -16.74 -10.30 13.65
C SER A 85 -16.96 -11.73 14.22
N TYR A 86 -16.64 -12.72 13.39
CA TYR A 86 -16.71 -14.10 13.72
C TYR A 86 -15.41 -14.51 14.43
N PRO A 87 -15.48 -15.15 15.61
CA PRO A 87 -16.69 -15.56 16.31
C PRO A 87 -17.16 -14.46 17.26
N SER A 88 -18.46 -14.36 17.49
CA SER A 88 -19.02 -13.32 18.29
C SER A 88 -18.85 -13.53 19.83
N LEU A 89 -17.57 -13.62 20.24
CA LEU A 89 -17.11 -13.71 21.62
C LEU A 89 -16.21 -12.50 21.99
N ALA A 90 -15.89 -12.36 23.29
CA ALA A 90 -15.33 -11.12 23.86
C ALA A 90 -13.94 -10.75 23.38
N PHE A 91 -13.03 -11.71 23.45
CA PHE A 91 -11.64 -11.38 23.17
C PHE A 91 -11.39 -11.17 21.69
N PRO A 92 -11.94 -12.05 20.83
CA PRO A 92 -11.79 -11.79 19.43
C PRO A 92 -12.37 -10.45 19.00
N ASN A 93 -13.57 -10.09 19.48
CA ASN A 93 -14.18 -8.80 19.07
C ASN A 93 -13.60 -7.54 19.71
N HIS A 94 -13.30 -7.58 21.02
CA HIS A 94 -12.67 -6.41 21.65
C HIS A 94 -11.38 -6.05 20.92
N TYR A 95 -10.61 -7.09 20.59
CA TYR A 95 -9.33 -6.92 19.97
C TYR A 95 -9.43 -6.53 18.47
N THR A 96 -10.49 -6.95 17.78
CA THR A 96 -10.91 -6.41 16.46
C THR A 96 -11.15 -4.90 16.52
N LEU A 97 -12.02 -4.49 17.42
CA LEU A 97 -12.38 -3.06 17.58
C LEU A 97 -11.12 -2.19 17.58
N VAL A 98 -10.15 -2.54 18.43
CA VAL A 98 -8.94 -1.76 18.66
C VAL A 98 -7.76 -1.99 17.66
N THR A 99 -7.88 -2.97 16.77
CA THR A 99 -6.90 -3.18 15.70
C THR A 99 -7.39 -3.01 14.28
N GLY A 100 -8.73 -3.03 14.06
CA GLY A 100 -9.34 -3.06 12.73
C GLY A 100 -9.13 -4.34 11.94
N LEU A 101 -8.69 -5.41 12.62
CA LEU A 101 -8.40 -6.67 11.97
C LEU A 101 -9.53 -7.67 12.36
N ARG A 102 -9.90 -8.59 11.45
CA ARG A 102 -10.73 -9.76 11.80
C ARG A 102 -9.97 -10.65 12.77
N PRO A 103 -10.69 -11.36 13.64
CA PRO A 103 -10.06 -12.40 14.43
C PRO A 103 -9.14 -13.31 13.65
N ASP A 104 -9.57 -13.68 12.45
CA ASP A 104 -8.81 -14.58 11.59
C ASP A 104 -7.41 -14.02 11.24
N HIS A 105 -7.21 -12.70 11.27
CA HIS A 105 -5.88 -12.12 11.00
C HIS A 105 -5.12 -11.72 12.25
N HIS A 106 -5.80 -11.22 13.27
CA HIS A 106 -5.07 -10.84 14.50
C HIS A 106 -4.63 -12.05 15.36
N GLY A 107 -5.32 -13.19 15.24
CA GLY A 107 -4.89 -14.44 15.91
C GLY A 107 -5.54 -14.75 17.25
N ILE A 108 -6.31 -13.81 17.77
CA ILE A 108 -7.22 -14.03 18.91
C ILE A 108 -8.52 -14.57 18.33
N VAL A 109 -8.53 -15.87 18.06
CA VAL A 109 -9.58 -16.48 17.26
C VAL A 109 -10.71 -17.09 18.09
N HIS A 110 -10.52 -17.14 19.40
CA HIS A 110 -11.56 -17.60 20.34
C HIS A 110 -11.19 -17.00 21.71
N ASN A 111 -12.12 -17.00 22.65
CA ASN A 111 -11.76 -16.85 24.07
C ASN A 111 -10.79 -17.92 24.61
N SER A 112 -10.78 -19.07 23.96
CA SER A 112 -10.05 -20.22 24.42
C SER A 112 -9.41 -20.89 23.22
N MET A 113 -8.09 -21.06 23.27
CA MET A 113 -7.31 -21.47 22.11
C MET A 113 -6.15 -22.32 22.56
N ARG A 114 -5.61 -23.08 21.61
CA ARG A 114 -4.27 -23.65 21.73
C ARG A 114 -3.44 -23.34 20.51
N ASP A 115 -2.13 -23.45 20.72
CA ASP A 115 -1.13 -23.10 19.73
C ASP A 115 0.06 -24.01 20.06
N PRO A 116 0.47 -24.91 19.12
CA PRO A 116 1.58 -25.84 19.40
C PRO A 116 2.75 -25.18 20.14
N THR A 117 3.14 -23.98 19.70
CA THR A 117 4.28 -23.27 20.27
C THR A 117 3.99 -22.57 21.61
N LEU A 118 2.87 -21.84 21.70
CA LEU A 118 2.59 -20.98 22.85
C LEU A 118 1.75 -21.63 23.96
N GLY A 119 1.06 -22.73 23.66
CA GLY A 119 0.34 -23.47 24.68
C GLY A 119 -1.14 -23.12 24.66
N GLY A 120 -1.77 -23.17 25.84
CA GLY A 120 -3.21 -22.91 25.99
C GLY A 120 -3.51 -21.43 26.18
N PHE A 121 -4.77 -21.06 26.03
CA PHE A 121 -5.20 -19.69 26.22
C PHE A 121 -6.63 -19.68 26.65
N TRP A 122 -6.92 -19.03 27.77
CA TRP A 122 -8.30 -18.79 28.17
C TRP A 122 -8.32 -17.57 29.06
N LEU A 123 -9.51 -17.04 29.22
CA LEU A 123 -9.69 -15.71 29.81
C LEU A 123 -9.03 -15.54 31.20
N SER A 124 -9.13 -16.57 32.04
CA SER A 124 -8.53 -16.56 33.38
C SER A 124 -7.04 -17.03 33.46
N LYS A 125 -6.45 -17.45 32.34
CA LYS A 125 -5.02 -17.83 32.27
C LYS A 125 -4.11 -16.61 32.09
N SER A 126 -3.89 -15.92 33.20
CA SER A 126 -3.22 -14.64 33.21
C SER A 126 -1.83 -14.61 32.49
N GLU A 127 -1.02 -15.65 32.60
CA GLU A 127 0.25 -15.66 31.86
C GLU A 127 0.10 -15.81 30.31
N ALA A 128 -1.05 -16.25 29.82
CA ALA A 128 -1.28 -16.28 28.36
C ALA A 128 -1.89 -14.96 27.84
N VAL A 129 -2.80 -14.37 28.61
CA VAL A 129 -3.47 -13.11 28.23
C VAL A 129 -2.44 -11.98 28.21
N GLY A 130 -1.65 -11.90 29.27
CA GLY A 130 -0.52 -10.96 29.35
C GLY A 130 0.75 -11.35 28.61
N ASP A 131 0.67 -12.29 27.67
CA ASP A 131 1.78 -12.72 26.83
C ASP A 131 1.55 -12.17 25.45
N ALA A 132 2.52 -11.41 24.97
CA ALA A 132 2.38 -10.65 23.75
C ALA A 132 2.38 -11.48 22.49
N ARG A 133 2.92 -12.69 22.51
CA ARG A 133 3.00 -13.46 21.23
C ARG A 133 1.67 -13.93 20.65
N TRP A 134 0.62 -13.90 21.47
CA TRP A 134 -0.75 -14.20 21.03
C TRP A 134 -1.41 -13.08 20.20
N TRP A 135 -0.99 -11.83 20.44
CA TRP A 135 -1.76 -10.66 20.04
C TRP A 135 -1.18 -10.00 18.78
N GLY A 136 -1.79 -10.27 17.63
CA GLY A 136 -1.36 -9.74 16.35
C GLY A 136 -1.76 -8.30 16.09
N GLY A 137 -1.18 -7.75 15.02
CA GLY A 137 -1.32 -6.33 14.64
C GLY A 137 -0.84 -5.40 15.74
N GLU A 138 -1.36 -4.17 15.70
CA GLU A 138 -1.04 -3.10 16.63
C GLU A 138 -2.35 -2.46 17.12
N PRO A 139 -2.69 -2.66 18.40
CA PRO A 139 -3.90 -2.01 18.91
C PRO A 139 -3.66 -0.51 19.15
N VAL A 140 -4.75 0.26 19.16
CA VAL A 140 -4.72 1.74 19.26
C VAL A 140 -3.83 2.30 20.38
N TRP A 141 -3.81 1.66 21.54
CA TRP A 141 -2.95 2.15 22.62
C TRP A 141 -1.45 2.05 22.28
N VAL A 142 -1.04 0.98 21.59
CA VAL A 142 0.36 0.87 21.15
C VAL A 142 0.68 2.05 20.20
N GLY A 143 -0.15 2.22 19.18
CA GLY A 143 -0.03 3.35 18.25
C GLY A 143 -0.04 4.72 18.90
N VAL A 144 -0.89 4.91 19.91
CA VAL A 144 -0.87 6.16 20.72
C VAL A 144 0.45 6.38 21.47
N GLU A 145 0.91 5.35 22.17
CA GLU A 145 2.21 5.39 22.87
C GLU A 145 3.41 5.74 21.96
N ASN A 146 3.49 5.09 20.80
CA ASN A 146 4.61 5.27 19.83
C ASN A 146 4.74 6.62 19.16
N THR A 147 3.71 7.45 19.27
CA THR A 147 3.77 8.88 18.88
C THR A 147 4.12 9.79 20.08
N GLY A 148 4.50 9.20 21.22
CA GLY A 148 4.83 9.97 22.42
C GLY A 148 3.66 10.58 23.18
N GLN A 149 2.43 10.24 22.81
CA GLN A 149 1.25 10.49 23.67
C GLN A 149 1.01 9.29 24.61
N HIS A 150 -0.04 9.36 25.44
CA HIS A 150 -0.27 8.36 26.48
C HIS A 150 -1.66 7.71 26.48
N ALA A 151 -1.67 6.40 26.77
CA ALA A 151 -2.86 5.54 26.83
C ALA A 151 -3.13 5.06 28.27
N ALA A 152 -4.36 5.20 28.76
CA ALA A 152 -4.77 4.70 30.07
C ALA A 152 -5.88 3.66 29.91
N THR A 153 -5.61 2.39 30.23
CA THR A 153 -6.57 1.26 30.05
C THR A 153 -7.11 0.71 31.35
N TRP A 154 -8.39 0.88 31.64
CA TRP A 154 -8.91 0.26 32.88
C TRP A 154 -8.83 -1.23 32.68
N SER A 155 -9.56 -1.69 31.66
CA SER A 155 -9.48 -3.04 31.16
C SER A 155 -9.64 -2.88 29.66
N TRP A 156 -8.90 -3.70 28.95
CA TRP A 156 -9.26 -4.00 27.58
C TRP A 156 -8.44 -5.20 27.19
N PRO A 157 -9.08 -6.22 26.56
CA PRO A 157 -8.34 -7.38 26.10
C PRO A 157 -7.10 -7.02 25.29
N GLY A 158 -5.94 -7.49 25.76
CA GLY A 158 -4.62 -7.18 25.18
C GLY A 158 -3.83 -6.21 26.04
N SER A 159 -4.51 -5.43 26.89
CA SER A 159 -3.89 -4.31 27.57
C SER A 159 -2.91 -4.70 28.73
N GLU A 160 -2.87 -6.00 29.06
CA GLU A 160 -1.96 -6.52 30.08
C GLU A 160 -0.70 -7.15 29.49
N ALA A 161 -0.61 -7.15 28.16
CA ALA A 161 0.55 -7.67 27.43
C ALA A 161 1.36 -6.52 26.83
N ALA A 162 2.64 -6.80 26.57
CA ALA A 162 3.58 -5.87 25.93
C ALA A 162 3.60 -6.15 24.41
N ILE A 163 2.46 -5.81 23.77
CA ILE A 163 2.24 -6.03 22.34
C ILE A 163 3.18 -5.11 21.55
N LYS A 164 3.91 -5.67 20.60
CA LYS A 164 4.95 -4.95 19.84
C LYS A 164 5.93 -4.18 20.78
N GLY A 165 6.26 -4.82 21.91
CA GLY A 165 7.09 -4.23 22.96
C GLY A 165 6.55 -3.06 23.78
N VAL A 166 5.26 -2.77 23.71
CA VAL A 166 4.69 -1.54 24.30
C VAL A 166 3.46 -1.83 25.18
N ARG A 167 3.45 -1.28 26.38
CA ARG A 167 2.31 -1.31 27.29
C ARG A 167 1.75 0.11 27.52
N PRO A 168 0.42 0.25 27.68
CA PRO A 168 -0.15 1.56 28.00
C PRO A 168 0.56 2.26 29.16
N SER A 169 0.40 3.57 29.19
CA SER A 169 1.00 4.38 30.21
C SER A 169 0.40 4.02 31.56
N GLN A 170 -0.95 3.94 31.62
CA GLN A 170 -1.67 3.43 32.81
C GLN A 170 -2.43 2.12 32.47
N TRP A 171 -2.42 1.16 33.40
CA TRP A 171 -3.14 -0.12 33.23
C TRP A 171 -3.30 -0.93 34.51
N ARG A 172 -4.13 -1.98 34.42
CA ARG A 172 -4.46 -2.90 35.53
C ARG A 172 -4.45 -4.36 35.09
N HIS A 173 -4.19 -5.28 36.02
CA HIS A 173 -4.59 -6.69 35.83
C HIS A 173 -6.12 -6.80 35.95
N TYR A 174 -6.74 -7.71 35.21
CA TYR A 174 -8.21 -7.82 35.20
C TYR A 174 -8.64 -8.57 36.45
N GLN A 175 -9.62 -8.02 37.15
CA GLN A 175 -10.21 -8.66 38.34
C GLN A 175 -11.72 -8.52 38.23
N LYS A 176 -12.46 -9.61 38.47
CA LYS A 176 -13.92 -9.49 38.56
C LYS A 176 -14.34 -8.87 39.88
N GLY A 177 -15.56 -8.37 39.90
CA GLY A 177 -16.16 -7.84 41.10
C GLY A 177 -15.74 -6.43 41.45
N VAL A 178 -14.91 -5.79 40.60
CA VAL A 178 -14.46 -4.44 40.91
C VAL A 178 -15.68 -3.53 40.83
N ARG A 179 -15.80 -2.66 41.83
CA ARG A 179 -17.00 -1.82 42.04
CA ARG A 179 -17.02 -1.87 42.03
C ARG A 179 -17.17 -0.84 40.90
N LEU A 180 -18.41 -0.48 40.62
CA LEU A 180 -18.69 0.43 39.53
C LEU A 180 -18.00 1.77 39.79
N ASP A 181 -18.24 2.34 40.98
CA ASP A 181 -17.65 3.64 41.37
C ASP A 181 -16.11 3.65 41.30
N THR A 182 -15.49 2.55 41.71
CA THR A 182 -14.04 2.38 41.68
C THR A 182 -13.47 2.62 40.28
N ARG A 183 -13.88 1.81 39.31
CA ARG A 183 -13.39 1.93 37.90
C ARG A 183 -13.73 3.28 37.24
N VAL A 184 -14.91 3.81 37.56
CA VAL A 184 -15.38 5.11 37.05
C VAL A 184 -14.58 6.34 37.58
N ASP A 185 -14.06 6.27 38.81
CA ASP A 185 -13.29 7.39 39.38
C ASP A 185 -11.82 7.39 38.92
N ALA A 186 -11.26 6.22 38.64
CA ALA A 186 -9.92 6.16 38.06
C ALA A 186 -9.93 6.63 36.61
N VAL A 187 -10.96 6.25 35.87
CA VAL A 187 -11.19 6.78 34.51
C VAL A 187 -11.30 8.31 34.54
N ARG A 188 -12.04 8.81 35.54
CA ARG A 188 -12.26 10.24 35.76
C ARG A 188 -10.93 10.96 36.03
N GLY A 189 -10.21 10.48 37.05
CA GLY A 189 -8.82 10.87 37.28
C GLY A 189 -7.98 10.85 36.00
N TRP A 190 -7.95 9.70 35.32
CA TRP A 190 -7.08 9.52 34.13
C TRP A 190 -7.37 10.46 32.96
N LEU A 191 -8.57 11.00 32.86
CA LEU A 191 -8.85 12.05 31.91
C LEU A 191 -8.31 13.38 32.41
N ALA A 192 -8.56 13.67 33.69
CA ALA A 192 -8.21 14.95 34.33
C ALA A 192 -6.70 15.27 34.36
N THR A 193 -5.87 14.23 34.39
CA THR A 193 -4.43 14.43 34.50
C THR A 193 -3.87 15.24 33.30
N ASP A 194 -2.97 16.17 33.64
CA ASP A 194 -2.61 17.30 32.78
C ASP A 194 -1.12 17.33 32.48
N GLY A 195 -0.73 18.16 31.52
CA GLY A 195 0.66 18.24 31.06
C GLY A 195 0.98 17.08 30.14
N ALA A 196 2.27 16.88 29.85
CA ALA A 196 2.70 15.83 28.91
C ALA A 196 2.48 14.40 29.43
N GLN A 197 1.96 14.29 30.66
CA GLN A 197 1.34 13.06 31.17
C GLN A 197 -0.19 13.04 30.97
N ARG A 198 -0.68 13.85 30.02
CA ARG A 198 -2.08 13.81 29.58
C ARG A 198 -2.32 12.48 28.85
N ASN A 199 -3.51 11.92 29.08
CA ASN A 199 -3.93 10.70 28.42
C ASN A 199 -4.78 11.08 27.20
N ARG A 200 -4.27 10.69 26.03
CA ARG A 200 -4.98 10.79 24.75
C ARG A 200 -6.05 9.70 24.59
N LEU A 201 -5.82 8.53 25.18
CA LEU A 201 -6.78 7.42 25.14
C LEU A 201 -7.04 6.94 26.55
N VAL A 202 -8.31 6.93 26.95
CA VAL A 202 -8.76 6.27 28.16
C VAL A 202 -9.75 5.19 27.75
N THR A 203 -9.53 3.93 28.17
CA THR A 203 -10.48 2.81 27.90
C THR A 203 -11.13 2.22 29.15
N LEU A 204 -12.39 1.80 28.97
CA LEU A 204 -13.15 1.28 30.06
C LEU A 204 -14.00 0.13 29.55
N TYR A 205 -14.27 -0.79 30.47
CA TYR A 205 -14.97 -2.00 30.15
C TYR A 205 -15.97 -2.33 31.27
N PHE A 206 -17.18 -2.78 30.89
CA PHE A 206 -18.24 -3.25 31.80
C PHE A 206 -18.68 -4.67 31.41
N GLU A 207 -18.57 -5.61 32.35
CA GLU A 207 -18.89 -7.04 32.14
C GLU A 207 -20.28 -7.48 32.62
N HIS A 208 -21.01 -6.56 33.23
CA HIS A 208 -22.23 -6.88 34.03
C HIS A 208 -23.49 -7.22 33.20
N VAL A 209 -23.57 -6.69 31.97
CA VAL A 209 -24.72 -6.95 31.12
C VAL A 209 -24.54 -8.33 30.54
N ASP A 210 -23.37 -8.61 29.97
CA ASP A 210 -23.08 -9.92 29.43
C ASP A 210 -23.33 -11.00 30.47
N GLU A 211 -22.89 -10.74 31.71
CA GLU A 211 -23.06 -11.70 32.79
C GLU A 211 -24.55 -11.87 33.19
N ALA A 212 -25.30 -10.77 33.23
CA ALA A 212 -26.74 -10.84 33.42
C ALA A 212 -27.48 -11.59 32.30
N GLY A 213 -27.02 -11.39 31.06
CA GLY A 213 -27.55 -12.10 29.90
C GLY A 213 -27.19 -13.56 29.78
N HIS A 214 -26.11 -14.02 30.41
CA HIS A 214 -25.85 -15.47 30.52
C HIS A 214 -26.80 -16.16 31.50
N ASP A 215 -27.02 -15.59 32.67
CA ASP A 215 -27.69 -16.34 33.76
C ASP A 215 -29.22 -16.34 33.65
N HIS A 216 -29.76 -15.38 32.90
CA HIS A 216 -31.21 -15.19 32.78
C HIS A 216 -31.70 -14.83 31.35
N GLY A 217 -30.80 -14.58 30.40
CA GLY A 217 -31.18 -14.23 29.03
C GLY A 217 -31.45 -12.75 28.82
N PRO A 218 -31.53 -12.33 27.54
CA PRO A 218 -31.60 -10.92 27.17
C PRO A 218 -32.93 -10.19 27.36
N GLU A 219 -34.02 -10.97 27.54
CA GLU A 219 -35.34 -10.41 27.84
C GLU A 219 -35.67 -10.49 29.35
N SER A 220 -34.70 -10.90 30.16
CA SER A 220 -34.90 -11.06 31.58
C SER A 220 -34.99 -9.71 32.31
N ARG A 221 -35.62 -9.73 33.48
CA ARG A 221 -35.61 -8.57 34.40
C ARG A 221 -34.17 -8.22 34.83
N GLN A 222 -33.30 -9.22 34.89
CA GLN A 222 -31.94 -9.02 35.37
C GLN A 222 -31.15 -8.22 34.34
N TYR A 223 -31.17 -8.69 33.10
CA TYR A 223 -30.54 -8.03 31.94
C TYR A 223 -30.87 -6.53 31.88
N ALA A 224 -32.17 -6.21 31.81
CA ALA A 224 -32.64 -4.82 31.81
C ALA A 224 -32.14 -4.03 33.03
N ASP A 225 -32.20 -4.64 34.20
CA ASP A 225 -31.66 -4.04 35.43
C ASP A 225 -30.13 -3.78 35.33
N ALA A 226 -29.36 -4.78 34.86
CA ALA A 226 -27.92 -4.61 34.58
C ALA A 226 -27.62 -3.51 33.55
N VAL A 227 -28.42 -3.47 32.48
CA VAL A 227 -28.34 -2.37 31.51
C VAL A 227 -28.56 -1.00 32.19
N ARG A 228 -29.58 -0.87 33.07
CA ARG A 228 -29.77 0.39 33.84
C ARG A 228 -28.58 0.69 34.78
N ALA A 229 -28.06 -0.35 35.45
CA ALA A 229 -26.93 -0.18 36.40
C ALA A 229 -25.67 0.35 35.73
N VAL A 230 -25.38 -0.12 34.53
CA VAL A 230 -24.22 0.33 33.76
C VAL A 230 -24.47 1.70 33.16
N ASP A 231 -25.69 1.91 32.66
CA ASP A 231 -26.14 3.20 32.12
C ASP A 231 -26.07 4.27 33.20
N ALA A 232 -26.59 3.93 34.39
CA ALA A 232 -26.44 4.76 35.61
C ALA A 232 -24.99 5.12 35.89
N ALA A 233 -24.08 4.15 35.82
CA ALA A 233 -22.66 4.38 36.09
C ALA A 233 -22.00 5.23 35.03
N ILE A 234 -22.48 5.11 33.79
CA ILE A 234 -22.03 6.00 32.72
C ILE A 234 -22.51 7.42 33.01
N GLY A 235 -23.71 7.58 33.57
CA GLY A 235 -24.21 8.90 34.04
C GLY A 235 -23.26 9.62 35.00
N ARG A 236 -22.89 8.93 36.07
CA ARG A 236 -22.00 9.49 37.09
C ARG A 236 -20.62 9.84 36.50
N LEU A 237 -20.14 9.03 35.56
CA LEU A 237 -18.90 9.28 34.86
C LEU A 237 -19.02 10.59 34.11
N LEU A 238 -20.00 10.66 33.21
CA LEU A 238 -20.19 11.85 32.38
C LEU A 238 -20.36 13.10 33.26
N ALA A 239 -21.11 12.94 34.36
CA ALA A 239 -21.39 14.04 35.28
C ALA A 239 -20.11 14.51 35.95
N GLY A 240 -19.29 13.56 36.39
CA GLY A 240 -18.04 13.87 37.07
C GLY A 240 -16.98 14.47 36.17
N MET A 241 -16.99 14.05 34.91
CA MET A 241 -16.18 14.65 33.85
C MET A 241 -16.52 16.15 33.69
N GLN A 242 -17.80 16.48 33.79
CA GLN A 242 -18.32 17.87 33.64
C GLN A 242 -17.80 18.77 34.76
N ARG A 243 -17.93 18.29 35.99
CA ARG A 243 -17.43 18.98 37.18
C ARG A 243 -15.91 19.10 37.18
N ASP A 244 -15.25 18.09 36.65
CA ASP A 244 -13.81 18.14 36.43
C ASP A 244 -13.37 19.01 35.23
N GLY A 245 -14.31 19.56 34.46
CA GLY A 245 -14.00 20.21 33.18
C GLY A 245 -13.29 19.39 32.11
N THR A 246 -13.41 18.05 32.13
CA THR A 246 -12.92 17.17 31.05
C THR A 246 -14.00 16.79 29.98
N ARG A 247 -15.29 16.98 30.27
CA ARG A 247 -16.34 16.55 29.34
C ARG A 247 -16.16 17.15 27.94
N ALA A 248 -16.12 18.48 27.85
CA ALA A 248 -16.02 19.16 26.54
C ALA A 248 -14.70 18.83 25.84
N ARG A 249 -13.64 18.58 26.60
CA ARG A 249 -12.33 18.24 26.04
C ARG A 249 -12.24 16.82 25.46
N THR A 250 -13.22 15.95 25.74
CA THR A 250 -13.11 14.50 25.49
C THR A 250 -14.16 13.90 24.54
N ASN A 251 -13.67 13.20 23.52
CA ASN A 251 -14.47 12.43 22.57
C ASN A 251 -14.84 11.06 23.12
N ILE A 252 -16.10 10.66 22.99
CA ILE A 252 -16.60 9.39 23.56
C ILE A 252 -17.09 8.42 22.47
N ILE A 253 -16.64 7.16 22.50
CA ILE A 253 -17.16 6.08 21.67
C ILE A 253 -17.65 4.95 22.60
N VAL A 254 -18.91 4.58 22.47
CA VAL A 254 -19.47 3.49 23.25
C VAL A 254 -19.81 2.36 22.30
N VAL A 255 -19.19 1.21 22.51
CA VAL A 255 -19.44 -0.01 21.70
C VAL A 255 -19.83 -1.20 22.58
N SER A 256 -20.41 -2.23 21.96
CA SER A 256 -20.44 -3.57 22.57
C SER A 256 -19.74 -4.51 21.61
N ASP A 257 -19.27 -5.63 22.16
CA ASP A 257 -18.59 -6.67 21.36
C ASP A 257 -19.52 -7.63 20.66
N HIS A 258 -20.76 -7.74 21.13
CA HIS A 258 -21.79 -8.57 20.48
C HIS A 258 -23.13 -8.33 21.12
N GLY A 259 -24.17 -8.94 20.57
CA GLY A 259 -25.50 -8.90 21.18
C GLY A 259 -25.81 -10.00 22.18
N MET A 260 -27.06 -10.48 22.18
CA MET A 260 -27.42 -11.59 23.08
C MET A 260 -28.65 -12.36 22.58
N ALA A 261 -28.63 -13.68 22.74
CA ALA A 261 -29.75 -14.56 22.33
C ALA A 261 -30.33 -15.40 23.48
N GLU A 262 -31.65 -15.57 23.48
CA GLU A 262 -32.34 -16.35 24.52
C GLU A 262 -32.01 -17.84 24.36
N VAL A 263 -31.73 -18.51 25.47
CA VAL A 263 -31.43 -19.95 25.54
C VAL A 263 -32.50 -20.49 26.46
N ALA A 264 -33.46 -21.23 25.90
CA ALA A 264 -34.62 -21.72 26.67
C ALA A 264 -34.18 -22.85 27.59
N PRO A 265 -34.91 -23.10 28.68
CA PRO A 265 -34.38 -24.10 29.61
C PRO A 265 -34.20 -25.47 28.92
N GLY A 266 -33.19 -26.23 29.33
CA GLY A 266 -32.89 -27.53 28.73
C GLY A 266 -32.27 -27.56 27.32
N HIS A 267 -31.83 -26.42 26.80
CA HIS A 267 -31.18 -26.33 25.46
C HIS A 267 -29.65 -26.46 25.49
N ALA A 268 -29.11 -27.20 26.45
CA ALA A 268 -27.69 -27.51 26.51
C ALA A 268 -27.53 -28.98 26.22
N ILE A 269 -26.76 -29.28 25.19
CA ILE A 269 -26.31 -30.64 24.87
C ILE A 269 -24.82 -30.78 25.25
N SER A 270 -24.27 -31.95 25.04
CA SER A 270 -22.87 -32.17 25.32
C SER A 270 -22.12 -32.09 24.04
N VAL A 271 -20.94 -31.46 24.07
CA VAL A 271 -20.05 -31.52 22.92
C VAL A 271 -19.76 -32.94 22.46
N GLU A 272 -19.98 -33.90 23.35
CA GLU A 272 -19.79 -35.31 23.05
C GLU A 272 -20.95 -35.89 22.26
N ASP A 273 -22.14 -35.29 22.39
CA ASP A 273 -23.25 -35.56 21.47
C ASP A 273 -22.95 -35.14 20.02
N ILE A 274 -21.86 -34.40 19.80
CA ILE A 274 -21.39 -34.04 18.46
C ILE A 274 -20.29 -34.97 17.99
N ALA A 275 -19.29 -35.24 18.82
CA ALA A 275 -18.16 -36.07 18.43
C ALA A 275 -17.61 -36.83 19.62
N PRO A 276 -17.65 -38.18 19.58
CA PRO A 276 -17.07 -39.02 20.64
C PRO A 276 -15.54 -38.94 20.85
N PRO A 277 -15.09 -38.98 22.11
CA PRO A 277 -13.71 -38.65 22.48
C PRO A 277 -12.64 -39.38 21.66
N GLN A 278 -12.81 -40.69 21.51
CA GLN A 278 -11.84 -41.53 20.74
C GLN A 278 -11.69 -41.13 19.26
N ILE A 279 -12.70 -40.43 18.73
CA ILE A 279 -12.63 -39.78 17.41
C ILE A 279 -11.82 -38.47 17.52
N ALA A 280 -12.42 -37.45 18.17
CA ALA A 280 -11.87 -36.10 18.14
C ALA A 280 -12.15 -35.33 19.43
N THR A 281 -11.19 -34.47 19.81
CA THR A 281 -11.26 -33.69 21.05
C THR A 281 -11.99 -32.36 20.86
N ALA A 282 -12.90 -32.02 21.76
CA ALA A 282 -13.48 -30.68 21.80
C ALA A 282 -12.45 -29.69 22.35
N ILE A 283 -12.01 -28.75 21.52
CA ILE A 283 -11.03 -27.74 21.91
C ILE A 283 -11.68 -26.59 22.71
N THR A 284 -12.96 -26.34 22.45
CA THR A 284 -13.70 -25.29 23.13
C THR A 284 -15.12 -25.78 23.18
N ASP A 285 -15.91 -25.21 24.07
CA ASP A 285 -17.33 -25.52 24.15
C ASP A 285 -18.06 -24.17 24.18
N GLY A 286 -19.35 -24.19 24.46
CA GLY A 286 -20.17 -22.99 24.43
C GLY A 286 -21.02 -22.94 23.16
N GLN A 287 -20.57 -22.18 22.15
CA GLN A 287 -21.32 -22.10 20.87
C GLN A 287 -20.48 -22.24 19.62
N VAL A 288 -19.21 -21.89 19.67
CA VAL A 288 -18.29 -22.20 18.60
C VAL A 288 -17.38 -23.30 19.15
N ILE A 289 -17.58 -24.50 18.61
CA ILE A 289 -17.09 -25.73 19.21
C ILE A 289 -16.08 -26.29 18.22
N GLY A 290 -14.79 -26.14 18.56
CA GLY A 290 -13.68 -26.59 17.73
C GLY A 290 -13.39 -28.05 18.07
N PHE A 291 -13.02 -28.83 17.04
CA PHE A 291 -12.64 -30.23 17.17
C PHE A 291 -11.33 -30.50 16.45
N GLU A 292 -10.49 -31.29 17.10
CA GLU A 292 -9.26 -31.80 16.53
C GLU A 292 -9.34 -33.35 16.51
N PRO A 293 -9.31 -33.98 15.29
CA PRO A 293 -9.12 -35.41 15.10
C PRO A 293 -7.97 -36.05 15.87
N LEU A 294 -8.24 -37.20 16.51
CA LEU A 294 -7.18 -37.99 17.15
C LEU A 294 -6.25 -38.54 16.04
N PRO A 295 -4.91 -38.61 16.28
CA PRO A 295 -3.91 -38.81 15.21
C PRO A 295 -4.26 -39.69 13.99
N GLY A 296 -5.01 -40.77 14.22
CA GLY A 296 -5.48 -41.69 13.16
C GLY A 296 -6.98 -41.80 12.94
N GLN A 297 -7.74 -40.79 13.35
CA GLN A 297 -9.17 -40.74 13.04
C GLN A 297 -9.52 -39.65 12.00
N GLN A 298 -8.49 -39.07 11.35
CA GLN A 298 -8.65 -37.88 10.48
C GLN A 298 -9.86 -37.94 9.54
N ALA A 299 -10.00 -39.08 8.86
CA ALA A 299 -11.13 -39.36 8.00
C ALA A 299 -12.34 -39.70 8.86
N ALA A 300 -12.16 -40.66 9.76
CA ALA A 300 -13.24 -41.12 10.66
C ALA A 300 -14.06 -39.96 11.18
N ALA A 301 -13.37 -38.96 11.71
CA ALA A 301 -13.99 -37.73 12.24
C ALA A 301 -14.90 -36.97 11.28
N GLU A 302 -14.58 -36.98 9.99
CA GLU A 302 -15.33 -36.20 9.01
C GLU A 302 -16.76 -36.70 8.87
N ALA A 303 -16.92 -37.99 8.64
CA ALA A 303 -18.24 -38.61 8.77
C ALA A 303 -18.62 -38.55 10.26
N SER A 304 -19.91 -38.35 10.54
CA SER A 304 -20.50 -38.08 11.88
C SER A 304 -20.66 -36.57 12.16
N VAL A 305 -19.58 -35.81 11.99
CA VAL A 305 -19.56 -34.37 12.37
C VAL A 305 -20.00 -33.39 11.25
N LEU A 306 -19.35 -33.45 10.08
CA LEU A 306 -19.61 -32.49 8.98
C LEU A 306 -21.07 -32.37 8.56
N GLY A 307 -21.42 -31.23 7.96
CA GLY A 307 -22.78 -30.99 7.53
C GLY A 307 -23.70 -30.61 8.67
N ALA A 308 -25.01 -30.82 8.48
CA ALA A 308 -26.02 -30.27 9.40
C ALA A 308 -26.63 -31.27 10.38
N HIS A 309 -27.14 -30.76 11.51
CA HIS A 309 -27.82 -31.57 12.50
C HIS A 309 -28.94 -30.72 13.07
N ASP A 310 -29.74 -31.27 13.99
CA ASP A 310 -30.89 -30.50 14.48
C ASP A 310 -30.51 -29.09 14.99
N HIS A 311 -29.54 -29.01 15.92
CA HIS A 311 -29.25 -27.72 16.57
C HIS A 311 -27.85 -27.20 16.33
N TYR A 312 -27.18 -27.77 15.31
CA TYR A 312 -25.89 -27.22 14.93
C TYR A 312 -25.45 -27.67 13.54
N ASP A 313 -24.45 -26.97 13.03
CA ASP A 313 -23.79 -27.29 11.78
C ASP A 313 -22.29 -27.26 12.02
N CYS A 314 -21.55 -28.05 11.22
CA CYS A 314 -20.09 -28.14 11.33
C CYS A 314 -19.47 -28.14 9.97
N TRP A 315 -18.32 -27.45 9.85
CA TRP A 315 -17.56 -27.34 8.60
C TRP A 315 -16.12 -27.57 8.90
N ARG A 316 -15.38 -28.09 7.93
CA ARG A 316 -13.91 -28.00 7.91
C ARG A 316 -13.53 -26.51 7.98
N LYS A 317 -12.44 -26.18 8.66
CA LYS A 317 -12.16 -24.79 8.93
C LYS A 317 -11.95 -24.01 7.62
N ALA A 318 -11.31 -24.63 6.62
CA ALA A 318 -11.05 -23.96 5.33
C ALA A 318 -12.32 -23.84 4.45
N GLU A 319 -13.41 -24.49 4.85
CA GLU A 319 -14.70 -24.40 4.16
C GLU A 319 -15.79 -23.74 5.01
N LEU A 320 -15.45 -23.03 6.09
CA LEU A 320 -16.48 -22.29 6.82
C LEU A 320 -17.16 -21.26 5.91
N PRO A 321 -18.43 -20.92 6.19
CA PRO A 321 -19.11 -19.93 5.35
C PRO A 321 -18.21 -18.71 5.06
N ALA A 322 -18.03 -18.43 3.77
CA ALA A 322 -17.14 -17.39 3.28
C ALA A 322 -17.47 -16.03 3.86
N ARG A 323 -18.77 -15.79 4.05
CA ARG A 323 -19.28 -14.57 4.71
C ARG A 323 -18.77 -14.32 6.16
N TRP A 324 -18.39 -15.37 6.89
CA TRP A 324 -17.75 -15.23 8.21
C TRP A 324 -16.28 -14.81 8.24
N GLN A 325 -15.58 -14.88 7.11
CA GLN A 325 -14.14 -14.47 7.03
C GLN A 325 -13.18 -15.08 8.11
N TYR A 326 -13.34 -16.38 8.28
CA TYR A 326 -12.73 -17.14 9.38
C TYR A 326 -12.46 -18.55 8.84
N GLY A 327 -11.31 -19.12 9.16
CA GLY A 327 -10.95 -20.44 8.69
C GLY A 327 -9.49 -20.70 8.36
N SER A 328 -8.75 -19.62 8.07
CA SER A 328 -7.38 -19.73 7.64
C SER A 328 -6.34 -19.61 8.76
N HIS A 329 -6.61 -18.91 9.88
CA HIS A 329 -5.56 -18.80 10.92
C HIS A 329 -5.24 -20.19 11.48
N PRO A 330 -3.94 -20.54 11.62
CA PRO A 330 -3.53 -21.89 12.06
C PRO A 330 -4.17 -22.41 13.34
N ARG A 331 -4.31 -21.51 14.31
CA ARG A 331 -4.85 -21.80 15.65
C ARG A 331 -6.29 -22.31 15.68
N ILE A 332 -7.07 -21.99 14.64
CA ILE A 332 -8.45 -22.45 14.54
C ILE A 332 -8.40 -23.99 14.47
N PRO A 333 -9.07 -24.70 15.41
CA PRO A 333 -9.09 -26.17 15.30
C PRO A 333 -9.64 -26.66 13.94
N SER A 334 -9.48 -27.93 13.61
CA SER A 334 -9.65 -28.38 12.22
C SER A 334 -11.08 -28.51 11.74
N LEU A 335 -12.01 -28.78 12.65
CA LEU A 335 -13.42 -28.78 12.34
C LEU A 335 -13.98 -27.72 13.26
N VAL A 336 -15.01 -27.01 12.79
CA VAL A 336 -15.64 -25.97 13.60
C VAL A 336 -17.13 -26.19 13.48
N CYS A 337 -17.76 -26.38 14.62
CA CYS A 337 -19.19 -26.45 14.70
C CYS A 337 -19.74 -25.15 15.24
N GLN A 338 -20.75 -24.63 14.58
CA GLN A 338 -21.52 -23.50 15.06
C GLN A 338 -22.85 -24.03 15.58
N MET A 339 -23.06 -23.87 16.87
CA MET A 339 -24.37 -24.11 17.46
C MET A 339 -25.40 -23.13 16.88
N HIS A 340 -26.62 -23.62 16.66
CA HIS A 340 -27.73 -22.76 16.27
C HIS A 340 -28.12 -21.85 17.43
N GLU A 341 -28.75 -20.74 17.06
CA GLU A 341 -29.18 -19.71 17.98
C GLU A 341 -30.08 -20.33 19.06
N GLY A 342 -29.78 -20.01 20.32
CA GLY A 342 -30.54 -20.50 21.47
C GLY A 342 -30.16 -21.87 22.00
N TRP A 343 -29.10 -22.48 21.44
CA TRP A 343 -28.58 -23.75 21.92
C TRP A 343 -27.12 -23.62 22.27
N ASP A 344 -26.71 -24.32 23.33
CA ASP A 344 -25.28 -24.44 23.73
C ASP A 344 -24.84 -25.91 23.65
N ALA A 345 -23.56 -26.14 23.38
CA ALA A 345 -22.91 -27.43 23.58
C ALA A 345 -21.81 -27.25 24.64
N LEU A 346 -21.86 -28.07 25.69
CA LEU A 346 -20.98 -27.91 26.87
C LEU A 346 -20.16 -29.17 27.18
N PHE A 347 -18.98 -29.01 27.79
CA PHE A 347 -18.15 -30.14 28.22
C PHE A 347 -18.94 -31.05 29.14
N PRO A 348 -18.75 -32.37 29.05
CA PRO A 348 -19.68 -33.23 29.81
C PRO A 348 -19.76 -32.87 31.30
N ASP A 349 -18.60 -32.63 31.93
CA ASP A 349 -18.60 -32.20 33.34
C ASP A 349 -19.26 -30.83 33.55
N LYS A 350 -19.18 -29.95 32.55
CA LYS A 350 -19.96 -28.71 32.60
C LYS A 350 -21.47 -28.96 32.38
N LEU A 351 -21.83 -30.07 31.73
CA LEU A 351 -23.25 -30.37 31.46
C LEU A 351 -24.05 -30.68 32.72
N ALA A 352 -23.46 -31.45 33.61
CA ALA A 352 -24.14 -31.90 34.84
C ALA A 352 -24.35 -30.79 35.89
N LYS A 353 -23.53 -29.73 35.89
CA LYS A 353 -23.67 -28.60 36.86
C LYS A 353 -24.62 -27.51 36.35
N ARG A 354 -24.92 -27.53 35.04
CA ARG A 354 -25.80 -26.56 34.38
C ARG A 354 -27.13 -26.33 35.12
N ALA A 355 -27.55 -25.05 35.21
CA ALA A 355 -28.76 -24.65 35.94
C ALA A 355 -30.01 -25.37 35.42
N GLN A 356 -30.46 -26.38 36.17
CA GLN A 356 -31.60 -27.21 35.79
C GLN A 356 -32.90 -26.42 36.00
N ARG A 357 -33.58 -26.11 34.89
CA ARG A 357 -34.63 -25.08 34.81
C ARG A 357 -33.97 -23.78 34.28
N GLY A 358 -34.56 -22.61 34.56
CA GLY A 358 -33.93 -21.32 34.27
C GLY A 358 -33.74 -21.02 32.79
N THR A 359 -34.46 -20.01 32.29
CA THR A 359 -34.18 -19.40 30.98
C THR A 359 -32.80 -18.73 31.08
N ARG A 360 -31.91 -18.99 30.12
CA ARG A 360 -30.57 -18.40 30.10
C ARG A 360 -30.30 -17.61 28.83
N GLY A 361 -29.03 -17.24 28.60
CA GLY A 361 -28.62 -16.69 27.31
C GLY A 361 -27.20 -16.98 26.90
N SER A 362 -26.97 -16.87 25.59
CA SER A 362 -25.64 -16.89 25.02
C SER A 362 -25.52 -15.90 23.86
N HIS A 363 -24.27 -15.77 23.42
CA HIS A 363 -23.92 -15.18 22.13
C HIS A 363 -22.93 -16.18 21.50
N GLY A 364 -22.06 -15.74 20.60
CA GLY A 364 -21.17 -16.64 19.87
C GLY A 364 -21.83 -17.26 18.66
N TYR A 365 -23.04 -16.80 18.35
CA TYR A 365 -23.81 -17.32 17.23
C TYR A 365 -23.40 -16.61 15.94
N ASP A 366 -24.04 -17.00 14.84
CA ASP A 366 -23.86 -16.38 13.50
C ASP A 366 -23.90 -14.82 13.68
N PRO A 367 -22.78 -14.14 13.39
CA PRO A 367 -22.66 -12.71 13.68
C PRO A 367 -23.44 -11.81 12.75
N ALA A 368 -24.18 -12.41 11.80
CA ALA A 368 -25.14 -11.74 10.95
C ALA A 368 -26.52 -11.75 11.56
N LEU A 369 -26.72 -12.56 12.59
CA LEU A 369 -28.01 -12.67 13.18
C LEU A 369 -28.30 -11.34 13.87
N PRO A 370 -29.59 -10.92 13.85
CA PRO A 370 -29.92 -9.68 14.49
C PRO A 370 -29.75 -9.70 15.99
N SER A 371 -29.95 -10.85 16.62
CA SER A 371 -29.67 -11.00 18.06
C SER A 371 -28.19 -10.72 18.41
N MET A 372 -27.27 -10.98 17.46
CA MET A 372 -25.81 -10.74 17.65
C MET A 372 -25.31 -9.32 17.37
N ARG A 373 -26.22 -8.44 16.96
CA ARG A 373 -25.83 -7.07 16.65
C ARG A 373 -25.41 -6.33 17.93
N ALA A 374 -24.32 -5.59 17.77
CA ALA A 374 -23.73 -4.78 18.81
C ALA A 374 -24.13 -3.31 18.64
N VAL A 375 -23.80 -2.55 19.67
CA VAL A 375 -23.96 -1.09 19.69
C VAL A 375 -22.70 -0.37 19.22
N PHE A 376 -22.94 0.80 18.63
CA PHE A 376 -21.92 1.80 18.35
C PHE A 376 -22.57 3.16 18.44
N LEU A 377 -22.19 3.92 19.45
CA LEU A 377 -22.50 5.34 19.51
C LEU A 377 -21.24 6.15 19.83
N ALA A 378 -21.34 7.45 19.55
CA ALA A 378 -20.17 8.32 19.63
C ALA A 378 -20.57 9.77 19.75
N GLN A 379 -19.83 10.52 20.57
CA GLN A 379 -20.12 11.92 20.86
C GLN A 379 -18.85 12.63 21.38
N GLY A 380 -18.67 13.85 20.93
CA GLY A 380 -17.54 14.67 21.34
C GLY A 380 -17.46 15.99 20.60
N PRO A 381 -16.46 16.81 20.92
CA PRO A 381 -16.13 17.99 20.11
C PRO A 381 -15.77 17.69 18.64
N ASP A 382 -15.30 16.48 18.36
CA ASP A 382 -14.85 16.12 17.02
C ASP A 382 -15.84 15.22 16.31
N LEU A 383 -16.98 14.95 16.95
CA LEU A 383 -18.02 14.11 16.36
C LEU A 383 -19.24 14.94 16.07
N ALA A 384 -20.06 14.43 15.15
CA ALA A 384 -21.27 15.13 14.70
C ALA A 384 -22.39 15.05 15.72
N GLN A 385 -23.37 15.95 15.56
CA GLN A 385 -24.47 16.16 16.50
C GLN A 385 -25.85 15.79 15.88
N GLY A 386 -26.59 14.93 16.58
CA GLY A 386 -27.93 14.52 16.16
C GLY A 386 -27.98 13.32 15.24
N LYS A 387 -26.84 12.95 14.67
CA LYS A 387 -26.80 12.09 13.48
C LYS A 387 -27.02 10.60 13.72
N THR A 388 -27.57 9.93 12.71
CA THR A 388 -27.70 8.47 12.71
C THR A 388 -26.88 7.91 11.53
N LEU A 389 -26.17 6.80 11.76
CA LEU A 389 -25.50 6.00 10.70
C LEU A 389 -26.26 4.70 10.40
N PRO A 390 -26.03 4.12 9.19
CA PRO A 390 -26.58 2.81 8.87
C PRO A 390 -25.89 1.75 9.70
N GLY A 391 -26.30 0.48 9.53
CA GLY A 391 -25.65 -0.65 10.15
C GLY A 391 -24.31 -0.90 9.47
N PHE A 392 -23.27 -1.15 10.26
CA PHE A 392 -21.91 -1.34 9.69
C PHE A 392 -21.12 -2.42 10.41
N ASP A 393 -20.02 -2.78 9.79
CA ASP A 393 -19.12 -3.85 10.20
C ASP A 393 -18.15 -3.38 11.27
N ASN A 394 -17.96 -4.17 12.35
CA ASN A 394 -17.09 -3.67 13.44
C ASN A 394 -15.61 -3.49 13.04
N VAL A 395 -15.15 -4.05 11.95
CA VAL A 395 -13.77 -3.73 11.44
C VAL A 395 -13.49 -2.26 11.09
N ASP A 396 -14.54 -1.48 10.89
CA ASP A 396 -14.40 -0.06 10.52
C ASP A 396 -14.17 0.85 11.68
N VAL A 397 -14.35 0.39 12.93
CA VAL A 397 -14.22 1.34 14.07
C VAL A 397 -12.80 1.92 14.12
N TYR A 398 -11.81 1.07 13.88
CA TYR A 398 -10.39 1.43 14.01
C TYR A 398 -9.94 2.69 13.29
N ALA A 399 -10.27 2.79 12.00
CA ALA A 399 -9.87 3.92 11.17
C ALA A 399 -10.36 5.22 11.76
N LEU A 400 -11.59 5.22 12.27
CA LEU A 400 -12.16 6.37 13.00
C LEU A 400 -11.35 6.75 14.24
N MET A 401 -11.03 5.76 15.07
CA MET A 401 -10.30 5.96 16.30
C MET A 401 -8.89 6.44 16.02
N SER A 402 -8.26 5.90 14.98
CA SER A 402 -6.90 6.28 14.59
C SER A 402 -6.81 7.76 14.20
N ARG A 403 -7.85 8.24 13.51
CA ARG A 403 -8.04 9.66 13.22
C ARG A 403 -8.31 10.53 14.46
N LEU A 404 -9.03 10.00 15.47
CA LEU A 404 -9.30 10.80 16.68
C LEU A 404 -8.12 10.81 17.66
N LEU A 405 -7.20 9.88 17.50
CA LEU A 405 -6.05 9.71 18.38
C LEU A 405 -4.78 10.23 17.77
N GLY A 406 -4.89 10.91 16.61
CA GLY A 406 -3.75 11.39 15.84
C GLY A 406 -2.64 10.37 15.74
N ILE A 407 -2.98 9.18 15.23
CA ILE A 407 -2.00 8.12 14.97
C ILE A 407 -2.24 7.66 13.55
N PRO A 408 -1.20 7.12 12.89
CA PRO A 408 -1.42 6.50 11.59
C PRO A 408 -2.09 5.16 11.78
N ALA A 409 -3.12 4.89 10.97
CA ALA A 409 -3.78 3.60 10.96
C ALA A 409 -2.85 2.55 10.38
N ALA A 410 -2.49 1.53 11.18
CA ALA A 410 -1.74 0.38 10.66
C ALA A 410 -2.61 -0.32 9.63
N PRO A 411 -2.00 -1.22 8.81
CA PRO A 411 -2.86 -1.88 7.80
C PRO A 411 -3.90 -2.78 8.51
N ASN A 412 -5.15 -2.60 8.13
CA ASN A 412 -6.28 -3.23 8.78
C ASN A 412 -7.33 -3.69 7.75
N ASP A 413 -8.29 -4.50 8.19
CA ASP A 413 -9.32 -5.06 7.29
C ASP A 413 -10.52 -4.15 7.09
N GLY A 414 -10.57 -3.02 7.78
CA GLY A 414 -11.71 -2.12 7.66
C GLY A 414 -11.58 -1.06 6.57
N ASN A 415 -12.70 -0.35 6.34
CA ASN A 415 -12.78 0.74 5.38
C ASN A 415 -12.95 2.10 6.06
N PRO A 416 -11.96 3.02 5.90
CA PRO A 416 -12.06 4.39 6.47
C PRO A 416 -13.30 5.21 6.08
N ALA A 417 -13.87 4.98 4.90
CA ALA A 417 -15.01 5.78 4.42
C ALA A 417 -16.30 5.62 5.22
N THR A 418 -16.55 4.41 5.73
CA THR A 418 -17.79 4.09 6.45
C THR A 418 -18.16 5.09 7.57
N LEU A 419 -17.18 5.41 8.44
CA LEU A 419 -17.40 6.29 9.61
C LEU A 419 -16.93 7.77 9.47
N LEU A 420 -16.47 8.20 8.29
CA LEU A 420 -16.25 9.65 8.10
C LEU A 420 -17.51 10.54 8.43
N PRO A 421 -18.75 10.06 8.13
CA PRO A 421 -19.97 10.82 8.46
C PRO A 421 -20.30 11.03 9.93
N ALA A 422 -19.72 10.21 10.80
CA ALA A 422 -19.74 10.48 12.24
C ALA A 422 -19.04 11.82 12.63
N LEU A 423 -18.05 12.25 11.84
CA LEU A 423 -17.23 13.42 12.18
C LEU A 423 -18.03 14.69 12.00
N ARG A 424 -17.60 15.75 12.66
CA ARG A 424 -18.04 17.13 12.34
C ARG A 424 -17.43 17.63 11.02
N MET A 425 -16.16 17.27 10.81
CA MET A 425 -15.35 17.75 9.67
C MET A 425 -15.43 16.78 8.44
N PRO A 426 -14.64 17.06 7.35
CA PRO A 426 -14.56 16.09 6.25
C PRO A 426 -13.92 14.74 6.62
N THR B 44 15.73 31.17 -18.47
CA THR B 44 15.15 29.93 -17.83
C THR B 44 14.03 29.34 -18.73
N PRO B 45 14.36 28.37 -19.59
CA PRO B 45 13.31 27.63 -20.32
C PRO B 45 12.32 26.94 -19.36
N HIS B 46 11.21 26.43 -19.89
CA HIS B 46 10.19 25.85 -19.01
C HIS B 46 10.50 24.38 -18.68
N ALA B 47 10.36 24.05 -17.40
CA ALA B 47 10.57 22.69 -16.90
C ALA B 47 9.38 21.84 -17.35
N LEU B 48 9.58 20.53 -17.41
CA LEU B 48 8.50 19.57 -17.68
C LEU B 48 8.35 18.61 -16.52
N LEU B 49 7.15 18.58 -15.94
CA LEU B 49 6.76 17.56 -14.96
C LEU B 49 5.99 16.45 -15.67
N LEU B 50 6.60 15.23 -15.72
CA LEU B 50 6.01 14.02 -16.33
C LEU B 50 5.53 13.08 -15.22
N ILE B 51 4.27 12.67 -15.33
CA ILE B 51 3.61 11.87 -14.30
C ILE B 51 2.94 10.67 -14.96
N SER B 52 3.16 9.49 -14.39
CA SER B 52 2.48 8.30 -14.78
C SER B 52 1.61 7.87 -13.59
N ILE B 53 0.34 7.66 -13.88
CA ILE B 53 -0.56 6.94 -12.98
C ILE B 53 -0.73 5.58 -13.59
N ASP B 54 0.03 4.62 -13.06
CA ASP B 54 0.08 3.30 -13.61
C ASP B 54 -1.33 2.69 -13.59
N GLY B 55 -1.76 2.14 -14.73
CA GLY B 55 -3.03 1.46 -14.81
C GLY B 55 -4.31 2.30 -14.83
N LEU B 56 -4.20 3.61 -15.06
CA LEU B 56 -5.35 4.49 -15.17
C LEU B 56 -5.99 4.39 -16.56
N ARG B 57 -7.19 3.82 -16.57
CA ARG B 57 -7.96 3.66 -17.81
C ARG B 57 -8.52 4.96 -18.37
N ALA B 58 -8.48 5.10 -19.70
CA ALA B 58 -8.78 6.40 -20.32
C ALA B 58 -10.19 6.95 -19.95
N ASP B 59 -11.15 6.07 -19.77
CA ASP B 59 -12.50 6.48 -19.39
C ASP B 59 -12.63 6.89 -17.91
N MET B 60 -11.59 6.67 -17.12
CA MET B 60 -11.61 7.01 -15.70
C MET B 60 -11.60 8.47 -15.40
N LEU B 61 -11.34 9.36 -16.38
CA LEU B 61 -11.46 10.82 -16.16
C LEU B 61 -12.90 11.38 -16.25
N ASP B 62 -13.89 10.52 -16.48
CA ASP B 62 -15.27 10.93 -16.74
C ASP B 62 -16.27 10.22 -15.83
N ARG B 63 -15.85 9.90 -14.61
CA ARG B 63 -16.72 9.35 -13.57
C ARG B 63 -16.86 10.23 -12.34
N GLY B 64 -16.31 11.42 -12.34
CA GLY B 64 -16.35 12.29 -11.16
C GLY B 64 -15.41 11.84 -10.02
N ILE B 65 -14.36 11.10 -10.36
CA ILE B 65 -13.43 10.63 -9.32
C ILE B 65 -12.03 11.27 -9.48
N THR B 66 -11.90 12.26 -10.36
CA THR B 66 -10.61 12.90 -10.61
C THR B 66 -10.78 14.39 -10.73
N PRO B 67 -11.11 15.06 -9.62
CA PRO B 67 -11.40 16.50 -9.71
C PRO B 67 -10.16 17.33 -10.14
N ASN B 68 -9.00 16.97 -9.63
CA ASN B 68 -7.78 17.72 -9.94
C ASN B 68 -7.29 17.50 -11.36
N LEU B 69 -7.17 16.25 -11.76
CA LEU B 69 -6.85 15.92 -13.16
C LEU B 69 -7.91 16.42 -14.15
N SER B 70 -9.18 16.43 -13.75
CA SER B 70 -10.23 16.98 -14.64
C SER B 70 -10.16 18.50 -14.83
N HIS B 71 -9.73 19.21 -13.78
CA HIS B 71 -9.47 20.64 -13.87
C HIS B 71 -8.24 20.85 -14.77
N LEU B 72 -7.15 20.13 -14.51
CA LEU B 72 -5.93 20.22 -15.36
C LEU B 72 -6.18 19.97 -16.87
N ALA B 73 -7.04 18.98 -17.16
CA ALA B 73 -7.56 18.73 -18.51
C ALA B 73 -8.34 19.91 -19.16
N ARG B 74 -9.32 20.48 -18.45
CA ARG B 74 -10.13 21.57 -19.02
C ARG B 74 -9.27 22.83 -19.23
N GLU B 75 -8.34 23.09 -18.32
CA GLU B 75 -7.32 24.13 -18.46
C GLU B 75 -6.36 23.89 -19.58
N GLY B 76 -6.07 22.63 -19.89
CA GLY B 76 -5.06 22.24 -20.89
C GLY B 76 -5.55 21.43 -22.10
N VAL B 77 -4.91 20.29 -22.32
CA VAL B 77 -5.18 19.39 -23.43
C VAL B 77 -5.41 17.98 -22.97
N ARG B 78 -6.47 17.36 -23.47
CA ARG B 78 -6.78 15.98 -23.16
C ARG B 78 -6.91 15.23 -24.47
N ALA B 79 -6.24 14.07 -24.59
CA ALA B 79 -6.56 13.14 -25.66
C ALA B 79 -7.74 12.33 -25.23
N ARG B 80 -8.54 11.90 -26.20
CA ARG B 80 -9.66 11.01 -25.89
C ARG B 80 -9.18 9.74 -25.25
N TRP B 81 -8.04 9.24 -25.71
CA TRP B 81 -7.39 8.06 -25.12
C TRP B 81 -5.99 7.99 -25.71
N MET B 82 -5.15 7.11 -25.16
CA MET B 82 -3.85 6.88 -25.71
C MET B 82 -3.65 5.39 -25.74
N ALA B 83 -3.23 4.88 -26.91
CA ALA B 83 -3.06 3.48 -27.09
C ALA B 83 -1.68 3.07 -26.57
N PRO B 84 -1.67 2.04 -25.69
CA PRO B 84 -0.36 1.52 -25.24
C PRO B 84 0.29 0.72 -26.37
N SER B 85 1.57 0.42 -26.23
CA SER B 85 2.24 -0.43 -27.17
C SER B 85 2.16 -1.83 -26.62
N TYR B 86 2.49 -2.79 -27.49
CA TYR B 86 2.50 -4.18 -27.16
C TYR B 86 3.85 -4.63 -26.57
N PRO B 87 3.83 -5.39 -25.46
CA PRO B 87 2.64 -5.84 -24.72
C PRO B 87 2.25 -4.75 -23.71
N SER B 88 0.98 -4.69 -23.37
CA SER B 88 0.37 -3.63 -22.56
C SER B 88 0.66 -3.75 -21.07
N LEU B 89 1.96 -3.80 -20.75
CA LEU B 89 2.47 -3.98 -19.40
C LEU B 89 3.40 -2.81 -19.07
N ALA B 90 3.84 -2.71 -17.81
CA ALA B 90 4.39 -1.43 -17.34
C ALA B 90 5.75 -1.04 -17.88
N PHE B 91 6.71 -1.96 -17.77
CA PHE B 91 8.09 -1.64 -18.08
C PHE B 91 8.27 -1.34 -19.59
N PRO B 92 7.70 -2.21 -20.45
CA PRO B 92 7.67 -1.92 -21.89
C PRO B 92 7.10 -0.55 -22.19
N ASN B 93 5.93 -0.22 -21.62
CA ASN B 93 5.25 1.04 -21.96
C ASN B 93 5.86 2.25 -21.30
N HIS B 94 6.34 2.15 -20.07
CA HIS B 94 6.99 3.30 -19.44
C HIS B 94 8.26 3.66 -20.20
N TYR B 95 8.99 2.64 -20.63
CA TYR B 95 10.21 2.88 -21.40
C TYR B 95 9.92 3.36 -22.84
N THR B 96 8.88 2.82 -23.48
CA THR B 96 8.30 3.39 -24.70
C THR B 96 8.01 4.89 -24.59
N LEU B 97 7.30 5.28 -23.54
CA LEU B 97 6.91 6.69 -23.35
C LEU B 97 8.09 7.65 -23.39
N VAL B 98 9.23 7.27 -22.81
CA VAL B 98 10.36 8.18 -22.66
C VAL B 98 11.48 8.01 -23.72
N THR B 99 11.39 6.98 -24.57
CA THR B 99 12.26 6.77 -25.76
C THR B 99 11.61 7.03 -27.12
N GLY B 100 10.28 7.03 -27.18
CA GLY B 100 9.62 7.00 -28.49
C GLY B 100 9.72 5.70 -29.25
N LEU B 101 10.19 4.63 -28.61
CA LEU B 101 10.47 3.41 -29.34
C LEU B 101 9.45 2.34 -28.94
N ARG B 102 9.06 1.49 -29.88
CA ARG B 102 8.26 0.31 -29.52
C ARG B 102 9.11 -0.62 -28.64
N PRO B 103 8.45 -1.38 -27.75
CA PRO B 103 9.21 -2.42 -27.02
C PRO B 103 10.03 -3.35 -27.90
N ASP B 104 9.50 -3.70 -29.05
CA ASP B 104 10.22 -4.58 -29.98
C ASP B 104 11.61 -3.99 -30.34
N HIS B 105 11.78 -2.67 -30.26
CA HIS B 105 13.05 -2.03 -30.61
C HIS B 105 13.87 -1.68 -29.42
N HIS B 106 13.27 -1.15 -28.35
CA HIS B 106 14.09 -0.80 -27.19
C HIS B 106 14.61 -1.99 -26.34
N GLY B 107 14.02 -3.19 -26.51
CA GLY B 107 14.49 -4.41 -25.81
C GLY B 107 13.76 -4.85 -24.57
N ILE B 108 13.01 -3.94 -23.95
CA ILE B 108 12.26 -4.24 -22.76
C ILE B 108 10.93 -4.82 -23.23
N VAL B 109 11.01 -6.08 -23.61
CA VAL B 109 9.94 -6.72 -24.38
C VAL B 109 8.80 -7.26 -23.50
N HIS B 110 9.03 -7.33 -22.18
CA HIS B 110 8.06 -7.84 -21.18
C HIS B 110 8.57 -7.27 -19.84
N ASN B 111 7.77 -7.37 -18.77
CA ASN B 111 8.25 -7.15 -17.39
C ASN B 111 9.27 -8.23 -16.96
N SER B 112 9.15 -9.45 -17.51
CA SER B 112 9.99 -10.62 -17.15
C SER B 112 10.56 -11.14 -18.38
N MET B 113 11.87 -11.29 -18.39
CA MET B 113 12.54 -11.70 -19.65
C MET B 113 13.71 -12.58 -19.34
N ARG B 114 14.18 -13.29 -20.35
CA ARG B 114 15.47 -13.95 -20.27
C ARG B 114 16.30 -13.49 -21.43
N ASP B 115 17.61 -13.50 -21.22
CA ASP B 115 18.56 -13.18 -22.29
C ASP B 115 19.80 -14.08 -22.11
N PRO B 116 20.31 -14.70 -23.20
CA PRO B 116 21.48 -15.63 -23.09
C PRO B 116 22.78 -15.04 -22.57
N THR B 117 22.95 -13.73 -22.76
CA THR B 117 24.06 -12.95 -22.27
C THR B 117 23.77 -12.31 -20.89
N LEU B 118 22.62 -11.65 -20.74
CA LEU B 118 22.32 -10.85 -19.56
C LEU B 118 21.60 -11.62 -18.45
N GLY B 119 21.04 -12.77 -18.77
CA GLY B 119 20.49 -13.64 -17.77
C GLY B 119 19.02 -13.30 -17.62
N GLY B 120 18.54 -13.36 -16.38
CA GLY B 120 17.14 -13.05 -16.03
C GLY B 120 16.83 -11.59 -15.81
N PHE B 121 15.60 -11.16 -16.10
CA PHE B 121 15.12 -9.83 -15.75
C PHE B 121 13.71 -9.96 -15.21
N TRP B 122 13.48 -9.44 -14.01
CA TRP B 122 12.11 -9.19 -13.55
C TRP B 122 12.12 -7.98 -12.64
N LEU B 123 10.93 -7.48 -12.32
CA LEU B 123 10.80 -6.12 -11.79
C LEU B 123 11.54 -5.92 -10.49
N SER B 124 11.47 -6.89 -9.62
CA SER B 124 12.17 -6.83 -8.35
C SER B 124 13.61 -7.31 -8.43
N LYS B 125 14.12 -7.65 -9.62
CA LYS B 125 15.56 -8.06 -9.72
C LYS B 125 16.45 -6.84 -9.95
N SER B 126 16.80 -6.15 -8.86
CA SER B 126 17.35 -4.79 -8.95
C SER B 126 18.69 -4.69 -9.66
N GLU B 127 19.52 -5.73 -9.58
CA GLU B 127 20.78 -5.67 -10.31
C GLU B 127 20.61 -5.90 -11.84
N ALA B 128 19.44 -6.38 -12.30
CA ALA B 128 19.13 -6.46 -13.77
C ALA B 128 18.49 -5.18 -14.28
N VAL B 129 17.45 -4.74 -13.60
CA VAL B 129 16.80 -3.44 -13.82
C VAL B 129 17.85 -2.31 -13.86
N GLY B 130 18.79 -2.31 -12.91
CA GLY B 130 19.90 -1.33 -12.93
C GLY B 130 21.04 -1.54 -13.93
N ASP B 131 20.99 -2.61 -14.72
CA ASP B 131 22.03 -2.90 -15.73
C ASP B 131 21.64 -2.30 -17.12
N ALA B 132 22.38 -1.26 -17.54
CA ALA B 132 22.11 -0.49 -18.79
C ALA B 132 21.94 -1.31 -20.07
N ARG B 133 22.53 -2.50 -20.05
CA ARG B 133 22.57 -3.33 -21.23
C ARG B 133 21.20 -3.80 -21.71
N TRP B 134 20.23 -3.87 -20.80
CA TRP B 134 18.86 -4.22 -21.17
C TRP B 134 18.13 -3.11 -21.95
N TRP B 135 18.51 -1.86 -21.73
CA TRP B 135 17.74 -0.70 -22.15
C TRP B 135 18.26 -0.07 -23.42
N GLY B 136 17.52 -0.22 -24.50
CA GLY B 136 17.89 0.39 -25.78
C GLY B 136 17.54 1.85 -25.86
N GLY B 137 18.17 2.50 -26.85
CA GLY B 137 17.89 3.88 -27.21
C GLY B 137 18.23 4.81 -26.09
N GLU B 138 17.57 5.95 -26.10
CA GLU B 138 17.93 7.07 -25.24
C GLU B 138 16.65 7.64 -24.58
N PRO B 139 16.51 7.44 -23.29
CA PRO B 139 15.32 8.00 -22.66
C PRO B 139 15.52 9.49 -22.47
N VAL B 140 14.43 10.24 -22.36
CA VAL B 140 14.51 11.69 -22.25
C VAL B 140 15.54 12.20 -21.23
N TRP B 141 15.60 11.60 -20.03
CA TRP B 141 16.53 12.06 -18.99
C TRP B 141 17.98 12.05 -19.44
N VAL B 142 18.36 11.08 -20.25
CA VAL B 142 19.72 11.01 -20.81
C VAL B 142 20.00 12.17 -21.77
N GLY B 143 18.99 12.57 -22.55
CA GLY B 143 19.08 13.73 -23.45
C GLY B 143 19.10 15.07 -22.75
N VAL B 144 18.31 15.19 -21.68
CA VAL B 144 18.39 16.38 -20.85
C VAL B 144 19.81 16.55 -20.28
N GLU B 145 20.30 15.52 -19.62
CA GLU B 145 21.61 15.54 -19.00
C GLU B 145 22.71 15.92 -20.01
N ASN B 146 22.69 15.24 -21.16
CA ASN B 146 23.68 15.44 -22.21
C ASN B 146 23.74 16.88 -22.79
N THR B 147 22.59 17.58 -22.84
CA THR B 147 22.58 19.04 -23.15
C THR B 147 23.06 19.95 -22.02
N GLY B 148 23.62 19.40 -20.93
CA GLY B 148 24.06 20.22 -19.80
C GLY B 148 22.96 20.73 -18.88
N GLN B 149 21.73 20.23 -19.01
CA GLN B 149 20.68 20.49 -18.04
C GLN B 149 20.46 19.27 -17.10
N HIS B 150 19.61 19.41 -16.09
CA HIS B 150 19.46 18.37 -15.08
C HIS B 150 18.12 17.69 -15.05
N ALA B 151 18.16 16.37 -14.80
CA ALA B 151 16.98 15.52 -14.71
C ALA B 151 16.86 14.87 -13.32
N ALA B 152 15.64 14.95 -12.75
CA ALA B 152 15.30 14.31 -11.48
C ALA B 152 14.13 13.31 -11.70
N THR B 153 14.33 12.09 -11.25
CA THR B 153 13.39 11.01 -11.53
C THR B 153 13.00 10.40 -10.24
N TRP B 154 11.74 10.58 -9.81
CA TRP B 154 11.31 9.98 -8.54
C TRP B 154 11.51 8.48 -8.65
N SER B 155 10.88 7.98 -9.68
CA SER B 155 11.05 6.68 -10.17
C SER B 155 10.52 6.91 -11.60
N TRP B 156 11.19 6.19 -12.49
CA TRP B 156 10.68 5.88 -13.77
C TRP B 156 11.43 4.62 -14.15
N PRO B 157 10.73 3.64 -14.74
CA PRO B 157 11.44 2.45 -15.22
C PRO B 157 12.61 2.80 -16.17
N GLY B 158 13.80 2.31 -15.80
CA GLY B 158 15.08 2.62 -16.50
C GLY B 158 15.99 3.60 -15.78
N SER B 159 15.41 4.39 -14.90
CA SER B 159 16.12 5.49 -14.24
C SER B 159 17.21 5.13 -13.18
N GLU B 160 17.28 3.86 -12.80
CA GLU B 160 18.29 3.27 -11.91
C GLU B 160 19.49 2.68 -12.68
N ALA B 161 19.37 2.58 -14.01
CA ALA B 161 20.50 2.18 -14.84
C ALA B 161 21.22 3.43 -15.40
N ALA B 162 22.48 3.25 -15.77
CA ALA B 162 23.24 4.32 -16.45
C ALA B 162 23.15 4.04 -17.94
N ILE B 163 21.99 4.36 -18.50
CA ILE B 163 21.72 4.09 -19.91
C ILE B 163 22.52 5.15 -20.67
N LYS B 164 23.21 4.74 -21.73
CA LYS B 164 24.24 5.54 -22.45
C LYS B 164 25.33 6.19 -21.57
N GLY B 165 25.64 5.57 -20.42
CA GLY B 165 26.67 6.08 -19.48
C GLY B 165 26.18 7.16 -18.50
N VAL B 166 24.89 7.47 -18.52
CA VAL B 166 24.34 8.65 -17.87
C VAL B 166 23.19 8.33 -16.95
N ARG B 167 23.31 8.78 -15.70
CA ARG B 167 22.24 8.71 -14.73
C ARG B 167 21.62 10.10 -14.61
N PRO B 168 20.34 10.19 -14.27
CA PRO B 168 19.79 11.45 -13.80
C PRO B 168 20.58 12.08 -12.62
N SER B 169 20.53 13.40 -12.52
CA SER B 169 21.15 14.09 -11.40
C SER B 169 20.44 13.78 -10.07
N GLN B 170 19.12 13.54 -10.11
CA GLN B 170 18.39 13.01 -8.94
C GLN B 170 17.67 11.71 -9.32
N TRP B 171 17.79 10.69 -8.47
CA TRP B 171 17.13 9.39 -8.64
C TRP B 171 17.15 8.59 -7.32
N ARG B 172 16.54 7.40 -7.32
CA ARG B 172 16.64 6.46 -6.20
C ARG B 172 16.31 5.03 -6.63
N HIS B 173 16.46 4.08 -5.72
CA HIS B 173 16.11 2.70 -6.01
C HIS B 173 14.62 2.52 -5.67
N TYR B 174 13.87 1.89 -6.55
CA TYR B 174 12.43 1.79 -6.36
C TYR B 174 12.12 0.94 -5.15
N GLN B 175 11.22 1.40 -4.32
CA GLN B 175 10.77 0.56 -3.22
C GLN B 175 9.29 0.78 -3.03
N LYS B 176 8.58 -0.29 -2.68
CA LYS B 176 7.13 -0.29 -2.48
C LYS B 176 6.74 0.47 -1.22
N GLY B 177 5.55 1.06 -1.24
CA GLY B 177 4.94 1.57 -0.03
C GLY B 177 5.50 2.90 0.46
N VAL B 178 6.08 3.68 -0.44
CA VAL B 178 6.46 5.04 -0.12
C VAL B 178 5.17 5.83 -0.04
N ARG B 179 5.04 6.66 0.99
CA ARG B 179 3.87 7.50 1.18
C ARG B 179 3.61 8.39 -0.04
N LEU B 180 2.37 8.79 -0.23
CA LEU B 180 2.00 9.75 -1.27
C LEU B 180 2.67 11.11 -1.00
N ASP B 181 2.59 11.58 0.25
CA ASP B 181 3.15 12.85 0.64
C ASP B 181 4.68 12.97 0.40
N THR B 182 5.42 11.89 0.66
CA THR B 182 6.87 11.87 0.57
C THR B 182 7.33 12.08 -0.86
N ARG B 183 6.71 11.34 -1.80
CA ARG B 183 7.12 11.44 -3.21
C ARG B 183 6.68 12.80 -3.77
N VAL B 184 5.48 13.24 -3.43
CA VAL B 184 4.96 14.55 -3.81
C VAL B 184 5.85 15.71 -3.33
N ASP B 185 6.21 15.67 -2.05
CA ASP B 185 6.95 16.78 -1.45
C ASP B 185 8.39 16.72 -1.95
N ALA B 186 8.86 15.53 -2.31
CA ALA B 186 10.17 15.43 -2.93
C ALA B 186 10.13 16.03 -4.32
N VAL B 187 9.13 15.65 -5.09
CA VAL B 187 9.00 16.20 -6.42
C VAL B 187 8.86 17.72 -6.35
N ARG B 188 7.97 18.18 -5.48
CA ARG B 188 7.69 19.60 -5.31
C ARG B 188 9.02 20.38 -5.11
N GLY B 189 9.79 19.93 -4.12
CA GLY B 189 11.14 20.43 -3.87
C GLY B 189 12.06 20.39 -5.08
N TRP B 190 12.05 19.29 -5.86
CA TRP B 190 12.94 19.20 -7.06
C TRP B 190 12.59 20.19 -8.16
N LEU B 191 11.34 20.65 -8.21
CA LEU B 191 10.94 21.67 -9.19
C LEU B 191 11.25 23.08 -8.74
N ALA B 192 11.36 23.28 -7.42
CA ALA B 192 11.74 24.58 -6.80
C ALA B 192 13.24 24.91 -6.88
N THR B 193 14.14 23.94 -6.66
CA THR B 193 15.58 24.19 -6.64
C THR B 193 16.05 24.97 -7.88
N ASP B 194 16.55 26.17 -7.64
CA ASP B 194 17.10 27.05 -8.68
C ASP B 194 18.61 26.89 -8.74
N GLY B 195 19.23 27.56 -9.71
CA GLY B 195 20.67 27.59 -9.88
C GLY B 195 21.08 26.73 -11.05
N ALA B 196 22.37 26.44 -11.12
CA ALA B 196 22.90 25.50 -12.07
C ALA B 196 22.37 24.09 -11.80
N GLN B 197 21.91 23.80 -10.57
CA GLN B 197 21.21 22.54 -10.24
C GLN B 197 19.67 22.66 -10.25
N ARG B 198 19.12 23.26 -11.31
CA ARG B 198 17.67 23.33 -11.53
C ARG B 198 17.25 22.22 -12.47
N ASN B 199 16.07 21.64 -12.27
CA ASN B 199 15.69 20.47 -13.06
C ASN B 199 14.80 20.89 -14.26
N ARG B 200 15.29 20.62 -15.46
CA ARG B 200 14.50 20.80 -16.67
C ARG B 200 13.46 19.67 -16.76
N LEU B 201 13.83 18.45 -16.33
CA LEU B 201 12.85 17.35 -16.21
C LEU B 201 12.72 16.82 -14.80
N VAL B 202 11.47 16.63 -14.35
CA VAL B 202 11.15 15.94 -13.12
C VAL B 202 10.11 14.85 -13.39
N THR B 203 10.35 13.59 -13.01
CA THR B 203 9.33 12.48 -13.27
C THR B 203 8.75 11.95 -11.96
N LEU B 204 7.47 11.57 -12.00
CA LEU B 204 6.75 11.15 -10.82
C LEU B 204 5.88 9.99 -11.24
N TYR B 205 5.84 8.94 -10.42
CA TYR B 205 5.14 7.68 -10.72
C TYR B 205 4.31 7.23 -9.53
N PHE B 206 3.10 6.69 -9.79
CA PHE B 206 2.19 6.20 -8.79
C PHE B 206 1.73 4.79 -9.20
N GLU B 207 1.93 3.83 -8.30
CA GLU B 207 1.54 2.43 -8.52
C GLU B 207 0.13 2.03 -8.01
N HIS B 208 -0.56 2.95 -7.36
CA HIS B 208 -1.62 2.61 -6.41
C HIS B 208 -2.83 2.13 -7.18
N VAL B 209 -3.10 2.77 -8.33
CA VAL B 209 -4.26 2.44 -9.17
C VAL B 209 -4.20 1.06 -9.81
N ASP B 210 -3.04 0.74 -10.37
CA ASP B 210 -2.80 -0.56 -10.95
C ASP B 210 -2.92 -1.69 -9.92
N GLU B 211 -2.31 -1.50 -8.76
CA GLU B 211 -2.31 -2.57 -7.71
C GLU B 211 -3.75 -2.94 -7.25
N ALA B 212 -4.57 -1.92 -6.98
CA ALA B 212 -5.98 -2.10 -6.61
C ALA B 212 -6.79 -2.63 -7.79
N GLY B 213 -6.42 -2.20 -8.99
CA GLY B 213 -7.00 -2.71 -10.21
C GLY B 213 -6.81 -4.19 -10.27
N HIS B 214 -5.58 -4.65 -10.07
CA HIS B 214 -5.35 -6.10 -9.96
C HIS B 214 -6.16 -6.78 -8.82
N ASP B 215 -6.15 -6.22 -7.61
CA ASP B 215 -6.73 -6.88 -6.42
C ASP B 215 -8.26 -7.03 -6.55
N HIS B 216 -8.91 -6.02 -7.13
CA HIS B 216 -10.38 -5.96 -7.18
C HIS B 216 -11.03 -5.65 -8.51
N GLY B 217 -10.26 -5.17 -9.49
CA GLY B 217 -10.74 -4.92 -10.86
C GLY B 217 -11.14 -3.47 -11.05
N PRO B 218 -11.40 -3.06 -12.29
CA PRO B 218 -11.51 -1.63 -12.58
C PRO B 218 -12.75 -0.95 -12.09
N GLU B 219 -13.83 -1.68 -11.85
CA GLU B 219 -15.10 -1.09 -11.39
C GLU B 219 -15.25 -1.22 -9.87
N SER B 220 -14.25 -1.83 -9.22
CA SER B 220 -14.29 -1.98 -7.77
C SER B 220 -14.25 -0.63 -7.05
N ARG B 221 -14.73 -0.58 -5.81
CA ARG B 221 -14.53 0.64 -5.01
C ARG B 221 -13.00 0.92 -4.72
N GLN B 222 -12.22 -0.13 -4.56
CA GLN B 222 -10.81 -0.05 -4.29
C GLN B 222 -10.07 0.66 -5.43
N TYR B 223 -10.38 0.30 -6.68
CA TYR B 223 -9.88 1.06 -7.84
C TYR B 223 -10.20 2.54 -7.78
N ALA B 224 -11.49 2.86 -7.66
CA ALA B 224 -11.96 4.24 -7.59
C ALA B 224 -11.33 5.00 -6.45
N ASP B 225 -11.18 4.33 -5.31
CA ASP B 225 -10.50 4.89 -4.13
C ASP B 225 -9.05 5.24 -4.45
N ALA B 226 -8.32 4.33 -5.11
CA ALA B 226 -6.91 4.60 -5.40
C ALA B 226 -6.83 5.77 -6.39
N VAL B 227 -7.77 5.83 -7.31
CA VAL B 227 -7.84 6.91 -8.25
C VAL B 227 -8.07 8.24 -7.52
N ARG B 228 -9.08 8.33 -6.65
CA ARG B 228 -9.24 9.56 -5.82
C ARG B 228 -7.97 9.96 -5.08
N ALA B 229 -7.33 8.98 -4.45
CA ALA B 229 -6.15 9.25 -3.64
C ALA B 229 -4.93 9.75 -4.44
N VAL B 230 -4.65 9.17 -5.62
CA VAL B 230 -3.56 9.66 -6.48
C VAL B 230 -3.93 11.05 -7.00
N ASP B 231 -5.16 11.18 -7.46
CA ASP B 231 -5.68 12.46 -7.86
C ASP B 231 -5.49 13.55 -6.81
N ALA B 232 -5.83 13.26 -5.56
CA ALA B 232 -5.72 14.23 -4.46
C ALA B 232 -4.25 14.54 -4.16
N ALA B 233 -3.40 13.53 -4.26
CA ALA B 233 -1.96 13.73 -4.11
C ALA B 233 -1.45 14.71 -5.17
N ILE B 234 -1.88 14.49 -6.41
CA ILE B 234 -1.58 15.41 -7.51
C ILE B 234 -2.15 16.82 -7.22
N GLY B 235 -3.39 16.90 -6.78
CA GLY B 235 -3.97 18.20 -6.35
C GLY B 235 -3.11 18.95 -5.33
N ARG B 236 -2.50 18.21 -4.40
CA ARG B 236 -1.63 18.83 -3.41
C ARG B 236 -0.35 19.29 -4.05
N LEU B 237 0.20 18.49 -4.97
CA LEU B 237 1.44 18.90 -5.66
C LEU B 237 1.21 20.17 -6.44
N LEU B 238 0.05 20.26 -7.11
CA LEU B 238 -0.28 21.42 -7.93
C LEU B 238 -0.45 22.72 -7.13
N ALA B 239 -1.21 22.63 -6.05
CA ALA B 239 -1.43 23.78 -5.17
C ALA B 239 -0.10 24.18 -4.55
N GLY B 240 0.72 23.20 -4.18
CA GLY B 240 2.03 23.45 -3.58
C GLY B 240 2.97 24.14 -4.53
N MET B 241 2.95 23.70 -5.79
CA MET B 241 3.68 24.32 -6.90
C MET B 241 3.29 25.81 -7.13
N GLN B 242 2.01 26.12 -6.96
CA GLN B 242 1.49 27.48 -7.05
C GLN B 242 2.07 28.33 -5.92
N ARG B 243 1.92 27.85 -4.68
CA ARG B 243 2.52 28.52 -3.50
C ARG B 243 4.04 28.71 -3.64
N ASP B 244 4.72 27.75 -4.25
CA ASP B 244 6.13 27.90 -4.63
C ASP B 244 6.45 28.96 -5.70
N GLY B 245 5.50 29.22 -6.60
CA GLY B 245 5.80 29.92 -7.87
C GLY B 245 6.51 29.10 -8.94
N THR B 246 6.40 27.77 -8.88
CA THR B 246 6.88 26.85 -9.90
C THR B 246 5.74 26.49 -10.87
N ARG B 247 4.48 26.70 -10.48
CA ARG B 247 3.33 26.27 -11.27
C ARG B 247 3.37 26.86 -12.66
N ALA B 248 3.36 28.20 -12.71
CA ALA B 248 3.21 28.95 -13.94
C ALA B 248 4.29 28.70 -14.98
N ARG B 249 5.48 28.29 -14.58
CA ARG B 249 6.62 28.11 -15.50
C ARG B 249 7.00 26.64 -15.78
N THR B 250 6.16 25.71 -15.31
CA THR B 250 6.34 24.27 -15.52
C THR B 250 5.21 23.69 -16.38
N ASN B 251 5.58 22.98 -17.44
CA ASN B 251 4.62 22.19 -18.23
C ASN B 251 4.41 20.82 -17.57
N ILE B 252 3.19 20.30 -17.69
CA ILE B 252 2.83 19.01 -17.11
C ILE B 252 2.23 18.08 -18.16
N ILE B 253 2.78 16.88 -18.23
CA ILE B 253 2.18 15.74 -18.93
C ILE B 253 1.88 14.65 -17.91
N VAL B 254 0.65 14.13 -18.01
CA VAL B 254 0.16 13.03 -17.18
C VAL B 254 -0.22 11.94 -18.13
N VAL B 255 0.35 10.76 -17.93
CA VAL B 255 -0.02 9.62 -18.74
C VAL B 255 -0.33 8.42 -17.84
N SER B 256 -0.79 7.36 -18.47
CA SER B 256 -0.77 6.05 -17.87
C SER B 256 -0.11 5.18 -18.89
N ASP B 257 0.41 4.08 -18.40
CA ASP B 257 0.99 3.02 -19.25
C ASP B 257 -0.04 2.10 -19.99
N HIS B 258 -1.28 2.05 -19.51
CA HIS B 258 -2.37 1.20 -20.03
C HIS B 258 -3.57 1.33 -19.09
N GLY B 259 -4.65 0.69 -19.50
CA GLY B 259 -5.87 0.64 -18.69
C GLY B 259 -5.95 -0.64 -17.88
N MET B 260 -7.17 -1.17 -17.77
CA MET B 260 -7.43 -2.26 -16.85
C MET B 260 -8.76 -2.93 -17.22
N ALA B 261 -8.76 -4.26 -17.29
CA ALA B 261 -9.96 -5.05 -17.61
C ALA B 261 -10.37 -5.93 -16.45
N GLU B 262 -11.64 -6.28 -16.41
CA GLU B 262 -12.15 -7.13 -15.34
C GLU B 262 -11.73 -8.54 -15.60
N VAL B 263 -11.23 -9.21 -14.55
CA VAL B 263 -10.96 -10.66 -14.54
C VAL B 263 -11.92 -11.37 -13.53
N ALA B 264 -13.01 -11.96 -14.03
CA ALA B 264 -14.02 -12.57 -13.14
C ALA B 264 -13.48 -13.81 -12.41
N PRO B 265 -14.07 -14.14 -11.25
CA PRO B 265 -13.76 -15.46 -10.72
C PRO B 265 -13.97 -16.52 -11.81
N GLY B 266 -13.03 -17.47 -11.87
CA GLY B 266 -13.10 -18.58 -12.79
C GLY B 266 -12.29 -18.43 -14.04
N HIS B 267 -11.74 -17.23 -14.30
CA HIS B 267 -11.00 -17.00 -15.54
C HIS B 267 -9.47 -17.15 -15.40
N ALA B 268 -8.98 -17.97 -14.47
CA ALA B 268 -7.52 -18.32 -14.42
C ALA B 268 -7.31 -19.74 -14.84
N ILE B 269 -6.44 -19.96 -15.81
CA ILE B 269 -6.01 -21.28 -16.21
C ILE B 269 -4.53 -21.42 -15.92
N SER B 270 -3.99 -22.61 -16.10
CA SER B 270 -2.59 -22.86 -15.89
C SER B 270 -1.91 -22.67 -17.21
N VAL B 271 -0.64 -22.23 -17.18
CA VAL B 271 0.13 -22.11 -18.39
C VAL B 271 0.48 -23.50 -18.94
N GLU B 272 0.44 -24.52 -18.09
CA GLU B 272 0.77 -25.88 -18.52
C GLU B 272 -0.41 -26.56 -19.22
N ASP B 273 -1.61 -26.02 -19.05
CA ASP B 273 -2.76 -26.33 -19.92
C ASP B 273 -2.49 -25.91 -21.36
N ILE B 274 -1.94 -24.70 -21.54
CA ILE B 274 -1.58 -24.21 -22.88
C ILE B 274 -0.51 -25.11 -23.47
N ALA B 275 0.54 -25.39 -22.70
CA ALA B 275 1.62 -26.27 -23.20
C ALA B 275 2.23 -27.07 -22.05
N PRO B 276 2.44 -28.38 -22.25
CA PRO B 276 3.23 -29.23 -21.34
C PRO B 276 4.71 -28.86 -21.17
N PRO B 277 5.24 -28.96 -19.92
CA PRO B 277 6.69 -28.75 -19.71
C PRO B 277 7.57 -29.79 -20.40
N GLN B 278 7.00 -30.94 -20.72
CA GLN B 278 7.66 -31.98 -21.52
C GLN B 278 8.20 -31.44 -22.85
N ILE B 279 7.42 -30.59 -23.51
CA ILE B 279 7.76 -30.03 -24.85
C ILE B 279 8.39 -28.61 -24.85
N ALA B 280 7.92 -27.72 -23.97
CA ALA B 280 8.33 -26.31 -23.96
C ALA B 280 8.15 -25.57 -22.62
N THR B 281 9.16 -24.78 -22.22
CA THR B 281 9.17 -24.01 -20.96
C THR B 281 8.39 -22.66 -21.06
N ALA B 282 7.41 -22.41 -20.19
CA ALA B 282 6.76 -21.08 -20.10
C ALA B 282 7.76 -20.09 -19.51
N ILE B 283 8.06 -19.03 -20.24
CA ILE B 283 9.02 -18.02 -19.76
C ILE B 283 8.33 -16.92 -18.95
N THR B 284 7.06 -16.65 -19.27
CA THR B 284 6.24 -15.70 -18.53
C THR B 284 4.83 -16.26 -18.41
N ASP B 285 4.11 -15.73 -17.46
CA ASP B 285 2.72 -16.02 -17.28
C ASP B 285 1.97 -14.69 -17.23
N GLY B 286 0.73 -14.70 -16.76
CA GLY B 286 -0.08 -13.50 -16.76
C GLY B 286 -1.00 -13.48 -17.95
N GLN B 287 -0.68 -12.63 -18.90
CA GLN B 287 -1.54 -12.46 -20.10
C GLN B 287 -0.77 -12.56 -21.41
N VAL B 288 0.52 -12.24 -21.38
CA VAL B 288 1.37 -12.51 -22.54
C VAL B 288 2.28 -13.63 -22.09
N ILE B 289 2.19 -14.77 -22.78
CA ILE B 289 2.75 -16.02 -22.35
C ILE B 289 3.79 -16.41 -23.35
N GLY B 290 5.05 -16.33 -22.95
CA GLY B 290 6.13 -16.72 -23.83
C GLY B 290 6.48 -18.19 -23.59
N PHE B 291 6.68 -18.96 -24.68
CA PHE B 291 7.14 -20.34 -24.59
C PHE B 291 8.37 -20.57 -25.43
N GLU B 292 9.20 -21.49 -24.93
CA GLU B 292 10.44 -21.90 -25.56
C GLU B 292 10.44 -23.43 -25.59
N PRO B 293 10.47 -24.04 -26.79
CA PRO B 293 10.66 -25.49 -26.94
C PRO B 293 12.03 -26.00 -26.47
N LEU B 294 12.06 -27.18 -25.86
CA LEU B 294 13.36 -27.85 -25.54
C LEU B 294 14.09 -28.26 -26.84
N PRO B 295 15.40 -28.62 -26.74
CA PRO B 295 16.16 -29.13 -27.88
C PRO B 295 15.40 -30.17 -28.73
N GLY B 296 15.49 -30.04 -30.05
CA GLY B 296 14.76 -30.90 -30.99
C GLY B 296 13.22 -30.84 -30.95
N GLN B 297 12.66 -30.28 -29.88
CA GLN B 297 11.23 -30.38 -29.60
C GLN B 297 10.37 -29.27 -30.25
N GLN B 298 10.94 -28.55 -31.23
CA GLN B 298 10.28 -27.43 -31.88
C GLN B 298 8.96 -27.89 -32.52
N ALA B 299 9.06 -28.79 -33.50
CA ALA B 299 7.90 -29.35 -34.23
C ALA B 299 6.71 -29.74 -33.34
N ALA B 300 7.03 -30.43 -32.26
CA ALA B 300 6.04 -30.95 -31.32
C ALA B 300 5.38 -29.81 -30.58
N ALA B 301 6.21 -28.87 -30.11
CA ALA B 301 5.73 -27.63 -29.48
C ALA B 301 4.75 -26.86 -30.38
N GLU B 302 5.14 -26.64 -31.63
CA GLU B 302 4.27 -25.96 -32.60
C GLU B 302 2.90 -26.63 -32.80
N ALA B 303 2.89 -27.96 -32.85
CA ALA B 303 1.70 -28.74 -33.14
C ALA B 303 0.57 -28.55 -32.11
N SER B 304 0.91 -28.36 -30.84
CA SER B 304 -0.09 -28.24 -29.74
C SER B 304 -0.44 -26.79 -29.34
N VAL B 305 0.53 -25.88 -29.49
CA VAL B 305 0.39 -24.49 -29.04
C VAL B 305 -0.26 -23.55 -30.08
N LEU B 306 0.23 -23.59 -31.30
CA LEU B 306 -0.10 -22.57 -32.32
C LEU B 306 -1.57 -22.53 -32.73
N GLY B 307 -2.09 -21.32 -33.00
CA GLY B 307 -3.45 -21.12 -33.49
C GLY B 307 -4.41 -20.72 -32.38
N ALA B 308 -5.69 -21.03 -32.57
CA ALA B 308 -6.76 -20.59 -31.70
C ALA B 308 -7.15 -21.59 -30.64
N HIS B 309 -7.44 -21.09 -29.42
CA HIS B 309 -8.00 -21.93 -28.33
C HIS B 309 -9.17 -21.19 -27.71
N ASP B 310 -9.74 -21.71 -26.62
CA ASP B 310 -10.97 -21.15 -26.01
C ASP B 310 -10.83 -19.66 -25.65
N HIS B 311 -9.75 -19.36 -24.96
CA HIS B 311 -9.52 -18.04 -24.36
C HIS B 311 -8.09 -17.53 -24.58
N TYR B 312 -7.45 -18.00 -25.65
CA TYR B 312 -6.17 -17.46 -26.11
C TYR B 312 -5.86 -17.90 -27.55
N ASP B 313 -4.90 -17.20 -28.14
CA ASP B 313 -4.35 -17.48 -29.44
C ASP B 313 -2.83 -17.49 -29.26
N CYS B 314 -2.11 -18.28 -30.04
CA CYS B 314 -0.62 -18.22 -30.06
C CYS B 314 -0.06 -18.22 -31.44
N TRP B 315 1.08 -17.53 -31.57
CA TRP B 315 1.77 -17.45 -32.83
C TRP B 315 3.23 -17.69 -32.56
N ARG B 316 3.97 -18.04 -33.61
CA ARG B 316 5.43 -17.93 -33.64
C ARG B 316 5.72 -16.43 -33.65
N LYS B 317 6.79 -16.01 -32.97
CA LYS B 317 7.02 -14.58 -32.75
C LYS B 317 7.16 -13.75 -34.04
N ALA B 318 7.84 -14.27 -35.05
CA ALA B 318 7.90 -13.60 -36.38
C ALA B 318 6.57 -13.52 -37.14
N GLU B 319 5.58 -14.31 -36.72
CA GLU B 319 4.29 -14.33 -37.34
C GLU B 319 3.19 -13.77 -36.45
N LEU B 320 3.56 -13.00 -35.42
CA LEU B 320 2.56 -12.32 -34.54
C LEU B 320 1.82 -11.23 -35.31
N PRO B 321 0.53 -10.96 -34.96
CA PRO B 321 -0.23 -9.89 -35.63
C PRO B 321 0.60 -8.63 -35.93
N ALA B 322 0.76 -8.32 -37.21
CA ALA B 322 1.56 -7.16 -37.64
C ALA B 322 1.17 -5.88 -36.90
N ARG B 323 -0.12 -5.71 -36.61
CA ARG B 323 -0.61 -4.54 -35.91
C ARG B 323 -0.11 -4.35 -34.45
N TRP B 324 0.43 -5.39 -33.83
CA TRP B 324 1.13 -5.23 -32.56
C TRP B 324 2.62 -4.80 -32.71
N GLN B 325 3.20 -4.77 -33.92
CA GLN B 325 4.59 -4.36 -34.13
C GLN B 325 5.55 -4.93 -33.07
N TYR B 326 5.53 -6.25 -32.98
CA TYR B 326 6.29 -7.01 -31.95
C TYR B 326 6.56 -8.44 -32.44
N GLY B 327 7.72 -9.00 -32.08
CA GLY B 327 8.11 -10.35 -32.52
C GLY B 327 9.46 -10.49 -33.19
N SER B 328 10.07 -9.36 -33.54
CA SER B 328 11.38 -9.34 -34.17
C SER B 328 12.54 -9.32 -33.13
N HIS B 329 12.36 -8.73 -31.95
CA HIS B 329 13.45 -8.68 -30.99
C HIS B 329 13.85 -10.12 -30.61
N PRO B 330 15.17 -10.41 -30.59
CA PRO B 330 15.72 -11.68 -30.05
C PRO B 330 15.21 -12.15 -28.69
N ARG B 331 15.18 -11.27 -27.71
CA ARG B 331 14.72 -11.64 -26.36
C ARG B 331 13.32 -12.22 -26.31
N ILE B 332 12.49 -12.01 -27.36
CA ILE B 332 11.11 -12.48 -27.29
C ILE B 332 11.13 -14.01 -27.42
N PRO B 333 10.51 -14.72 -26.47
CA PRO B 333 10.51 -16.19 -26.66
C PRO B 333 9.91 -16.64 -28.01
N SER B 334 10.31 -17.83 -28.47
CA SER B 334 9.87 -18.37 -29.78
C SER B 334 8.37 -18.35 -30.04
N LEU B 335 7.63 -18.78 -29.04
CA LEU B 335 6.18 -18.77 -29.10
C LEU B 335 5.65 -17.72 -28.16
N VAL B 336 4.64 -17.00 -28.61
CA VAL B 336 3.91 -16.06 -27.80
C VAL B 336 2.43 -16.37 -27.91
N CYS B 337 1.79 -16.44 -26.75
CA CYS B 337 0.37 -16.61 -26.58
C CYS B 337 -0.20 -15.37 -25.90
N GLN B 338 -1.23 -14.81 -26.51
CA GLN B 338 -1.98 -13.73 -25.96
C GLN B 338 -3.28 -14.23 -25.31
N MET B 339 -3.47 -14.00 -24.01
CA MET B 339 -4.75 -14.35 -23.39
C MET B 339 -5.85 -13.42 -23.90
N HIS B 340 -7.08 -13.92 -24.03
CA HIS B 340 -8.20 -13.03 -24.33
C HIS B 340 -8.46 -12.11 -23.15
N GLU B 341 -9.02 -10.95 -23.44
CA GLU B 341 -9.42 -10.00 -22.42
C GLU B 341 -10.13 -10.68 -21.26
N GLY B 342 -9.72 -10.36 -20.04
CA GLY B 342 -10.31 -10.96 -18.84
C GLY B 342 -9.95 -12.37 -18.42
N TRP B 343 -8.95 -12.98 -19.05
CA TRP B 343 -8.43 -14.30 -18.67
C TRP B 343 -6.97 -14.16 -18.27
N ASP B 344 -6.54 -14.96 -17.31
CA ASP B 344 -5.13 -15.06 -16.91
C ASP B 344 -4.70 -16.47 -17.09
N ALA B 345 -3.44 -16.68 -17.47
CA ALA B 345 -2.79 -17.99 -17.37
C ALA B 345 -1.57 -17.92 -16.43
N LEU B 346 -1.59 -18.70 -15.34
CA LEU B 346 -0.57 -18.59 -14.29
C LEU B 346 0.34 -19.79 -14.16
N PHE B 347 1.53 -19.58 -13.60
CA PHE B 347 2.42 -20.73 -13.36
C PHE B 347 1.61 -21.64 -12.41
N PRO B 348 1.78 -22.97 -12.50
CA PRO B 348 0.94 -23.88 -11.73
C PRO B 348 1.03 -23.60 -10.25
N ASP B 349 2.25 -23.35 -9.73
CA ASP B 349 2.41 -23.02 -8.31
C ASP B 349 1.63 -21.80 -7.80
N LYS B 350 1.47 -20.74 -8.62
CA LYS B 350 0.66 -19.55 -8.26
C LYS B 350 -0.86 -19.78 -8.39
N LEU B 351 -1.26 -20.71 -9.25
CA LEU B 351 -2.67 -20.94 -9.52
C LEU B 351 -3.42 -21.37 -8.27
N ALA B 352 -2.90 -22.39 -7.60
CA ALA B 352 -3.54 -22.96 -6.41
C ALA B 352 -3.83 -21.91 -5.33
N LYS B 353 -2.85 -21.03 -5.09
CA LYS B 353 -2.93 -20.04 -4.02
C LYS B 353 -3.71 -18.74 -4.36
N ARG B 354 -4.47 -18.73 -5.45
CA ARG B 354 -5.34 -17.59 -5.69
C ARG B 354 -6.62 -17.77 -4.90
N ALA B 355 -7.24 -16.63 -4.57
CA ALA B 355 -8.37 -16.54 -3.65
C ALA B 355 -9.49 -17.53 -3.96
N GLN B 356 -9.98 -17.48 -5.22
CA GLN B 356 -11.24 -18.12 -5.62
C GLN B 356 -12.33 -17.39 -4.82
N ARG B 357 -13.08 -16.52 -5.50
CA ARG B 357 -13.84 -15.40 -4.89
C ARG B 357 -12.97 -14.13 -4.90
N GLY B 358 -13.63 -13.03 -5.23
CA GLY B 358 -12.95 -11.81 -5.58
C GLY B 358 -12.91 -11.79 -7.11
N THR B 359 -13.60 -10.82 -7.67
CA THR B 359 -13.34 -10.35 -9.00
C THR B 359 -11.96 -9.68 -8.97
N ARG B 360 -11.12 -9.99 -9.98
CA ARG B 360 -9.77 -9.38 -10.08
C ARG B 360 -9.65 -8.48 -11.31
N GLY B 361 -8.43 -7.97 -11.57
CA GLY B 361 -8.16 -7.14 -12.74
C GLY B 361 -6.83 -7.53 -13.37
N SER B 362 -6.81 -7.43 -14.70
CA SER B 362 -5.62 -7.65 -15.50
C SER B 362 -5.54 -6.63 -16.67
N HIS B 363 -4.30 -6.43 -17.14
CA HIS B 363 -4.01 -5.72 -18.37
C HIS B 363 -3.10 -6.69 -19.09
N GLY B 364 -2.21 -6.30 -19.99
CA GLY B 364 -1.50 -7.29 -20.81
C GLY B 364 -2.27 -7.81 -22.02
N TYR B 365 -3.46 -7.27 -22.24
CA TYR B 365 -4.31 -7.64 -23.36
C TYR B 365 -4.05 -6.80 -24.56
N ASP B 366 -4.64 -7.23 -25.67
CA ASP B 366 -4.57 -6.55 -26.97
C ASP B 366 -4.68 -5.00 -26.77
N PRO B 367 -3.59 -4.23 -27.07
CA PRO B 367 -3.61 -2.77 -26.82
C PRO B 367 -4.65 -1.99 -27.60
N ALA B 368 -5.19 -2.58 -28.66
CA ALA B 368 -6.35 -2.04 -29.42
C ALA B 368 -7.66 -2.08 -28.66
N LEU B 369 -7.78 -2.90 -27.62
CA LEU B 369 -8.97 -2.91 -26.80
C LEU B 369 -9.21 -1.61 -26.10
N PRO B 370 -10.49 -1.17 -26.06
CA PRO B 370 -10.90 -0.04 -25.28
C PRO B 370 -10.50 -0.10 -23.80
N SER B 371 -10.65 -1.27 -23.18
CA SER B 371 -10.18 -1.46 -21.79
C SER B 371 -8.66 -1.19 -21.58
N MET B 372 -7.84 -1.42 -22.59
CA MET B 372 -6.40 -1.19 -22.48
C MET B 372 -6.01 0.29 -22.72
N ARG B 373 -6.99 1.12 -23.08
CA ARG B 373 -6.69 2.51 -23.31
C ARG B 373 -6.15 3.25 -22.08
N ALA B 374 -5.10 4.02 -22.33
CA ALA B 374 -4.45 4.88 -21.37
C ALA B 374 -4.86 6.36 -21.52
N VAL B 375 -4.43 7.13 -20.54
CA VAL B 375 -4.66 8.53 -20.45
C VAL B 375 -3.48 9.32 -21.06
N PHE B 376 -3.79 10.44 -21.71
CA PHE B 376 -2.81 11.50 -22.00
C PHE B 376 -3.44 12.83 -21.73
N LEU B 377 -2.87 13.58 -20.80
CA LEU B 377 -3.17 14.98 -20.67
C LEU B 377 -1.93 15.87 -20.53
N ALA B 378 -2.13 17.12 -20.92
CA ALA B 378 -1.03 18.08 -21.01
C ALA B 378 -1.54 19.40 -20.52
N GLN B 379 -0.71 20.15 -19.78
CA GLN B 379 -1.05 21.52 -19.40
C GLN B 379 0.18 22.35 -18.98
N GLY B 380 0.17 23.61 -19.37
CA GLY B 380 1.23 24.51 -18.99
C GLY B 380 1.47 25.63 -19.98
N PRO B 381 2.44 26.51 -19.66
CA PRO B 381 2.68 27.74 -20.42
C PRO B 381 2.93 27.55 -21.93
N ASP B 382 3.55 26.42 -22.32
CA ASP B 382 3.76 26.09 -23.75
C ASP B 382 2.71 25.16 -24.36
N LEU B 383 1.60 24.95 -23.66
CA LEU B 383 0.59 23.98 -24.08
C LEU B 383 -0.75 24.68 -24.27
N ALA B 384 -1.56 24.20 -25.24
CA ALA B 384 -2.88 24.78 -25.59
C ALA B 384 -3.84 24.59 -24.44
N GLN B 385 -4.99 25.25 -24.49
CA GLN B 385 -5.89 25.34 -23.36
C GLN B 385 -7.31 25.01 -23.76
N GLY B 386 -7.94 24.09 -23.03
CA GLY B 386 -9.32 23.64 -23.33
C GLY B 386 -9.41 22.94 -24.66
N LYS B 387 -8.40 22.11 -24.95
CA LYS B 387 -8.37 21.41 -26.20
C LYS B 387 -8.46 19.88 -26.03
N THR B 388 -9.10 19.28 -27.04
CA THR B 388 -9.26 17.85 -27.11
C THR B 388 -8.55 17.37 -28.37
N LEU B 389 -7.79 16.28 -28.22
CA LEU B 389 -7.10 15.60 -29.33
C LEU B 389 -7.76 14.25 -29.65
N PRO B 390 -7.69 13.79 -30.91
CA PRO B 390 -8.10 12.41 -31.17
C PRO B 390 -7.27 11.41 -30.40
N GLY B 391 -7.76 10.18 -30.32
CA GLY B 391 -6.96 9.12 -29.69
C GLY B 391 -5.73 8.90 -30.56
N PHE B 392 -4.61 8.56 -29.92
CA PHE B 392 -3.34 8.42 -30.63
C PHE B 392 -2.42 7.42 -29.94
N ASP B 393 -1.30 7.15 -30.59
CA ASP B 393 -0.43 6.04 -30.22
C ASP B 393 0.61 6.57 -29.29
N ASN B 394 0.90 5.84 -28.21
CA ASN B 394 1.81 6.35 -27.18
C ASN B 394 3.24 6.53 -27.64
N VAL B 395 3.62 5.97 -28.78
CA VAL B 395 4.96 6.28 -29.36
C VAL B 395 5.19 7.74 -29.73
N ASP B 396 4.12 8.52 -29.81
CA ASP B 396 4.14 9.96 -30.20
C ASP B 396 4.46 10.94 -29.05
N VAL B 397 4.42 10.49 -27.81
CA VAL B 397 4.66 11.39 -26.68
C VAL B 397 6.11 11.87 -26.70
N TYR B 398 7.04 11.00 -27.06
CA TYR B 398 8.48 11.30 -26.99
C TYR B 398 8.80 12.56 -27.78
N ALA B 399 8.31 12.60 -29.03
CA ALA B 399 8.44 13.77 -29.93
C ALA B 399 8.03 15.08 -29.24
N LEU B 400 6.87 15.10 -28.59
CA LEU B 400 6.44 16.29 -27.85
C LEU B 400 7.38 16.62 -26.68
N MET B 401 7.68 15.60 -25.85
CA MET B 401 8.53 15.83 -24.71
C MET B 401 9.89 16.38 -25.13
N SER B 402 10.48 15.87 -26.19
CA SER B 402 11.80 16.34 -26.63
C SER B 402 11.74 17.85 -27.01
N ARG B 403 10.66 18.26 -27.69
CA ARG B 403 10.43 19.70 -27.96
C ARG B 403 10.37 20.50 -26.63
N LEU B 404 9.57 20.04 -25.67
CA LEU B 404 9.34 20.81 -24.43
C LEU B 404 10.56 20.90 -23.52
N LEU B 405 11.43 19.90 -23.59
CA LEU B 405 12.65 19.79 -22.78
C LEU B 405 13.88 20.36 -23.46
N GLY B 406 13.78 20.68 -24.76
CA GLY B 406 14.83 21.44 -25.46
C GLY B 406 16.05 20.60 -25.76
N ILE B 407 15.81 19.33 -26.07
CA ILE B 407 16.87 18.35 -26.33
C ILE B 407 16.61 17.91 -27.75
N PRO B 408 17.66 17.49 -28.47
CA PRO B 408 17.41 16.88 -29.78
C PRO B 408 16.65 15.54 -29.70
N ALA B 409 15.62 15.40 -30.51
CA ALA B 409 14.94 14.14 -30.68
C ALA B 409 15.89 13.08 -31.16
N ALA B 410 16.00 12.00 -30.40
CA ALA B 410 16.69 10.83 -30.82
C ALA B 410 15.83 10.09 -31.85
N PRO B 411 16.46 9.28 -32.70
CA PRO B 411 15.72 8.50 -33.71
C PRO B 411 14.63 7.60 -33.10
N ASN B 412 13.38 7.77 -33.50
CA ASN B 412 12.28 7.04 -32.86
C ASN B 412 11.17 6.58 -33.82
N ASP B 413 10.20 5.87 -33.24
CA ASP B 413 9.12 5.19 -33.96
C ASP B 413 7.83 6.03 -34.05
N GLY B 414 7.84 7.22 -33.46
CA GLY B 414 6.69 8.10 -33.40
C GLY B 414 6.69 9.11 -34.55
N ASN B 415 5.65 9.93 -34.55
CA ASN B 415 5.45 11.00 -35.54
C ASN B 415 5.26 12.31 -34.74
N PRO B 416 6.13 13.33 -34.92
CA PRO B 416 5.93 14.64 -34.27
C PRO B 416 4.67 15.41 -34.65
N ALA B 417 4.07 15.04 -35.76
CA ALA B 417 2.91 15.77 -36.29
C ALA B 417 1.72 15.59 -35.33
N THR B 418 1.49 14.38 -34.86
CA THR B 418 0.36 14.06 -33.99
C THR B 418 0.18 15.03 -32.85
N LEU B 419 1.25 15.30 -32.09
CA LEU B 419 1.15 16.12 -30.89
C LEU B 419 1.46 17.62 -31.10
N LEU B 420 1.87 18.08 -32.30
CA LEU B 420 2.02 19.54 -32.45
C LEU B 420 0.74 20.36 -32.04
N PRO B 421 -0.48 19.88 -32.31
CA PRO B 421 -1.68 20.62 -31.84
C PRO B 421 -1.85 20.76 -30.30
N ALA B 422 -1.13 19.97 -29.51
CA ALA B 422 -1.11 20.24 -28.05
C ALA B 422 -0.45 21.60 -27.69
N LEU B 423 0.49 22.07 -28.51
CA LEU B 423 1.27 23.27 -28.19
C LEU B 423 0.42 24.52 -28.15
N ARG B 424 0.87 25.55 -27.41
CA ARG B 424 0.14 26.84 -27.33
C ARG B 424 0.06 27.54 -28.69
N MET B 425 1.18 27.52 -29.39
CA MET B 425 1.26 27.95 -30.78
C MET B 425 2.26 27.04 -31.52
N PRO B 426 1.76 26.09 -32.35
CA PRO B 426 2.68 25.22 -33.09
C PRO B 426 3.41 25.95 -34.22
N PRO B 427 4.39 25.30 -34.86
CA PRO B 427 4.95 25.86 -36.08
C PRO B 427 3.96 25.71 -37.24
N ALA C 42 10.69 55.59 35.41
CA ALA C 42 10.55 54.09 35.47
C ALA C 42 11.89 53.35 35.26
N SER C 43 12.61 53.69 34.18
CA SER C 43 13.98 53.22 33.78
C SER C 43 13.99 51.96 32.87
N THR C 44 13.83 52.13 31.56
CA THR C 44 13.62 50.98 30.67
C THR C 44 14.77 49.94 30.72
N PRO C 45 14.44 48.65 30.55
CA PRO C 45 15.46 47.62 30.76
C PRO C 45 16.56 47.54 29.68
N HIS C 46 17.66 46.87 30.00
CA HIS C 46 18.72 46.59 28.99
C HIS C 46 18.27 45.52 27.98
N ALA C 47 18.32 45.86 26.68
CA ALA C 47 17.98 44.92 25.61
C ALA C 47 19.10 43.88 25.43
N LEU C 48 18.75 42.75 24.83
CA LEU C 48 19.70 41.68 24.50
C LEU C 48 19.82 41.51 22.97
N LEU C 49 21.05 41.58 22.46
CA LEU C 49 21.40 41.24 21.11
C LEU C 49 22.08 39.87 21.10
N LEU C 50 21.43 38.92 20.39
CA LEU C 50 21.85 37.53 20.23
C LEU C 50 22.26 37.23 18.80
N ILE C 51 23.48 36.73 18.65
CA ILE C 51 24.14 36.57 17.36
C ILE C 51 24.68 35.15 17.34
N SER C 52 24.34 34.42 16.27
CA SER C 52 25.00 33.19 15.96
C SER C 52 25.86 33.40 14.75
N ILE C 53 27.10 32.91 14.85
CA ILE C 53 28.00 32.72 13.74
C ILE C 53 28.06 31.20 13.53
N ASP C 54 27.28 30.74 12.58
CA ASP C 54 27.11 29.35 12.34
C ASP C 54 28.44 28.71 11.98
N GLY C 55 28.72 27.56 12.59
CA GLY C 55 29.95 26.82 12.30
C GLY C 55 31.27 27.41 12.77
N LEU C 56 31.22 28.37 13.67
CA LEU C 56 32.43 28.97 14.22
C LEU C 56 32.97 28.11 15.36
N ARG C 57 34.12 27.52 15.12
CA ARG C 57 34.71 26.58 16.07
C ARG C 57 35.39 27.35 17.18
N ALA C 58 35.35 26.81 18.42
CA ALA C 58 35.86 27.48 19.65
C ALA C 58 37.21 28.16 19.54
N ASP C 59 38.16 27.48 18.89
CA ASP C 59 39.55 27.91 18.78
C ASP C 59 39.81 29.02 17.78
N MET C 60 38.81 29.39 16.99
CA MET C 60 38.97 30.41 15.96
C MET C 60 39.02 31.85 16.52
N LEU C 61 38.73 32.02 17.82
CA LEU C 61 38.91 33.31 18.49
C LEU C 61 40.37 33.66 18.84
N ASP C 62 41.30 32.72 18.70
CA ASP C 62 42.71 32.89 19.09
C ASP C 62 43.70 32.80 17.90
N ARG C 63 43.29 33.16 16.69
CA ARG C 63 44.14 33.07 15.51
C ARG C 63 44.36 34.40 14.83
N GLY C 64 44.00 35.51 15.46
CA GLY C 64 44.28 36.81 14.88
C GLY C 64 43.34 37.19 13.75
N ILE C 65 42.19 36.54 13.67
CA ILE C 65 41.21 36.72 12.58
C ILE C 65 39.80 37.16 13.07
N THR C 66 39.69 37.54 14.34
CA THR C 66 38.45 38.05 14.91
C THR C 66 38.82 39.23 15.80
N PRO C 67 39.26 40.35 15.17
CA PRO C 67 39.69 41.49 16.00
C PRO C 67 38.57 42.13 16.80
N ASN C 68 37.40 42.19 16.22
CA ASN C 68 36.25 42.78 16.89
C ASN C 68 35.69 41.89 17.98
N LEU C 69 35.57 40.60 17.67
CA LEU C 69 35.09 39.62 18.65
C LEU C 69 36.08 39.37 19.82
N SER C 70 37.37 39.41 19.54
CA SER C 70 38.40 39.32 20.61
C SER C 70 38.37 40.52 21.57
N HIS C 71 38.29 41.73 21.00
CA HIS C 71 38.13 42.96 21.81
C HIS C 71 36.87 42.85 22.68
N LEU C 72 35.73 42.54 22.06
CA LEU C 72 34.46 42.23 22.80
C LEU C 72 34.59 41.17 23.89
N ALA C 73 35.31 40.07 23.60
CA ALA C 73 35.66 39.09 24.63
C ALA C 73 36.51 39.66 25.77
N ARG C 74 37.52 40.50 25.48
CA ARG C 74 38.35 41.03 26.59
C ARG C 74 37.56 42.00 27.48
N GLU C 75 36.73 42.83 26.87
CA GLU C 75 35.77 43.68 27.58
C GLU C 75 34.75 42.93 28.41
N GLY C 76 34.56 41.64 28.13
CA GLY C 76 33.42 40.89 28.68
C GLY C 76 33.77 39.49 29.16
N VAL C 77 32.98 38.50 28.73
CA VAL C 77 33.08 37.10 29.18
C VAL C 77 33.29 36.20 27.98
N ARG C 78 34.28 35.32 28.05
CA ARG C 78 34.47 34.29 27.03
C ARG C 78 34.46 32.95 27.76
N ALA C 79 33.63 32.01 27.29
CA ALA C 79 33.76 30.61 27.73
C ALA C 79 34.87 29.99 26.93
N ARG C 80 35.62 29.08 27.54
CA ARG C 80 36.71 28.48 26.81
C ARG C 80 36.16 27.83 25.57
N TRP C 81 35.04 27.13 25.72
CA TRP C 81 34.28 26.60 24.57
C TRP C 81 32.89 26.33 25.07
N MET C 82 32.01 25.97 24.15
CA MET C 82 30.64 25.61 24.51
C MET C 82 30.27 24.39 23.67
N ALA C 83 29.80 23.35 24.38
CA ALA C 83 29.50 22.09 23.78
C ALA C 83 28.11 22.19 23.13
N PRO C 84 28.02 21.85 21.83
CA PRO C 84 26.69 21.65 21.25
C PRO C 84 25.99 20.42 21.83
N SER C 85 24.69 20.33 21.57
CA SER C 85 23.91 19.14 21.89
C SER C 85 23.80 18.21 20.68
N TYR C 86 23.35 16.96 20.92
CA TYR C 86 23.18 15.97 19.88
C TYR C 86 21.87 16.16 19.11
N PRO C 87 21.89 16.22 17.77
CA PRO C 87 23.10 16.13 16.93
C PRO C 87 23.64 17.52 16.67
N SER C 88 24.92 17.59 16.30
CA SER C 88 25.61 18.86 16.18
C SER C 88 25.37 19.55 14.84
N LEU C 89 24.11 19.91 14.63
CA LEU C 89 23.64 20.47 13.38
C LEU C 89 22.83 21.72 13.73
N ALA C 90 22.47 22.51 12.72
CA ALA C 90 22.01 23.87 12.93
C ALA C 90 20.69 23.99 13.64
N PHE C 91 19.65 23.39 13.08
CA PHE C 91 18.28 23.65 13.59
C PHE C 91 18.12 23.07 15.02
N PRO C 92 18.59 21.83 15.26
CA PRO C 92 18.56 21.31 16.62
C PRO C 92 19.24 22.23 17.64
N ASN C 93 20.50 22.60 17.37
CA ASN C 93 21.23 23.45 18.27
C ASN C 93 20.75 24.87 18.33
N HIS C 94 20.36 25.48 17.21
CA HIS C 94 19.87 26.86 17.29
C HIS C 94 18.64 26.90 18.21
N TYR C 95 17.77 25.90 18.09
CA TYR C 95 16.55 25.88 18.86
C TYR C 95 16.78 25.43 20.30
N THR C 96 17.76 24.57 20.53
CA THR C 96 18.27 24.35 21.89
C THR C 96 18.73 25.66 22.52
N LEU C 97 19.56 26.43 21.81
CA LEU C 97 20.07 27.69 22.40
C LEU C 97 18.98 28.56 22.97
N VAL C 98 17.85 28.68 22.29
CA VAL C 98 16.77 29.59 22.72
C VAL C 98 15.67 28.99 23.59
N THR C 99 15.74 27.68 23.85
CA THR C 99 14.75 26.93 24.64
C THR C 99 15.32 26.31 25.91
N GLY C 100 16.64 26.20 25.99
CA GLY C 100 17.31 25.35 27.01
C GLY C 100 16.95 23.88 27.00
N LEU C 101 16.36 23.38 25.90
CA LEU C 101 15.94 22.01 25.82
C LEU C 101 16.85 21.28 24.84
N ARG C 102 17.13 20.02 25.14
CA ARG C 102 17.86 19.14 24.24
C ARG C 102 17.01 18.89 23.01
N PRO C 103 17.63 18.64 21.88
CA PRO C 103 16.79 18.27 20.69
C PRO C 103 15.85 17.12 20.94
N ASP C 104 16.26 16.19 21.81
CA ASP C 104 15.47 15.01 22.10
C ASP C 104 14.13 15.38 22.72
N HIS C 105 14.07 16.51 23.40
CA HIS C 105 12.84 16.98 24.05
C HIS C 105 12.07 18.00 23.22
N HIS C 106 12.76 18.97 22.63
CA HIS C 106 12.06 19.98 21.79
C HIS C 106 11.57 19.53 20.40
N GLY C 107 12.02 18.38 19.89
CA GLY C 107 11.48 17.77 18.64
C GLY C 107 12.25 18.03 17.35
N ILE C 108 13.13 19.02 17.36
CA ILE C 108 13.87 19.39 16.20
C ILE C 108 15.15 18.53 16.30
N VAL C 109 14.96 17.26 15.96
CA VAL C 109 15.90 16.20 16.24
C VAL C 109 16.92 15.98 15.12
N HIS C 110 16.69 16.61 13.96
CA HIS C 110 17.69 16.70 12.87
C HIS C 110 17.30 17.96 12.07
N ASN C 111 18.18 18.42 11.17
CA ASN C 111 17.78 19.34 10.08
C ASN C 111 16.68 18.73 9.17
N SER C 112 16.72 17.41 8.97
CA SER C 112 15.85 16.68 8.09
C SER C 112 15.13 15.64 8.91
N MET C 113 13.79 15.66 8.86
CA MET C 113 13.00 14.75 9.64
C MET C 113 11.73 14.30 8.90
N ARG C 114 11.17 13.19 9.38
CA ARG C 114 9.85 12.72 8.98
C ARG C 114 9.02 12.56 10.26
N ASP C 115 7.70 12.74 10.13
CA ASP C 115 6.75 12.47 11.19
C ASP C 115 5.48 11.89 10.54
N PRO C 116 4.87 10.81 11.10
CA PRO C 116 3.64 10.21 10.49
C PRO C 116 2.45 11.14 10.24
N THR C 117 2.27 12.14 11.09
CA THR C 117 1.18 13.10 10.97
C THR C 117 1.60 14.39 10.26
N LEU C 118 2.73 14.99 10.64
CA LEU C 118 3.19 16.27 10.07
C LEU C 118 3.90 16.18 8.74
N GLY C 119 4.39 15.00 8.39
CA GLY C 119 5.01 14.78 7.08
C GLY C 119 6.52 14.95 7.15
N GLY C 120 7.09 15.48 6.08
CA GLY C 120 8.55 15.69 6.00
C GLY C 120 8.91 17.09 6.43
N PHE C 121 10.14 17.25 6.93
CA PHE C 121 10.64 18.58 7.32
C PHE C 121 12.10 18.63 6.87
N TRP C 122 12.47 19.72 6.19
CA TRP C 122 13.87 20.03 5.90
C TRP C 122 14.04 21.54 5.77
N LEU C 123 15.30 21.98 5.70
CA LEU C 123 15.56 23.38 5.86
C LEU C 123 14.88 24.26 4.83
N SER C 124 14.85 23.86 3.56
CA SER C 124 14.14 24.64 2.52
C SER C 124 12.61 24.42 2.49
N LYS C 125 12.10 23.45 3.25
CA LYS C 125 10.67 23.18 3.20
C LYS C 125 9.94 24.23 4.06
N SER C 126 9.70 25.39 3.44
CA SER C 126 9.31 26.59 4.17
C SER C 126 7.96 26.42 4.90
N GLU C 127 7.06 25.63 4.32
CA GLU C 127 5.76 25.34 4.98
C GLU C 127 5.87 24.44 6.24
N ALA C 128 6.86 23.54 6.30
CA ALA C 128 7.11 22.76 7.54
C ALA C 128 7.85 23.61 8.55
N VAL C 129 8.88 24.32 8.08
CA VAL C 129 9.67 25.18 8.95
C VAL C 129 8.81 26.28 9.63
N GLY C 130 7.83 26.83 8.91
CA GLY C 130 6.88 27.79 9.49
C GLY C 130 5.66 27.22 10.25
N ASP C 131 5.57 25.90 10.36
CA ASP C 131 4.47 25.19 11.01
C ASP C 131 4.88 24.99 12.46
N ALA C 132 4.14 25.64 13.37
CA ALA C 132 4.34 25.57 14.82
C ALA C 132 4.43 24.19 15.46
N ARG C 133 3.83 23.21 14.83
CA ARG C 133 3.68 21.90 15.43
C ARG C 133 4.98 21.10 15.52
N TRP C 134 6.01 21.50 14.78
CA TRP C 134 7.32 20.83 14.89
C TRP C 134 8.10 21.28 16.13
N TRP C 135 7.81 22.50 16.60
CA TRP C 135 8.65 23.23 17.53
C TRP C 135 8.10 23.15 18.98
N GLY C 136 8.69 22.28 19.78
CA GLY C 136 8.29 22.14 21.18
C GLY C 136 8.89 23.16 22.10
N GLY C 137 8.34 23.20 23.32
CA GLY C 137 8.74 24.16 24.36
C GLY C 137 8.59 25.62 24.00
N GLU C 138 9.35 26.48 24.68
CA GLU C 138 9.17 27.91 24.54
C GLU C 138 10.46 28.64 24.22
N PRO C 139 10.56 29.23 23.01
CA PRO C 139 11.78 29.99 22.71
C PRO C 139 11.76 31.34 23.39
N VAL C 140 12.93 31.90 23.66
CA VAL C 140 12.98 33.18 24.37
C VAL C 140 12.04 34.27 23.81
N TRP C 141 11.89 34.34 22.49
CA TRP C 141 11.08 35.42 21.88
C TRP C 141 9.62 35.35 22.28
N VAL C 142 9.10 34.12 22.37
CA VAL C 142 7.73 33.91 22.88
C VAL C 142 7.54 34.41 24.31
N GLY C 143 8.54 34.17 25.16
CA GLY C 143 8.48 34.69 26.53
C GLY C 143 8.57 36.22 26.57
N VAL C 144 9.43 36.77 25.72
CA VAL C 144 9.53 38.22 25.61
C VAL C 144 8.15 38.83 25.24
N GLU C 145 7.53 38.35 24.16
CA GLU C 145 6.21 38.84 23.71
C GLU C 145 5.07 38.60 24.75
N ASN C 146 5.18 37.53 25.53
CA ASN C 146 4.17 37.23 26.53
C ASN C 146 4.27 38.06 27.82
N THR C 147 5.29 38.92 27.95
CA THR C 147 5.39 39.91 29.03
C THR C 147 5.07 41.34 28.56
N GLY C 148 4.68 41.53 27.30
CA GLY C 148 4.43 42.88 26.76
C GLY C 148 5.65 43.57 26.15
N GLN C 149 6.80 42.90 26.20
CA GLN C 149 8.00 43.44 25.55
C GLN C 149 8.03 42.97 24.14
N HIS C 150 8.96 43.49 23.35
CA HIS C 150 9.00 43.10 21.94
C HIS C 150 10.33 42.46 21.60
N ALA C 151 10.26 41.45 20.74
CA ALA C 151 11.45 40.80 20.19
C ALA C 151 11.46 41.00 18.70
N ALA C 152 12.67 41.13 18.16
CA ALA C 152 12.90 41.19 16.74
C ALA C 152 13.94 40.09 16.35
N THR C 153 13.63 39.31 15.31
CA THR C 153 14.50 38.20 14.89
C THR C 153 14.87 38.32 13.42
N TRP C 154 16.17 38.46 13.13
CA TRP C 154 16.62 38.47 11.75
C TRP C 154 16.21 37.20 11.04
N SER C 155 16.66 36.05 11.57
CA SER C 155 16.36 34.77 10.93
C SER C 155 16.23 33.50 11.80
N TRP C 156 16.38 33.62 13.11
CA TRP C 156 16.58 32.49 14.00
C TRP C 156 15.68 31.25 13.71
N PRO C 157 16.29 30.04 13.73
CA PRO C 157 15.50 28.85 13.47
C PRO C 157 14.29 28.79 14.43
N GLY C 158 13.09 28.73 13.85
CA GLY C 158 11.82 28.68 14.63
C GLY C 158 11.08 30.00 14.67
N SER C 159 11.74 31.07 14.27
CA SER C 159 11.13 32.42 14.31
C SER C 159 10.06 32.71 13.24
N GLU C 160 9.95 31.80 12.27
CA GLU C 160 9.04 31.95 11.18
C GLU C 160 7.74 31.25 11.48
N ALA C 161 7.64 30.57 12.64
CA ALA C 161 6.46 29.88 13.08
C ALA C 161 5.74 30.58 14.24
N ALA C 162 4.45 30.31 14.37
CA ALA C 162 3.61 30.83 15.48
C ALA C 162 3.69 29.86 16.68
N ILE C 163 4.87 29.82 17.30
CA ILE C 163 5.17 28.82 18.35
C ILE C 163 4.44 29.23 19.64
N LYS C 164 3.78 28.28 20.28
CA LYS C 164 2.73 28.54 21.28
C LYS C 164 1.77 29.65 20.85
N GLY C 165 1.43 29.74 19.56
CA GLY C 165 0.50 30.78 19.07
C GLY C 165 1.07 32.19 19.02
N VAL C 166 2.39 32.35 19.17
CA VAL C 166 3.00 33.69 19.27
C VAL C 166 4.16 33.83 18.30
N ARG C 167 4.23 34.97 17.64
CA ARG C 167 5.32 35.30 16.75
C ARG C 167 6.07 36.49 17.31
N PRO C 168 7.35 36.67 16.90
CA PRO C 168 7.99 37.91 17.18
C PRO C 168 7.25 39.11 16.57
N SER C 169 7.37 40.26 17.24
CA SER C 169 6.95 41.56 16.73
C SER C 169 7.65 41.94 15.40
N GLN C 170 8.91 41.57 15.23
CA GLN C 170 9.60 41.76 13.94
C GLN C 170 10.29 40.47 13.57
N TRP C 171 10.10 40.05 12.31
CA TRP C 171 10.71 38.81 11.78
C TRP C 171 10.60 38.79 10.26
N ARG C 172 11.21 37.81 9.61
CA ARG C 172 11.07 37.66 8.16
C ARG C 172 11.33 36.24 7.69
N HIS C 173 11.27 36.03 6.39
CA HIS C 173 11.61 34.75 5.80
C HIS C 173 13.08 34.74 5.44
N TYR C 174 13.80 33.74 5.95
CA TYR C 174 15.20 33.50 5.66
C TYR C 174 15.37 33.24 4.17
N GLN C 175 16.24 33.99 3.53
CA GLN C 175 16.63 33.63 2.16
C GLN C 175 18.14 33.62 2.12
N LYS C 176 18.68 32.81 1.21
CA LYS C 176 20.11 32.75 0.93
C LYS C 176 20.53 34.03 0.25
N GLY C 177 21.75 34.47 0.56
CA GLY C 177 22.42 35.53 -0.21
C GLY C 177 22.15 36.97 0.20
N VAL C 178 21.58 37.20 1.40
CA VAL C 178 21.36 38.57 1.88
C VAL C 178 22.73 39.15 2.27
N ARG C 179 22.99 40.38 1.84
CA ARG C 179 24.25 41.08 2.16
C ARG C 179 24.45 41.24 3.66
N LEU C 180 25.70 41.51 4.03
CA LEU C 180 26.09 41.64 5.44
C LEU C 180 25.52 42.93 6.01
N ASP C 181 25.81 44.05 5.35
CA ASP C 181 25.33 45.34 5.81
C ASP C 181 23.80 45.46 5.84
N THR C 182 23.10 44.82 4.91
CA THR C 182 21.63 44.85 4.88
C THR C 182 21.15 44.43 6.26
N ARG C 183 21.56 43.23 6.67
CA ARG C 183 21.03 42.68 7.94
C ARG C 183 21.66 43.39 9.17
N VAL C 184 22.93 43.80 9.05
CA VAL C 184 23.59 44.54 10.14
C VAL C 184 22.93 45.90 10.39
N ASP C 185 22.50 46.59 9.33
CA ASP C 185 21.75 47.86 9.45
C ASP C 185 20.29 47.69 9.83
N ALA C 186 19.67 46.58 9.44
CA ALA C 186 18.30 46.30 9.91
C ALA C 186 18.30 46.01 11.42
N VAL C 187 19.30 45.26 11.89
CA VAL C 187 19.44 45.01 13.33
C VAL C 187 19.76 46.32 14.11
N ARG C 188 20.69 47.10 13.58
CA ARG C 188 21.04 48.40 14.14
C ARG C 188 19.79 49.29 14.36
N GLY C 189 18.95 49.33 13.33
CA GLY C 189 17.63 49.97 13.40
C GLY C 189 16.74 49.38 14.45
N TRP C 190 16.63 48.05 14.50
CA TRP C 190 15.72 47.43 15.48
C TRP C 190 16.12 47.69 16.94
N LEU C 191 17.42 47.89 17.17
CA LEU C 191 17.91 48.29 18.50
C LEU C 191 17.66 49.76 18.84
N ALA C 192 17.40 50.59 17.81
CA ALA C 192 17.25 52.04 18.01
C ALA C 192 15.81 52.45 18.33
N THR C 193 14.82 51.77 17.76
CA THR C 193 13.41 52.05 18.06
C THR C 193 13.15 52.27 19.55
N ASP C 194 12.41 53.34 19.85
CA ASP C 194 11.95 53.66 21.19
C ASP C 194 10.41 53.69 21.18
N GLY C 195 9.78 53.36 22.32
CA GLY C 195 8.38 53.73 22.59
C GLY C 195 7.33 52.63 22.52
N ALA C 196 6.66 52.52 21.38
CA ALA C 196 5.61 51.51 21.15
C ALA C 196 6.11 50.31 20.33
N GLN C 197 7.42 50.21 20.17
CA GLN C 197 8.05 49.08 19.53
C GLN C 197 9.49 48.90 20.02
N ARG C 198 9.71 49.12 21.32
CA ARG C 198 11.04 48.93 21.89
C ARG C 198 11.33 47.45 21.91
N ASN C 199 12.50 47.07 21.42
CA ASN C 199 12.87 45.65 21.36
C ASN C 199 13.75 45.26 22.53
N ARG C 200 13.22 44.39 23.39
CA ARG C 200 14.01 43.77 24.46
C ARG C 200 15.00 42.72 23.91
N LEU C 201 14.62 42.02 22.82
CA LEU C 201 15.49 41.00 22.20
C LEU C 201 15.62 41.31 20.73
N VAL C 202 16.87 41.21 20.22
CA VAL C 202 17.14 41.28 18.78
C VAL C 202 18.06 40.10 18.46
N THR C 203 17.73 39.30 17.43
CA THR C 203 18.61 38.15 17.03
C THR C 203 19.13 38.34 15.63
N LEU C 204 20.37 37.89 15.44
CA LEU C 204 21.11 38.09 14.20
C LEU C 204 21.83 36.78 13.88
N TYR C 205 21.85 36.37 12.61
CA TYR C 205 22.39 35.07 12.23
C TYR C 205 23.28 35.26 11.03
N PHE C 206 24.39 34.53 10.98
CA PHE C 206 25.31 34.49 9.83
C PHE C 206 25.60 33.04 9.42
N GLU C 207 25.43 32.73 8.13
CA GLU C 207 25.64 31.37 7.60
C GLU C 207 27.06 31.19 7.01
N HIS C 208 27.80 32.28 6.94
CA HIS C 208 28.90 32.40 6.00
C HIS C 208 30.06 31.49 6.45
N VAL C 209 30.32 31.39 7.75
CA VAL C 209 31.44 30.57 8.23
C VAL C 209 31.18 29.10 7.95
N ASP C 210 29.96 28.65 8.23
CA ASP C 210 29.60 27.27 7.99
C ASP C 210 29.71 26.87 6.51
N GLU C 211 29.19 27.70 5.62
CA GLU C 211 29.21 27.38 4.20
C GLU C 211 30.65 27.23 3.67
N ALA C 212 31.54 28.13 4.08
CA ALA C 212 32.93 28.05 3.59
C ALA C 212 33.61 26.86 4.27
N GLY C 213 33.28 26.65 5.55
CA GLY C 213 33.59 25.42 6.23
C GLY C 213 33.30 24.17 5.42
N HIS C 214 32.03 23.96 5.05
CA HIS C 214 31.68 22.86 4.15
C HIS C 214 32.47 22.82 2.84
N ASP C 215 32.65 23.97 2.19
CA ASP C 215 33.25 23.99 0.86
C ASP C 215 34.77 23.71 0.86
N HIS C 216 35.49 24.14 1.90
CA HIS C 216 36.95 24.06 1.89
C HIS C 216 37.63 23.54 3.16
N GLY C 217 36.85 23.23 4.19
CA GLY C 217 37.38 22.79 5.45
C GLY C 217 37.71 23.90 6.42
N PRO C 218 37.84 23.55 7.70
CA PRO C 218 38.14 24.54 8.71
C PRO C 218 39.53 25.13 8.67
N GLU C 219 40.54 24.45 8.14
CA GLU C 219 41.91 25.09 8.05
C GLU C 219 42.09 25.88 6.76
N SER C 220 41.05 25.99 5.94
CA SER C 220 41.15 26.64 4.63
C SER C 220 41.25 28.15 4.69
N ARG C 221 41.87 28.76 3.66
CA ARG C 221 41.91 30.22 3.56
C ARG C 221 40.50 30.78 3.43
N GLN C 222 39.58 30.05 2.78
CA GLN C 222 38.21 30.50 2.57
C GLN C 222 37.41 30.55 3.86
N TYR C 223 37.71 29.61 4.77
CA TYR C 223 37.09 29.60 6.12
C TYR C 223 37.50 30.83 6.92
N ALA C 224 38.82 31.02 7.01
CA ALA C 224 39.41 32.16 7.71
C ALA C 224 38.93 33.53 7.19
N ASP C 225 38.77 33.68 5.85
CA ASP C 225 38.20 34.89 5.18
C ASP C 225 36.76 35.11 5.65
N ALA C 226 35.95 34.06 5.63
CA ALA C 226 34.55 34.13 6.07
C ALA C 226 34.46 34.55 7.55
N VAL C 227 35.40 34.07 8.38
CA VAL C 227 35.48 34.49 9.78
C VAL C 227 35.80 35.98 9.81
N ARG C 228 36.87 36.37 9.10
CA ARG C 228 37.21 37.81 9.01
C ARG C 228 36.03 38.67 8.55
N ALA C 229 35.31 38.25 7.53
CA ALA C 229 34.21 39.07 7.02
C ALA C 229 33.09 39.22 8.04
N VAL C 230 32.70 38.09 8.67
CA VAL C 230 31.61 38.12 9.69
C VAL C 230 32.02 38.99 10.88
N ASP C 231 33.27 38.83 11.33
CA ASP C 231 33.83 39.64 12.40
C ASP C 231 33.86 41.15 12.10
N ALA C 232 34.13 41.48 10.85
CA ALA C 232 34.12 42.89 10.43
C ALA C 232 32.69 43.45 10.43
N ALA C 233 31.73 42.65 9.96
CA ALA C 233 30.32 43.05 9.94
C ALA C 233 29.80 43.29 11.34
N ILE C 234 30.22 42.46 12.28
CA ILE C 234 29.87 42.71 13.67
C ILE C 234 30.51 44.02 14.16
N GLY C 235 31.81 44.22 13.91
CA GLY C 235 32.48 45.48 14.24
C GLY C 235 31.73 46.73 13.76
N ARG C 236 31.30 46.69 12.51
CA ARG C 236 30.42 47.72 11.93
C ARG C 236 29.10 47.89 12.68
N LEU C 237 28.47 46.78 13.07
CA LEU C 237 27.29 46.87 13.88
C LEU C 237 27.61 47.53 15.20
N LEU C 238 28.68 47.08 15.87
CA LEU C 238 29.02 47.63 17.19
C LEU C 238 29.31 49.13 17.14
N ALA C 239 30.05 49.59 16.14
CA ALA C 239 30.43 51.02 16.09
C ALA C 239 29.21 51.91 15.80
N GLY C 240 28.27 51.38 15.01
CA GLY C 240 27.01 52.04 14.73
C GLY C 240 26.10 52.08 15.94
N MET C 241 26.12 51.02 16.75
CA MET C 241 25.40 51.09 18.01
C MET C 241 25.98 52.20 18.93
N GLN C 242 27.30 52.36 18.96
CA GLN C 242 27.93 53.39 19.78
C GLN C 242 27.50 54.81 19.30
N ARG C 243 27.72 55.09 18.02
CA ARG C 243 27.23 56.34 17.45
C ARG C 243 25.72 56.53 17.72
N ASP C 244 24.92 55.47 17.66
CA ASP C 244 23.48 55.57 18.01
C ASP C 244 23.18 55.76 19.50
N GLY C 245 24.15 55.42 20.36
CA GLY C 245 23.97 55.41 21.81
C GLY C 245 23.17 54.22 22.33
N THR C 246 23.24 53.08 21.63
CA THR C 246 22.63 51.83 22.11
C THR C 246 23.69 50.87 22.67
N ARG C 247 24.95 51.02 22.29
CA ARG C 247 25.98 50.10 22.74
C ARG C 247 26.02 49.92 24.26
N ALA C 248 26.14 51.04 24.98
CA ALA C 248 26.21 51.01 26.45
C ALA C 248 24.98 50.40 27.16
N ARG C 249 23.78 50.59 26.60
CA ARG C 249 22.56 50.04 27.22
C ARG C 249 22.15 48.64 26.72
N THR C 250 23.02 47.96 25.97
CA THR C 250 22.69 46.65 25.37
C THR C 250 23.69 45.54 25.75
N ASN C 251 23.13 44.43 26.26
CA ASN C 251 23.89 43.21 26.43
C ASN C 251 23.94 42.45 25.09
N ILE C 252 25.05 41.77 24.84
CA ILE C 252 25.33 41.02 23.61
C ILE C 252 25.81 39.63 23.94
N ILE C 253 25.17 38.61 23.36
CA ILE C 253 25.63 37.22 23.40
C ILE C 253 26.00 36.79 21.97
N VAL C 254 27.21 36.30 21.79
CA VAL C 254 27.60 35.65 20.53
C VAL C 254 27.83 34.15 20.78
N VAL C 255 27.18 33.35 19.95
CA VAL C 255 27.29 31.92 20.01
C VAL C 255 27.55 31.36 18.64
N SER C 256 27.92 30.09 18.59
CA SER C 256 27.84 29.35 17.36
C SER C 256 27.03 28.14 17.72
N ASP C 257 26.50 27.48 16.71
CA ASP C 257 25.75 26.24 16.87
C ASP C 257 26.66 25.00 17.01
N HIS C 258 27.89 25.11 16.52
CA HIS C 258 28.87 24.00 16.57
C HIS C 258 30.14 24.45 15.91
N GLY C 259 31.10 23.55 15.91
CA GLY C 259 32.40 23.74 15.24
C GLY C 259 32.41 23.14 13.86
N MET C 260 33.59 22.63 13.45
CA MET C 260 33.81 22.20 12.07
C MET C 260 35.06 21.32 11.97
N ALA C 261 34.92 20.15 11.31
CA ALA C 261 36.02 19.17 11.14
C ALA C 261 36.36 19.01 9.70
N GLU C 262 37.60 18.58 9.45
CA GLU C 262 38.08 18.41 8.10
C GLU C 262 37.62 17.07 7.56
N VAL C 263 37.15 17.07 6.31
CA VAL C 263 36.76 15.86 5.60
C VAL C 263 37.70 15.82 4.42
N ALA C 264 38.64 14.89 4.45
CA ALA C 264 39.73 14.90 3.45
C ALA C 264 39.19 14.24 2.20
N PRO C 265 39.85 14.42 1.03
CA PRO C 265 39.37 13.65 -0.12
C PRO C 265 39.36 12.12 0.16
N GLY C 266 38.44 11.42 -0.46
CA GLY C 266 38.24 9.99 -0.24
C GLY C 266 37.56 9.60 1.05
N HIS C 267 36.87 10.54 1.72
CA HIS C 267 36.19 10.23 3.00
C HIS C 267 34.63 10.22 2.85
N ALA C 268 34.13 9.90 1.66
CA ALA C 268 32.68 9.84 1.43
C ALA C 268 32.29 8.45 1.00
N ILE C 269 31.32 7.88 1.70
CA ILE C 269 30.73 6.58 1.33
C ILE C 269 29.27 6.84 0.98
N SER C 270 28.62 5.87 0.34
CA SER C 270 27.17 5.92 0.11
C SER C 270 26.51 5.46 1.38
N VAL C 271 25.32 6.00 1.66
CA VAL C 271 24.46 5.44 2.70
C VAL C 271 24.03 3.99 2.45
N GLU C 272 24.08 3.53 1.20
CA GLU C 272 23.70 2.14 0.87
C GLU C 272 24.74 1.11 1.21
N ASP C 273 26.00 1.53 1.32
CA ASP C 273 27.11 0.74 1.91
C ASP C 273 26.97 0.44 3.42
N ILE C 274 25.97 1.02 4.09
CA ILE C 274 25.65 0.71 5.50
C ILE C 274 24.47 -0.23 5.58
N ALA C 275 23.38 0.16 4.94
CA ALA C 275 22.19 -0.68 4.78
C ALA C 275 21.62 -0.59 3.34
N PRO C 276 21.10 -1.71 2.80
CA PRO C 276 20.49 -1.68 1.45
C PRO C 276 19.01 -1.30 1.50
N PRO C 277 18.50 -0.67 0.43
CA PRO C 277 17.11 -0.17 0.42
C PRO C 277 16.00 -1.25 0.45
N GLN C 278 16.32 -2.49 0.04
CA GLN C 278 15.37 -3.62 0.16
C GLN C 278 15.06 -3.96 1.62
N ILE C 279 16.00 -3.62 2.50
CA ILE C 279 15.95 -3.92 3.93
C ILE C 279 15.70 -2.68 4.83
N ALA C 280 16.34 -1.54 4.51
CA ALA C 280 16.13 -0.28 5.28
C ALA C 280 16.23 0.99 4.41
N THR C 281 15.30 1.94 4.65
CA THR C 281 15.36 3.33 4.11
C THR C 281 16.25 4.33 4.89
N ALA C 282 17.27 4.88 4.24
CA ALA C 282 18.03 6.03 4.81
C ALA C 282 17.11 7.26 4.86
N ILE C 283 16.90 7.80 6.05
CA ILE C 283 16.05 8.97 6.27
C ILE C 283 16.83 10.29 6.14
N THR C 284 18.08 10.21 6.61
CA THR C 284 19.02 11.30 6.52
C THR C 284 20.38 10.80 6.02
N ASP C 285 21.18 11.71 5.48
CA ASP C 285 22.57 11.41 5.12
C ASP C 285 23.39 12.46 5.80
N GLY C 286 24.66 12.58 5.42
CA GLY C 286 25.60 13.45 6.06
C GLY C 286 26.40 12.70 7.12
N GLN C 287 26.07 12.94 8.38
CA GLN C 287 26.86 12.36 9.50
C GLN C 287 26.02 11.63 10.53
N VAL C 288 24.77 12.04 10.71
CA VAL C 288 23.88 11.33 11.58
C VAL C 288 22.90 10.63 10.62
N ILE C 289 23.06 9.33 10.45
CA ILE C 289 22.42 8.64 9.36
C ILE C 289 21.27 7.90 10.01
N GLY C 290 20.06 8.37 9.82
CA GLY C 290 18.90 7.66 10.35
C GLY C 290 18.42 6.60 9.38
N PHE C 291 18.14 5.38 9.86
CA PHE C 291 17.62 4.30 9.03
C PHE C 291 16.34 3.74 9.58
N GLU C 292 15.40 3.47 8.68
CA GLU C 292 14.08 2.94 9.03
C GLU C 292 13.84 1.57 8.37
N PRO C 293 13.92 0.47 9.14
CA PRO C 293 13.33 -0.82 8.80
C PRO C 293 12.06 -0.81 7.92
N LEU C 294 12.15 -1.36 6.71
CA LEU C 294 10.96 -1.59 5.85
C LEU C 294 10.03 -2.62 6.52
N PRO C 295 8.70 -2.59 6.24
CA PRO C 295 7.72 -3.41 7.00
C PRO C 295 8.13 -4.90 7.14
N GLY C 296 8.22 -5.38 8.39
CA GLY C 296 8.60 -6.76 8.73
C GLY C 296 10.09 -7.11 8.58
N GLN C 297 10.93 -6.10 8.34
CA GLN C 297 12.37 -6.32 8.09
C GLN C 297 13.25 -5.93 9.29
N GLN C 298 12.64 -5.58 10.41
CA GLN C 298 13.36 -5.17 11.65
C GLN C 298 14.67 -5.94 11.86
N ALA C 299 14.55 -7.27 11.93
CA ALA C 299 15.67 -8.16 12.20
C ALA C 299 16.74 -8.17 11.10
N ALA C 300 16.29 -8.04 9.86
CA ALA C 300 17.20 -7.99 8.72
C ALA C 300 18.06 -6.74 8.83
N ALA C 301 17.43 -5.61 9.15
CA ALA C 301 18.16 -4.34 9.32
C ALA C 301 19.16 -4.44 10.46
N GLU C 302 18.66 -4.92 11.60
CA GLU C 302 19.44 -5.03 12.85
C GLU C 302 20.59 -6.04 12.83
N ALA C 303 20.45 -7.09 12.02
CA ALA C 303 21.52 -8.10 11.86
C ALA C 303 22.86 -7.47 11.45
N SER C 304 22.76 -6.46 10.58
CA SER C 304 23.85 -5.95 9.76
C SER C 304 24.10 -4.42 9.80
N VAL C 305 23.19 -3.67 10.43
CA VAL C 305 23.42 -2.25 10.67
C VAL C 305 24.14 -2.04 12.01
N LEU C 306 23.67 -2.71 13.04
CA LEU C 306 24.04 -2.40 14.42
C LEU C 306 25.45 -2.81 14.77
N GLY C 307 26.10 -1.99 15.58
CA GLY C 307 27.42 -2.27 16.13
C GLY C 307 28.47 -1.42 15.45
N ALA C 308 29.69 -1.93 15.47
CA ALA C 308 30.88 -1.19 15.09
C ALA C 308 31.25 -1.39 13.64
N HIS C 309 31.53 -0.31 12.92
CA HIS C 309 31.94 -0.44 11.53
C HIS C 309 33.19 0.36 11.28
N ASP C 310 33.71 0.32 10.06
CA ASP C 310 35.02 0.92 9.73
C ASP C 310 35.09 2.40 10.17
N HIS C 311 34.07 3.15 9.79
CA HIS C 311 34.11 4.60 9.93
C HIS C 311 32.82 5.18 10.47
N TYR C 312 32.03 4.34 11.14
CA TYR C 312 30.78 4.75 11.78
C TYR C 312 30.40 3.66 12.78
N ASP C 313 29.44 3.94 13.67
CA ASP C 313 28.79 2.90 14.50
C ASP C 313 27.30 3.13 14.46
N CYS C 314 26.51 2.11 14.75
CA CYS C 314 25.05 2.29 14.76
C CYS C 314 24.37 1.65 15.93
N TRP C 315 23.36 2.33 16.46
CA TRP C 315 22.56 1.84 17.54
C TRP C 315 21.10 1.86 17.19
N ARG C 316 20.32 1.07 17.90
CA ARG C 316 18.89 1.27 18.02
C ARG C 316 18.75 2.60 18.75
N LYS C 317 17.69 3.34 18.48
CA LYS C 317 17.62 4.71 19.02
C LYS C 317 17.57 4.76 20.56
N ALA C 318 16.85 3.84 21.20
CA ALA C 318 16.80 3.83 22.68
C ALA C 318 18.12 3.37 23.32
N GLU C 319 19.00 2.74 22.54
CA GLU C 319 20.28 2.28 23.01
C GLU C 319 21.43 3.20 22.59
N LEU C 320 21.11 4.40 22.09
CA LEU C 320 22.15 5.39 21.77
C LEU C 320 22.93 5.81 23.04
N PRO C 321 24.28 5.99 22.94
CA PRO C 321 25.08 6.40 24.10
C PRO C 321 24.35 7.45 24.93
N ALA C 322 24.25 7.15 26.21
CA ALA C 322 23.54 7.97 27.18
C ALA C 322 24.10 9.39 27.23
N ARG C 323 25.40 9.55 26.98
CA ARG C 323 26.02 10.87 26.98
C ARG C 323 25.50 11.87 25.92
N TRP C 324 24.91 11.36 24.86
CA TRP C 324 24.21 12.19 23.85
C TRP C 324 22.79 12.66 24.29
N GLN C 325 22.14 11.96 25.21
CA GLN C 325 20.79 12.35 25.69
C GLN C 325 19.87 12.60 24.51
N TYR C 326 19.92 11.66 23.58
CA TYR C 326 19.13 11.65 22.36
C TYR C 326 18.70 10.20 22.11
N GLY C 327 17.50 10.00 21.62
CA GLY C 327 17.02 8.66 21.42
C GLY C 327 15.56 8.46 21.72
N SER C 328 15.05 9.23 22.65
CA SER C 328 13.67 9.01 23.13
C SER C 328 12.60 9.57 22.20
N HIS C 329 12.91 10.61 21.41
CA HIS C 329 11.86 11.27 20.62
C HIS C 329 11.27 10.36 19.49
N PRO C 330 9.92 10.37 19.31
CA PRO C 330 9.31 9.56 18.25
C PRO C 330 9.78 9.84 16.83
N ARG C 331 10.22 11.05 16.53
CA ARG C 331 10.69 11.41 15.20
C ARG C 331 12.08 10.88 14.84
N ILE C 332 12.81 10.31 15.79
CA ILE C 332 14.16 9.78 15.46
C ILE C 332 13.87 8.43 14.78
N PRO C 333 14.39 8.21 13.56
CA PRO C 333 14.29 6.85 13.02
C PRO C 333 14.77 5.74 14.01
N SER C 334 14.29 4.52 13.80
CA SER C 334 14.54 3.40 14.73
C SER C 334 16.00 3.09 14.94
N LEU C 335 16.79 3.17 13.86
CA LEU C 335 18.24 3.00 13.90
C LEU C 335 19.01 4.26 13.48
N VAL C 336 20.06 4.59 14.22
CA VAL C 336 20.83 5.82 14.03
C VAL C 336 22.29 5.41 13.96
N CYS C 337 22.98 5.96 12.97
CA CYS C 337 24.41 5.71 12.78
C CYS C 337 25.11 7.04 12.88
N GLN C 338 26.19 7.07 13.63
CA GLN C 338 26.97 8.25 13.76
C GLN C 338 28.18 8.02 12.87
N MET C 339 28.49 8.94 11.95
CA MET C 339 29.76 8.85 11.25
C MET C 339 30.88 9.30 12.21
N HIS C 340 32.03 8.63 12.16
CA HIS C 340 33.25 9.12 12.80
C HIS C 340 33.73 10.46 12.24
N GLU C 341 34.39 11.23 13.09
CA GLU C 341 34.94 12.53 12.71
C GLU C 341 35.53 12.51 11.29
N GLY C 342 35.14 13.50 10.48
CA GLY C 342 35.59 13.61 9.10
C GLY C 342 35.22 12.54 8.06
N TRP C 343 34.12 11.82 8.28
CA TRP C 343 33.52 10.95 7.26
C TRP C 343 32.08 11.38 6.98
N ASP C 344 31.68 11.22 5.73
CA ASP C 344 30.37 11.62 5.21
C ASP C 344 29.81 10.36 4.60
N ALA C 345 28.51 10.14 4.88
CA ALA C 345 27.76 9.09 4.22
C ALA C 345 26.65 9.80 3.47
N LEU C 346 26.64 9.63 2.15
CA LEU C 346 25.73 10.33 1.24
C LEU C 346 24.72 9.47 0.50
N PHE C 347 23.62 10.12 0.13
CA PHE C 347 22.63 9.51 -0.75
C PHE C 347 23.35 9.21 -2.06
N PRO C 348 23.03 8.06 -2.70
CA PRO C 348 23.79 7.60 -3.89
C PRO C 348 23.91 8.65 -4.95
N ASP C 349 22.79 9.30 -5.28
CA ASP C 349 22.81 10.34 -6.30
C ASP C 349 23.68 11.52 -5.92
N LYS C 350 23.68 11.94 -4.65
CA LYS C 350 24.58 13.02 -4.19
C LYS C 350 26.06 12.64 -4.29
N LEU C 351 26.40 11.37 -4.09
CA LEU C 351 27.80 10.93 -4.11
C LEU C 351 28.46 11.08 -5.50
N ALA C 352 27.67 10.85 -6.55
CA ALA C 352 28.10 11.06 -7.96
C ALA C 352 28.37 12.53 -8.35
N LYS C 353 27.70 13.48 -7.72
CA LYS C 353 27.89 14.91 -8.02
C LYS C 353 29.15 15.52 -7.39
N ARG C 354 29.65 14.87 -6.34
CA ARG C 354 30.76 15.34 -5.54
C ARG C 354 32.08 15.07 -6.20
N ALA C 355 32.86 16.13 -6.43
CA ALA C 355 34.18 16.01 -7.08
C ALA C 355 35.18 15.50 -6.08
N GLN C 356 36.09 14.64 -6.56
CA GLN C 356 37.09 14.02 -5.70
C GLN C 356 38.23 14.97 -5.33
N ARG C 357 38.26 16.19 -5.91
CA ARG C 357 39.34 17.14 -5.66
C ARG C 357 39.40 17.66 -4.21
N GLY C 358 38.58 18.65 -3.90
CA GLY C 358 38.79 19.48 -2.70
C GLY C 358 38.77 18.82 -1.33
N THR C 359 39.57 19.41 -0.43
CA THR C 359 39.43 19.17 1.00
C THR C 359 38.17 19.87 1.42
N ARG C 360 37.28 19.16 2.10
CA ARG C 360 35.96 19.69 2.53
C ARG C 360 35.83 19.82 4.05
N GLY C 361 34.62 20.15 4.51
CA GLY C 361 34.32 20.23 5.94
C GLY C 361 32.93 19.71 6.29
N SER C 362 32.83 19.17 7.50
CA SER C 362 31.56 18.72 8.07
C SER C 362 31.54 18.87 9.59
N HIS C 363 30.31 18.96 10.11
CA HIS C 363 30.02 18.83 11.52
C HIS C 363 28.98 17.69 11.62
N GLY C 364 28.07 17.69 12.59
CA GLY C 364 27.25 16.54 12.81
C GLY C 364 27.96 15.35 13.49
N TYR C 365 29.20 15.55 13.97
CA TYR C 365 29.90 14.53 14.71
C TYR C 365 29.66 14.65 16.18
N ASP C 366 30.09 13.60 16.88
CA ASP C 366 30.06 13.54 18.35
C ASP C 366 30.33 14.90 19.03
N PRO C 367 29.28 15.52 19.67
CA PRO C 367 29.43 16.83 20.32
C PRO C 367 30.54 16.95 21.39
N ALA C 368 31.05 15.83 21.90
CA ALA C 368 32.18 15.81 22.84
C ALA C 368 33.53 16.15 22.18
N LEU C 369 33.62 15.99 20.87
CA LEU C 369 34.87 16.21 20.16
C LEU C 369 35.26 17.67 20.19
N PRO C 370 36.57 17.94 20.38
CA PRO C 370 37.09 19.29 20.28
C PRO C 370 36.72 20.03 18.96
N SER C 371 36.79 19.33 17.84
CA SER C 371 36.42 19.97 16.56
C SER C 371 34.96 20.50 16.53
N MET C 372 34.06 19.85 17.26
CA MET C 372 32.65 20.26 17.31
C MET C 372 32.31 21.41 18.27
N ARG C 373 33.28 21.85 19.06
CA ARG C 373 33.08 22.98 20.00
C ARG C 373 32.63 24.33 19.39
N ALA C 374 31.66 24.95 20.07
CA ALA C 374 31.12 26.26 19.76
C ALA C 374 31.77 27.37 20.62
N VAL C 375 31.56 28.62 20.21
CA VAL C 375 31.96 29.78 20.98
C VAL C 375 30.79 30.20 21.86
N PHE C 376 31.13 30.82 22.98
CA PHE C 376 30.22 31.62 23.75
C PHE C 376 31.07 32.80 24.27
N LEU C 377 30.64 34.00 23.86
CA LEU C 377 31.07 35.20 24.50
C LEU C 377 29.88 36.11 24.78
N ALA C 378 30.06 36.98 25.76
CA ALA C 378 29.00 37.87 26.20
C ALA C 378 29.55 39.15 26.80
N GLN C 379 28.91 40.25 26.50
CA GLN C 379 29.40 41.56 26.90
C GLN C 379 28.30 42.63 27.00
N GLY C 380 28.46 43.51 27.97
CA GLY C 380 27.53 44.61 28.18
C GLY C 380 27.40 45.02 29.63
N PRO C 381 26.45 45.92 29.93
CA PRO C 381 26.30 46.52 31.27
C PRO C 381 26.04 45.53 32.41
N ASP C 382 25.31 44.44 32.13
CA ASP C 382 24.98 43.46 33.18
C ASP C 382 25.95 42.29 33.25
N LEU C 383 27.00 42.31 32.43
CA LEU C 383 27.96 41.21 32.30
C LEU C 383 29.37 41.58 32.81
N ALA C 384 30.06 40.61 33.39
CA ALA C 384 31.38 40.86 33.94
C ALA C 384 32.36 41.30 32.83
N GLN C 385 33.56 41.70 33.22
CA GLN C 385 34.54 42.30 32.31
C GLN C 385 35.87 41.56 32.47
N GLY C 386 36.48 41.18 31.35
CA GLY C 386 37.72 40.39 31.35
C GLY C 386 37.70 39.14 32.20
N LYS C 387 36.65 38.33 32.02
CA LYS C 387 36.50 37.07 32.75
C LYS C 387 36.47 35.90 31.78
N THR C 388 36.94 34.74 32.25
CA THR C 388 37.01 33.51 31.45
C THR C 388 36.25 32.42 32.19
N LEU C 389 35.41 31.69 31.46
CA LEU C 389 34.60 30.63 32.05
C LEU C 389 35.05 29.27 31.56
N PRO C 390 34.82 28.21 32.36
CA PRO C 390 35.18 26.91 31.83
C PRO C 390 34.25 26.56 30.70
N GLY C 391 34.68 25.60 29.90
CA GLY C 391 33.81 25.05 28.85
C GLY C 391 32.55 24.56 29.49
N PHE C 392 31.43 24.64 28.79
CA PHE C 392 30.16 24.18 29.34
C PHE C 392 29.15 23.76 28.26
N ASP C 393 27.99 23.29 28.71
CA ASP C 393 26.95 22.71 27.86
C ASP C 393 25.99 23.78 27.29
N ASN C 394 25.68 23.77 25.99
CA ASN C 394 24.87 24.88 25.41
C ASN C 394 23.40 24.97 25.93
N VAL C 395 22.91 23.91 26.57
CA VAL C 395 21.60 24.00 27.29
C VAL C 395 21.52 25.02 28.42
N ASP C 396 22.67 25.46 28.91
CA ASP C 396 22.75 26.46 29.97
C ASP C 396 22.63 27.95 29.56
N VAL C 397 22.74 28.27 28.27
CA VAL C 397 22.71 29.66 27.81
C VAL C 397 21.29 30.23 28.12
N TYR C 398 20.27 29.41 27.98
CA TYR C 398 18.89 29.87 28.08
C TYR C 398 18.60 30.57 29.40
N ALA C 399 18.92 29.93 30.52
CA ALA C 399 18.70 30.53 31.87
C ALA C 399 19.27 31.95 32.00
N LEU C 400 20.48 32.12 31.43
CA LEU C 400 21.14 33.43 31.44
C LEU C 400 20.29 34.36 30.60
N MET C 401 19.90 33.93 29.40
CA MET C 401 19.09 34.82 28.53
C MET C 401 17.75 35.21 29.14
N SER C 402 17.09 34.25 29.77
CA SER C 402 15.82 34.50 30.43
C SER C 402 15.97 35.59 31.49
N ARG C 403 17.10 35.57 32.23
CA ARG C 403 17.38 36.59 33.25
C ARG C 403 17.56 37.99 32.64
N LEU C 404 18.44 38.08 31.67
CA LEU C 404 18.72 39.31 30.98
C LEU C 404 17.49 39.89 30.22
N LEU C 405 16.52 39.04 29.88
CA LEU C 405 15.29 39.41 29.17
C LEU C 405 14.09 39.71 30.09
N GLY C 406 14.25 39.59 31.41
CA GLY C 406 13.15 39.83 32.36
C GLY C 406 11.96 38.89 32.21
N ILE C 407 12.19 37.66 31.78
CA ILE C 407 11.10 36.73 31.47
C ILE C 407 11.16 35.52 32.38
N PRO C 408 10.01 34.90 32.69
CA PRO C 408 10.08 33.66 33.50
C PRO C 408 10.69 32.48 32.72
N ALA C 409 11.76 31.87 33.26
CA ALA C 409 12.44 30.72 32.62
C ALA C 409 11.50 29.56 32.59
N ALA C 410 11.18 29.08 31.38
CA ALA C 410 10.31 27.91 31.25
C ALA C 410 11.07 26.62 31.65
N PRO C 411 10.34 25.51 31.88
CA PRO C 411 11.06 24.35 32.38
C PRO C 411 12.01 23.86 31.31
N ASN C 412 13.26 23.59 31.69
CA ASN C 412 14.33 23.34 30.72
C ASN C 412 15.33 22.34 31.25
N ASP C 413 16.31 22.00 30.41
CA ASP C 413 17.28 20.96 30.68
C ASP C 413 18.61 21.53 31.15
N GLY C 414 18.69 22.85 31.26
CA GLY C 414 19.91 23.50 31.63
C GLY C 414 19.96 23.69 33.14
N ASN C 415 21.12 24.10 33.61
CA ASN C 415 21.37 24.41 34.98
C ASN C 415 21.59 25.92 35.10
N PRO C 416 20.68 26.64 35.81
CA PRO C 416 20.77 28.09 36.13
C PRO C 416 22.09 28.52 36.73
N ALA C 417 22.73 27.65 37.49
CA ALA C 417 23.94 28.01 38.18
C ALA C 417 25.10 28.28 37.24
N THR C 418 25.20 27.58 36.13
CA THR C 418 26.42 27.64 35.33
C THR C 418 26.86 29.03 34.87
N LEU C 419 25.94 29.85 34.35
CA LEU C 419 26.33 31.14 33.77
C LEU C 419 26.11 32.38 34.67
N LEU C 420 25.69 32.20 35.93
CA LEU C 420 25.70 33.30 36.91
C LEU C 420 27.05 34.09 36.99
N PRO C 421 28.21 33.40 36.95
CA PRO C 421 29.49 34.11 36.93
C PRO C 421 29.71 35.03 35.72
N ALA C 422 28.89 34.90 34.66
CA ALA C 422 28.93 35.85 33.53
C ALA C 422 28.37 37.21 33.92
N LEU C 423 27.50 37.26 34.93
CA LEU C 423 26.83 38.51 35.32
C LEU C 423 27.78 39.41 36.09
N ARG C 424 27.52 40.73 36.05
CA ARG C 424 28.43 41.65 36.74
C ARG C 424 28.39 41.41 38.24
N MET C 425 27.21 41.18 38.80
CA MET C 425 27.09 40.78 40.20
C MET C 425 25.80 39.95 40.44
N PRO C 426 25.81 38.96 41.39
CA PRO C 426 24.71 38.03 41.73
C PRO C 426 23.36 38.08 41.00
N HIS D 46 -29.68 -39.31 -16.47
CA HIS D 46 -30.81 -38.80 -15.61
C HIS D 46 -31.16 -37.34 -15.93
N ALA D 47 -32.44 -36.99 -15.89
CA ALA D 47 -32.94 -35.64 -16.16
C ALA D 47 -33.10 -34.82 -14.89
N LEU D 48 -33.09 -33.50 -15.01
CA LEU D 48 -33.35 -32.60 -13.86
C LEU D 48 -34.65 -31.80 -14.07
N LEU D 49 -35.52 -31.80 -13.05
CA LEU D 49 -36.69 -30.96 -12.99
C LEU D 49 -36.39 -29.87 -12.01
N LEU D 50 -36.38 -28.61 -12.48
CA LEU D 50 -36.09 -27.48 -11.62
C LEU D 50 -37.31 -26.64 -11.40
N ILE D 51 -37.68 -26.45 -10.16
CA ILE D 51 -38.95 -25.83 -9.86
C ILE D 51 -38.65 -24.66 -8.96
N SER D 52 -39.19 -23.50 -9.31
CA SER D 52 -39.14 -22.38 -8.40
C SER D 52 -40.55 -22.04 -7.96
N ILE D 53 -40.70 -21.82 -6.66
CA ILE D 53 -41.95 -21.36 -6.07
C ILE D 53 -41.63 -19.98 -5.60
N ASP D 54 -42.08 -18.98 -6.34
CA ASP D 54 -41.63 -17.63 -6.07
C ASP D 54 -42.05 -17.21 -4.67
N GLY D 55 -41.12 -16.59 -3.91
CA GLY D 55 -41.47 -15.96 -2.63
C GLY D 55 -41.79 -16.88 -1.46
N LEU D 56 -41.40 -18.15 -1.57
CA LEU D 56 -41.51 -19.13 -0.48
C LEU D 56 -40.38 -18.95 0.57
N ARG D 57 -40.76 -18.42 1.74
CA ARG D 57 -39.81 -18.25 2.87
C ARG D 57 -39.38 -19.61 3.39
N ALA D 58 -38.12 -19.66 3.84
CA ALA D 58 -37.46 -20.89 4.33
C ALA D 58 -38.29 -21.62 5.39
N ASP D 59 -38.81 -20.85 6.35
CA ASP D 59 -39.59 -21.45 7.47
C ASP D 59 -40.92 -22.12 7.05
N MET D 60 -41.37 -21.90 5.83
CA MET D 60 -42.74 -22.27 5.42
C MET D 60 -42.96 -23.74 5.19
N LEU D 61 -41.88 -24.49 5.01
CA LEU D 61 -41.92 -25.95 4.99
C LEU D 61 -42.17 -26.59 6.38
N ASP D 62 -42.21 -25.77 7.44
CA ASP D 62 -42.42 -26.26 8.84
C ASP D 62 -43.72 -25.73 9.49
N ARG D 63 -44.75 -25.47 8.68
CA ARG D 63 -46.04 -24.97 9.17
C ARG D 63 -47.23 -25.90 8.79
N GLY D 64 -46.91 -27.15 8.42
CA GLY D 64 -47.92 -28.13 8.08
C GLY D 64 -48.72 -27.89 6.79
N ILE D 65 -48.25 -26.99 5.92
CA ILE D 65 -49.05 -26.55 4.74
C ILE D 65 -48.42 -26.99 3.42
N THR D 66 -47.44 -27.88 3.51
CA THR D 66 -46.64 -28.31 2.38
C THR D 66 -46.35 -29.81 2.40
N PRO D 67 -47.41 -30.66 2.47
CA PRO D 67 -47.28 -32.13 2.46
C PRO D 67 -46.28 -32.74 1.45
N ASN D 68 -46.48 -32.44 0.17
CA ASN D 68 -45.71 -33.10 -0.88
C ASN D 68 -44.25 -32.69 -0.87
N LEU D 69 -43.99 -31.40 -0.64
CA LEU D 69 -42.59 -30.91 -0.53
C LEU D 69 -41.91 -31.53 0.69
N SER D 70 -42.56 -31.50 1.85
CA SER D 70 -41.99 -32.11 3.08
C SER D 70 -41.70 -33.61 2.83
N HIS D 71 -42.60 -34.28 2.12
CA HIS D 71 -42.32 -35.67 1.72
C HIS D 71 -41.07 -35.76 0.84
N LEU D 72 -40.98 -34.88 -0.15
CA LEU D 72 -39.78 -34.80 -0.98
C LEU D 72 -38.52 -34.53 -0.13
N ALA D 73 -38.66 -33.61 0.82
CA ALA D 73 -37.59 -33.29 1.77
C ALA D 73 -37.13 -34.47 2.62
N ARG D 74 -38.08 -35.34 3.02
CA ARG D 74 -37.75 -36.49 3.89
C ARG D 74 -36.96 -37.56 3.13
N GLU D 75 -37.38 -37.86 1.89
CA GLU D 75 -36.70 -38.88 1.05
C GLU D 75 -35.52 -38.32 0.28
N GLY D 76 -35.23 -37.03 0.47
CA GLY D 76 -34.20 -36.32 -0.30
C GLY D 76 -33.40 -35.38 0.57
N VAL D 77 -32.97 -34.28 -0.02
CA VAL D 77 -32.10 -33.33 0.66
C VAL D 77 -32.86 -32.04 0.99
N ARG D 78 -32.70 -31.51 2.20
CA ARG D 78 -33.21 -30.19 2.56
C ARG D 78 -32.16 -29.31 3.20
N ALA D 79 -32.06 -28.04 2.76
CA ALA D 79 -31.18 -27.02 3.38
C ALA D 79 -31.98 -26.26 4.39
N ARG D 80 -31.39 -25.93 5.53
CA ARG D 80 -32.07 -25.08 6.54
CA ARG D 80 -32.02 -25.05 6.55
C ARG D 80 -32.64 -23.83 5.86
N TRP D 81 -31.82 -23.21 5.00
CA TRP D 81 -32.26 -22.15 4.14
C TRP D 81 -31.24 -21.93 3.02
N MET D 82 -31.65 -21.16 2.02
CA MET D 82 -30.76 -20.67 0.99
C MET D 82 -30.87 -19.14 0.93
N ALA D 83 -29.74 -18.44 1.09
CA ALA D 83 -29.75 -16.98 1.09
C ALA D 83 -29.80 -16.46 -0.33
N PRO D 84 -30.66 -15.48 -0.61
CA PRO D 84 -30.73 -14.92 -1.95
C PRO D 84 -29.54 -13.98 -2.14
N SER D 85 -29.32 -13.56 -3.39
CA SER D 85 -28.31 -12.53 -3.73
C SER D 85 -28.98 -11.18 -3.82
N TYR D 86 -28.16 -10.14 -3.75
CA TYR D 86 -28.62 -8.77 -3.75
C TYR D 86 -28.77 -8.29 -5.20
N PRO D 87 -29.91 -7.65 -5.56
CA PRO D 87 -31.06 -7.40 -4.67
C PRO D 87 -32.04 -8.58 -4.62
N SER D 88 -32.79 -8.74 -3.51
CA SER D 88 -33.62 -9.94 -3.30
C SER D 88 -34.97 -9.84 -4.04
N LEU D 89 -34.85 -9.90 -5.37
CA LEU D 89 -35.98 -9.79 -6.29
C LEU D 89 -35.94 -10.95 -7.29
N ALA D 90 -37.02 -11.11 -8.07
CA ALA D 90 -37.21 -12.30 -8.90
C ALA D 90 -36.18 -12.48 -10.02
N PHE D 91 -36.07 -11.48 -10.88
CA PHE D 91 -35.29 -11.66 -12.10
C PHE D 91 -33.81 -11.81 -11.73
N PRO D 92 -33.30 -10.91 -10.88
CA PRO D 92 -31.90 -11.08 -10.49
C PRO D 92 -31.59 -12.43 -9.85
N ASN D 93 -32.52 -12.95 -9.03
CA ASN D 93 -32.28 -14.21 -8.34
C ASN D 93 -32.53 -15.46 -9.11
N HIS D 94 -33.61 -15.50 -9.90
CA HIS D 94 -33.82 -16.64 -10.85
C HIS D 94 -32.67 -16.76 -11.85
N TYR D 95 -32.20 -15.63 -12.33
CA TYR D 95 -31.08 -15.71 -13.26
C TYR D 95 -29.73 -16.03 -12.53
N THR D 96 -29.55 -15.58 -11.30
CA THR D 96 -28.46 -16.08 -10.43
C THR D 96 -28.53 -17.59 -10.24
N LEU D 97 -29.73 -18.13 -10.01
CA LEU D 97 -29.81 -19.55 -9.78
C LEU D 97 -29.25 -20.37 -10.93
N VAL D 98 -29.62 -20.03 -12.17
CA VAL D 98 -29.25 -20.82 -13.35
C VAL D 98 -27.87 -20.44 -13.98
N THR D 99 -27.19 -19.37 -13.51
CA THR D 99 -25.88 -18.98 -14.02
C THR D 99 -24.74 -19.16 -13.01
N GLY D 100 -25.03 -19.10 -11.71
CA GLY D 100 -24.00 -19.11 -10.68
C GLY D 100 -23.33 -17.75 -10.48
N LEU D 101 -23.92 -16.70 -11.06
CA LEU D 101 -23.37 -15.38 -11.07
C LEU D 101 -24.22 -14.49 -10.19
N ARG D 102 -23.56 -13.61 -9.45
CA ARG D 102 -24.28 -12.50 -8.72
C ARG D 102 -24.88 -11.56 -9.76
N PRO D 103 -26.02 -10.92 -9.42
CA PRO D 103 -26.56 -9.88 -10.30
C PRO D 103 -25.57 -8.76 -10.74
N ASP D 104 -24.62 -8.42 -9.87
CA ASP D 104 -23.58 -7.45 -10.18
C ASP D 104 -22.72 -7.90 -11.38
N HIS D 105 -22.61 -9.20 -11.58
CA HIS D 105 -21.85 -9.73 -12.71
C HIS D 105 -22.73 -10.05 -13.91
N HIS D 106 -23.92 -10.61 -13.69
CA HIS D 106 -24.67 -11.07 -14.83
C HIS D 106 -25.45 -9.95 -15.53
N GLY D 107 -25.61 -8.82 -14.82
CA GLY D 107 -26.20 -7.59 -15.35
C GLY D 107 -27.70 -7.43 -15.21
N ILE D 108 -28.40 -8.52 -14.91
CA ILE D 108 -29.79 -8.44 -14.42
C ILE D 108 -29.77 -7.98 -12.97
N VAL D 109 -29.53 -6.67 -12.82
CA VAL D 109 -29.26 -6.04 -11.55
C VAL D 109 -30.51 -5.59 -10.79
N HIS D 110 -31.67 -5.69 -11.45
CA HIS D 110 -32.97 -5.35 -10.84
C HIS D 110 -34.07 -5.93 -11.75
N ASN D 111 -35.30 -5.91 -11.27
CA ASN D 111 -36.47 -6.17 -12.10
C ASN D 111 -36.74 -5.10 -13.17
N SER D 112 -36.40 -3.83 -12.86
CA SER D 112 -36.47 -2.68 -13.79
C SER D 112 -35.13 -1.98 -13.80
N MET D 113 -34.64 -1.72 -15.01
CA MET D 113 -33.30 -1.13 -15.23
C MET D 113 -33.29 -0.17 -16.43
N ARG D 114 -32.23 0.66 -16.52
CA ARG D 114 -31.89 1.44 -17.73
C ARG D 114 -30.42 1.17 -18.09
N ASP D 115 -30.15 1.17 -19.39
CA ASP D 115 -28.83 0.97 -19.95
C ASP D 115 -28.72 1.95 -21.14
N PRO D 116 -27.62 2.70 -21.24
CA PRO D 116 -27.39 3.69 -22.31
C PRO D 116 -27.69 3.20 -23.74
N THR D 117 -27.10 2.06 -24.13
CA THR D 117 -27.30 1.54 -25.47
C THR D 117 -28.57 0.70 -25.61
N LEU D 118 -29.00 0.02 -24.53
CA LEU D 118 -30.15 -0.87 -24.62
C LEU D 118 -31.52 -0.22 -24.30
N GLY D 119 -31.53 0.79 -23.42
CA GLY D 119 -32.78 1.48 -23.01
C GLY D 119 -33.44 0.84 -21.79
N GLY D 120 -34.75 0.98 -21.65
CA GLY D 120 -35.47 0.44 -20.47
C GLY D 120 -35.73 -1.07 -20.49
N PHE D 121 -35.70 -1.68 -19.32
CA PHE D 121 -36.07 -3.08 -19.12
C PHE D 121 -37.12 -3.10 -17.97
N TRP D 122 -38.19 -3.89 -18.14
CA TRP D 122 -39.08 -4.21 -17.05
C TRP D 122 -39.70 -5.53 -17.39
N LEU D 123 -40.37 -6.16 -16.42
CA LEU D 123 -40.78 -7.56 -16.59
C LEU D 123 -41.70 -7.86 -17.76
N SER D 124 -42.67 -6.97 -17.98
CA SER D 124 -43.63 -7.07 -19.10
C SER D 124 -43.08 -6.54 -20.45
N LYS D 125 -41.88 -5.97 -20.48
CA LYS D 125 -41.35 -5.47 -21.75
C LYS D 125 -40.70 -6.59 -22.55
N SER D 126 -41.54 -7.19 -23.39
CA SER D 126 -41.21 -8.34 -24.17
C SER D 126 -39.97 -8.16 -25.01
N GLU D 127 -39.80 -7.00 -25.61
CA GLU D 127 -38.64 -6.79 -26.47
C GLU D 127 -37.35 -6.87 -25.65
N ALA D 128 -37.36 -6.27 -24.45
CA ALA D 128 -36.17 -6.20 -23.59
C ALA D 128 -35.91 -7.58 -23.01
N VAL D 129 -36.95 -8.18 -22.44
CA VAL D 129 -36.78 -9.52 -21.84
C VAL D 129 -36.17 -10.52 -22.86
N GLY D 130 -36.57 -10.39 -24.12
CA GLY D 130 -36.14 -11.24 -25.18
C GLY D 130 -34.81 -10.96 -25.86
N ASP D 131 -34.15 -9.87 -25.48
CA ASP D 131 -32.90 -9.45 -26.11
C ASP D 131 -31.73 -9.99 -25.30
N ALA D 132 -31.01 -10.91 -25.90
CA ALA D 132 -29.84 -11.56 -25.28
C ALA D 132 -28.78 -10.62 -24.68
N ARG D 133 -28.70 -9.38 -25.15
CA ARG D 133 -27.71 -8.41 -24.65
C ARG D 133 -27.84 -8.03 -23.14
N TRP D 134 -29.06 -8.12 -22.58
CA TRP D 134 -29.26 -7.88 -21.16
C TRP D 134 -28.65 -8.97 -20.31
N TRP D 135 -28.54 -10.20 -20.84
CA TRP D 135 -28.30 -11.39 -20.04
C TRP D 135 -26.84 -11.84 -20.05
N GLY D 136 -26.16 -11.59 -18.96
CA GLY D 136 -24.77 -12.01 -18.89
C GLY D 136 -24.60 -13.49 -18.67
N GLY D 137 -23.42 -14.00 -19.00
CA GLY D 137 -23.04 -15.34 -18.62
C GLY D 137 -23.72 -16.42 -19.42
N GLU D 138 -23.88 -17.60 -18.81
CA GLU D 138 -24.43 -18.78 -19.51
C GLU D 138 -25.41 -19.51 -18.59
N PRO D 139 -26.73 -19.45 -18.89
CA PRO D 139 -27.68 -20.24 -18.07
C PRO D 139 -27.54 -21.71 -18.39
N VAL D 140 -27.89 -22.56 -17.45
CA VAL D 140 -27.75 -24.00 -17.63
C VAL D 140 -28.47 -24.52 -18.90
N TRP D 141 -29.64 -23.98 -19.24
CA TRP D 141 -30.31 -24.40 -20.48
C TRP D 141 -29.39 -24.18 -21.71
N VAL D 142 -28.58 -23.12 -21.71
CA VAL D 142 -27.63 -22.91 -22.79
C VAL D 142 -26.55 -24.01 -22.80
N GLY D 143 -25.95 -24.34 -21.65
CA GLY D 143 -24.93 -25.38 -21.60
C GLY D 143 -25.46 -26.76 -21.98
N VAL D 144 -26.72 -27.04 -21.58
CA VAL D 144 -27.46 -28.27 -21.93
C VAL D 144 -27.58 -28.41 -23.44
N GLU D 145 -28.15 -27.40 -24.10
CA GLU D 145 -28.26 -27.34 -25.56
C GLU D 145 -26.93 -27.53 -26.29
N ASN D 146 -25.87 -26.86 -25.82
CA ASN D 146 -24.51 -26.96 -26.40
C ASN D 146 -23.70 -28.27 -26.21
N THR D 147 -24.29 -29.26 -25.52
CA THR D 147 -23.73 -30.63 -25.44
C THR D 147 -24.56 -31.65 -26.24
N GLY D 148 -25.54 -31.19 -27.01
CA GLY D 148 -26.36 -32.06 -27.84
C GLY D 148 -27.73 -32.39 -27.27
N GLN D 149 -27.95 -32.02 -26.01
CA GLN D 149 -29.14 -32.42 -25.25
C GLN D 149 -30.18 -31.31 -25.24
N HIS D 150 -31.36 -31.58 -24.67
CA HIS D 150 -32.47 -30.63 -24.77
C HIS D 150 -32.90 -30.04 -23.44
N ALA D 151 -33.25 -28.75 -23.47
CA ALA D 151 -33.78 -27.98 -22.33
C ALA D 151 -35.18 -27.53 -22.68
N ALA D 152 -36.12 -27.80 -21.78
CA ALA D 152 -37.48 -27.29 -21.89
C ALA D 152 -37.75 -26.43 -20.71
N THR D 153 -38.13 -25.20 -20.98
CA THR D 153 -38.47 -24.25 -19.97
C THR D 153 -39.94 -23.87 -20.14
N TRP D 154 -40.73 -24.11 -19.11
CA TRP D 154 -42.11 -23.61 -19.05
C TRP D 154 -41.96 -22.11 -18.95
N SER D 155 -41.25 -21.71 -17.92
CA SER D 155 -40.79 -20.37 -17.81
C SER D 155 -39.68 -20.38 -16.78
N TRP D 156 -38.75 -19.50 -17.06
CA TRP D 156 -37.68 -19.12 -16.21
C TRP D 156 -37.15 -17.79 -16.78
N PRO D 157 -36.93 -16.78 -15.92
CA PRO D 157 -36.35 -15.50 -16.39
C PRO D 157 -35.12 -15.71 -17.28
N GLY D 158 -35.19 -15.29 -18.52
CA GLY D 158 -34.08 -15.44 -19.49
C GLY D 158 -34.36 -16.36 -20.65
N SER D 159 -35.39 -17.20 -20.51
CA SER D 159 -35.62 -18.28 -21.44
C SER D 159 -36.31 -17.85 -22.73
N GLU D 160 -36.73 -16.60 -22.81
CA GLU D 160 -37.31 -15.99 -24.02
C GLU D 160 -36.24 -15.34 -24.92
N ALA D 161 -34.97 -15.33 -24.45
CA ALA D 161 -33.84 -14.78 -25.20
C ALA D 161 -32.93 -15.89 -25.80
N ALA D 162 -32.15 -15.52 -26.80
CA ALA D 162 -31.18 -16.41 -27.37
C ALA D 162 -29.84 -16.05 -26.69
N ILE D 163 -29.66 -16.46 -25.42
CA ILE D 163 -28.47 -16.06 -24.64
C ILE D 163 -27.24 -16.85 -25.18
N LYS D 164 -26.17 -16.13 -25.53
CA LYS D 164 -25.05 -16.67 -26.32
C LYS D 164 -25.49 -17.36 -27.61
N GLY D 165 -26.51 -16.82 -28.27
CA GLY D 165 -27.04 -17.33 -29.52
C GLY D 165 -27.85 -18.62 -29.46
N VAL D 166 -28.18 -19.11 -28.26
CA VAL D 166 -28.86 -20.41 -28.12
C VAL D 166 -30.15 -20.21 -27.33
N ARG D 167 -31.23 -20.85 -27.79
CA ARG D 167 -32.53 -20.84 -27.11
C ARG D 167 -32.76 -22.21 -26.48
N PRO D 168 -33.71 -22.31 -25.52
CA PRO D 168 -34.14 -23.65 -25.10
C PRO D 168 -34.96 -24.37 -26.21
N SER D 169 -34.96 -25.70 -26.22
CA SER D 169 -35.77 -26.45 -27.18
C SER D 169 -37.27 -26.20 -27.05
N GLN D 170 -37.70 -25.89 -25.83
CA GLN D 170 -39.10 -25.50 -25.57
C GLN D 170 -39.11 -24.27 -24.65
N TRP D 171 -39.73 -23.19 -25.11
CA TRP D 171 -39.90 -21.97 -24.32
C TRP D 171 -41.14 -21.28 -24.79
N ARG D 172 -41.51 -20.21 -24.11
CA ARG D 172 -42.68 -19.45 -24.50
C ARG D 172 -42.63 -18.08 -23.90
N HIS D 173 -43.61 -17.25 -24.27
CA HIS D 173 -43.74 -15.92 -23.71
C HIS D 173 -44.58 -16.00 -22.43
N TYR D 174 -43.92 -15.80 -21.29
CA TYR D 174 -44.60 -15.74 -19.99
C TYR D 174 -45.88 -14.93 -20.10
N GLN D 175 -46.95 -15.51 -19.59
CA GLN D 175 -48.17 -14.76 -19.35
C GLN D 175 -48.62 -15.14 -17.97
N LYS D 176 -48.87 -14.13 -17.13
CA LYS D 176 -49.69 -14.25 -15.87
C LYS D 176 -51.02 -15.02 -16.06
N GLY D 177 -51.79 -15.14 -14.97
CA GLY D 177 -53.12 -15.80 -14.99
C GLY D 177 -53.28 -17.23 -15.53
N VAL D 178 -52.16 -17.97 -15.69
CA VAL D 178 -52.22 -19.30 -16.31
C VAL D 178 -52.59 -20.29 -15.23
N ARG D 179 -53.33 -21.32 -15.64
CA ARG D 179 -53.78 -22.36 -14.73
C ARG D 179 -52.61 -23.24 -14.27
N LEU D 180 -52.74 -23.72 -13.04
CA LEU D 180 -51.80 -24.63 -12.42
C LEU D 180 -51.67 -25.94 -13.19
N ASP D 181 -52.81 -26.52 -13.59
CA ASP D 181 -52.88 -27.80 -14.32
C ASP D 181 -52.17 -27.81 -15.67
N THR D 182 -52.46 -26.79 -16.49
CA THR D 182 -51.85 -26.58 -17.83
C THR D 182 -50.32 -26.65 -17.83
N ARG D 183 -49.73 -25.87 -16.95
CA ARG D 183 -48.26 -25.85 -16.86
C ARG D 183 -47.76 -27.21 -16.38
N VAL D 184 -48.42 -27.75 -15.34
CA VAL D 184 -48.06 -29.07 -14.80
C VAL D 184 -48.11 -30.10 -15.92
N ASP D 185 -49.24 -30.18 -16.62
CA ASP D 185 -49.43 -31.12 -17.77
C ASP D 185 -48.39 -30.99 -18.91
N ALA D 186 -48.03 -29.76 -19.28
CA ALA D 186 -46.94 -29.58 -20.25
C ALA D 186 -45.60 -30.00 -19.68
N VAL D 187 -45.31 -29.60 -18.42
CA VAL D 187 -44.02 -29.96 -17.77
C VAL D 187 -43.90 -31.47 -17.73
N ARG D 188 -45.00 -32.07 -17.30
CA ARG D 188 -45.16 -33.51 -17.23
C ARG D 188 -44.93 -34.15 -18.60
N GLY D 189 -45.63 -33.64 -19.61
CA GLY D 189 -45.41 -34.02 -21.00
C GLY D 189 -43.96 -33.92 -21.46
N TRP D 190 -43.28 -32.82 -21.13
CA TRP D 190 -41.87 -32.61 -21.55
C TRP D 190 -40.88 -33.58 -20.91
N LEU D 191 -41.25 -34.13 -19.75
CA LEU D 191 -40.44 -35.12 -19.03
C LEU D 191 -40.53 -36.50 -19.67
N ALA D 192 -41.75 -36.91 -20.01
CA ALA D 192 -41.99 -38.21 -20.63
C ALA D 192 -41.18 -38.32 -21.94
N THR D 193 -41.65 -37.66 -23.00
CA THR D 193 -40.99 -37.69 -24.31
C THR D 193 -40.14 -39.00 -24.49
N ASP D 194 -38.86 -38.99 -24.86
CA ASP D 194 -37.96 -40.21 -24.72
C ASP D 194 -36.73 -40.43 -25.60
N GLY D 195 -36.87 -40.30 -26.92
CA GLY D 195 -35.82 -40.71 -27.85
C GLY D 195 -34.58 -39.83 -27.85
N ALA D 196 -34.42 -39.07 -28.93
CA ALA D 196 -33.27 -38.19 -29.18
C ALA D 196 -33.55 -36.75 -28.78
N GLN D 197 -34.84 -36.46 -28.58
CA GLN D 197 -35.32 -35.13 -28.24
C GLN D 197 -35.67 -35.06 -26.76
N ARG D 198 -35.29 -36.10 -25.98
CA ARG D 198 -35.59 -36.12 -24.55
C ARG D 198 -34.84 -35.00 -23.83
N ASN D 199 -35.54 -34.35 -22.93
CA ASN D 199 -35.00 -33.17 -22.25
C ASN D 199 -34.12 -33.62 -21.07
N ARG D 200 -32.86 -33.16 -21.04
CA ARG D 200 -32.00 -33.33 -19.85
C ARG D 200 -32.46 -32.39 -18.72
N LEU D 201 -33.05 -31.23 -19.08
CA LEU D 201 -33.53 -30.22 -18.13
C LEU D 201 -34.95 -29.83 -18.43
N VAL D 202 -35.78 -29.81 -17.40
CA VAL D 202 -37.07 -29.20 -17.47
C VAL D 202 -37.21 -28.21 -16.31
N THR D 203 -37.84 -27.06 -16.59
CA THR D 203 -38.03 -26.01 -15.60
C THR D 203 -39.50 -25.61 -15.44
N LEU D 204 -39.92 -25.37 -14.21
CA LEU D 204 -41.29 -24.99 -13.90
C LEU D 204 -41.21 -23.90 -12.91
N TYR D 205 -42.17 -22.97 -12.95
CA TYR D 205 -42.20 -21.84 -12.04
C TYR D 205 -43.64 -21.54 -11.62
N PHE D 206 -43.82 -21.08 -10.38
CA PHE D 206 -45.12 -20.67 -9.81
C PHE D 206 -44.96 -19.30 -9.16
N GLU D 207 -45.78 -18.35 -9.59
CA GLU D 207 -45.83 -16.99 -9.04
C GLU D 207 -46.80 -16.76 -7.86
N HIS D 208 -47.61 -17.78 -7.50
CA HIS D 208 -48.85 -17.54 -6.73
C HIS D 208 -48.53 -17.21 -5.30
N VAL D 209 -47.55 -17.93 -4.70
CA VAL D 209 -47.14 -17.66 -3.32
C VAL D 209 -46.60 -16.23 -3.16
N ASP D 210 -45.73 -15.80 -4.07
CA ASP D 210 -45.27 -14.39 -4.05
C ASP D 210 -46.43 -13.39 -4.14
N GLU D 211 -47.35 -13.67 -5.05
CA GLU D 211 -48.59 -12.89 -5.29
C GLU D 211 -49.38 -12.69 -3.99
N ALA D 212 -49.75 -13.78 -3.35
CA ALA D 212 -50.44 -13.76 -2.04
C ALA D 212 -49.65 -12.99 -0.97
N GLY D 213 -48.33 -13.17 -0.96
CA GLY D 213 -47.44 -12.46 -0.02
C GLY D 213 -47.50 -10.95 -0.18
N HIS D 214 -47.50 -10.47 -1.43
CA HIS D 214 -47.64 -9.04 -1.67
C HIS D 214 -48.98 -8.49 -1.17
N ASP D 215 -50.04 -9.20 -1.53
CA ASP D 215 -51.43 -8.81 -1.24
C ASP D 215 -51.80 -8.75 0.26
N HIS D 216 -51.32 -9.73 1.04
CA HIS D 216 -51.73 -9.93 2.46
C HIS D 216 -50.64 -10.26 3.47
N GLY D 217 -49.41 -10.56 3.02
CA GLY D 217 -48.27 -10.76 3.92
C GLY D 217 -47.97 -12.22 4.17
N PRO D 218 -46.75 -12.52 4.70
CA PRO D 218 -46.34 -13.90 4.80
C PRO D 218 -47.15 -14.71 5.85
N GLU D 219 -47.71 -14.04 6.85
CA GLU D 219 -48.53 -14.70 7.92
C GLU D 219 -50.04 -14.77 7.62
N SER D 220 -50.47 -14.14 6.53
CA SER D 220 -51.90 -14.16 6.16
C SER D 220 -52.38 -15.55 5.75
N ARG D 221 -53.72 -15.76 5.78
CA ARG D 221 -54.31 -17.03 5.28
C ARG D 221 -54.16 -17.16 3.75
N GLN D 222 -54.22 -16.04 3.03
CA GLN D 222 -54.11 -16.03 1.56
C GLN D 222 -52.75 -16.60 1.12
N TYR D 223 -51.68 -16.21 1.84
CA TYR D 223 -50.32 -16.79 1.64
C TYR D 223 -50.26 -18.29 1.89
N ALA D 224 -50.72 -18.74 3.07
CA ALA D 224 -50.68 -20.18 3.38
C ALA D 224 -51.47 -21.01 2.34
N ASP D 225 -52.62 -20.49 1.89
CA ASP D 225 -53.46 -21.14 0.84
C ASP D 225 -52.78 -21.23 -0.53
N ALA D 226 -52.16 -20.12 -0.93
CA ALA D 226 -51.29 -20.13 -2.10
C ALA D 226 -50.19 -21.18 -1.91
N VAL D 227 -49.57 -21.21 -0.74
CA VAL D 227 -48.57 -22.27 -0.48
C VAL D 227 -49.22 -23.65 -0.66
N ARG D 228 -50.38 -23.88 0.00
CA ARG D 228 -51.08 -25.18 -0.07
C ARG D 228 -51.27 -25.55 -1.51
N ALA D 229 -51.88 -24.60 -2.24
CA ALA D 229 -52.22 -24.74 -3.67
C ALA D 229 -51.04 -25.14 -4.54
N VAL D 230 -49.97 -24.34 -4.47
CA VAL D 230 -48.71 -24.63 -5.19
C VAL D 230 -48.22 -26.00 -4.83
N ASP D 231 -48.13 -26.29 -3.52
CA ASP D 231 -47.70 -27.62 -3.04
C ASP D 231 -48.60 -28.73 -3.60
N ALA D 232 -49.91 -28.52 -3.62
CA ALA D 232 -50.83 -29.52 -4.20
C ALA D 232 -50.56 -29.71 -5.69
N ALA D 233 -50.43 -28.60 -6.41
CA ALA D 233 -50.00 -28.62 -7.80
C ALA D 233 -48.76 -29.52 -8.03
N ILE D 234 -47.76 -29.37 -7.17
CA ILE D 234 -46.56 -30.18 -7.20
C ILE D 234 -46.88 -31.65 -6.86
N GLY D 235 -47.75 -31.84 -5.89
CA GLY D 235 -48.38 -33.15 -5.64
C GLY D 235 -48.87 -33.75 -6.95
N ARG D 236 -49.75 -33.03 -7.64
CA ARG D 236 -50.37 -33.54 -8.90
C ARG D 236 -49.33 -33.94 -9.92
N LEU D 237 -48.23 -33.15 -9.96
CA LEU D 237 -47.12 -33.37 -10.89
C LEU D 237 -46.40 -34.67 -10.63
N LEU D 238 -46.02 -34.86 -9.36
CA LEU D 238 -45.29 -36.06 -8.93
C LEU D 238 -46.10 -37.35 -9.08
N ALA D 239 -47.41 -37.27 -8.86
CA ALA D 239 -48.31 -38.40 -9.11
C ALA D 239 -48.28 -38.71 -10.61
N GLY D 240 -48.35 -37.63 -11.43
CA GLY D 240 -48.26 -37.72 -12.89
C GLY D 240 -47.00 -38.38 -13.42
N MET D 241 -45.86 -38.10 -12.78
CA MET D 241 -44.58 -38.66 -13.18
C MET D 241 -44.45 -40.14 -12.79
N GLN D 242 -45.12 -40.50 -11.68
CA GLN D 242 -45.33 -41.89 -11.29
C GLN D 242 -45.88 -42.72 -12.49
N ARG D 243 -47.08 -42.35 -12.94
CA ARG D 243 -47.74 -42.96 -14.14
C ARG D 243 -46.89 -43.03 -15.40
N ASP D 244 -46.25 -41.92 -15.76
CA ASP D 244 -45.47 -41.85 -17.02
C ASP D 244 -44.22 -42.72 -17.03
N GLY D 245 -43.87 -43.27 -15.87
CA GLY D 245 -42.55 -43.87 -15.67
C GLY D 245 -41.45 -42.82 -15.76
N THR D 246 -41.69 -41.61 -15.23
CA THR D 246 -40.67 -40.52 -15.29
C THR D 246 -39.96 -40.20 -13.95
N ARG D 247 -40.54 -40.57 -12.81
CA ARG D 247 -39.97 -40.23 -11.50
C ARG D 247 -38.63 -40.87 -11.20
N ALA D 248 -38.53 -42.17 -11.49
CA ALA D 248 -37.34 -42.99 -11.17
C ALA D 248 -36.02 -42.53 -11.81
N ARG D 249 -36.14 -41.71 -12.84
CA ARG D 249 -34.98 -41.20 -13.60
C ARG D 249 -34.82 -39.65 -13.55
N THR D 250 -35.65 -38.97 -12.77
CA THR D 250 -35.69 -37.51 -12.73
C THR D 250 -35.21 -36.99 -11.36
N ASN D 251 -34.12 -36.21 -11.40
CA ASN D 251 -33.70 -35.40 -10.27
C ASN D 251 -34.61 -34.15 -10.18
N ILE D 252 -34.92 -33.75 -8.95
CA ILE D 252 -35.83 -32.65 -8.69
C ILE D 252 -35.12 -31.68 -7.76
N ILE D 253 -35.08 -30.41 -8.15
CA ILE D 253 -34.64 -29.34 -7.28
C ILE D 253 -35.78 -28.34 -7.19
N VAL D 254 -36.15 -28.03 -5.96
CA VAL D 254 -37.15 -27.03 -5.66
C VAL D 254 -36.45 -25.93 -4.87
N VAL D 255 -36.66 -24.71 -5.34
CA VAL D 255 -36.05 -23.52 -4.84
C VAL D 255 -37.04 -22.39 -4.82
N SER D 256 -36.69 -21.36 -4.07
CA SER D 256 -37.35 -20.08 -4.18
C SER D 256 -36.29 -19.00 -4.39
N ASP D 257 -36.77 -17.88 -4.92
CA ASP D 257 -35.88 -16.77 -5.31
C ASP D 257 -35.55 -15.90 -4.11
N HIS D 258 -36.35 -16.04 -3.05
CA HIS D 258 -36.22 -15.23 -1.84
C HIS D 258 -37.42 -15.54 -0.93
N GLY D 259 -37.34 -15.08 0.31
CA GLY D 259 -38.48 -15.16 1.26
C GLY D 259 -39.46 -13.99 1.17
N MET D 260 -39.91 -13.50 2.32
CA MET D 260 -40.99 -12.51 2.35
C MET D 260 -41.15 -11.94 3.76
N ALA D 261 -41.23 -10.63 3.89
CA ALA D 261 -41.44 -9.98 5.17
C ALA D 261 -42.82 -9.31 5.20
N GLU D 262 -43.30 -9.01 6.40
CA GLU D 262 -44.59 -8.36 6.60
C GLU D 262 -44.42 -6.86 6.53
N VAL D 263 -45.35 -6.22 5.85
CA VAL D 263 -45.41 -4.78 5.72
C VAL D 263 -46.75 -4.39 6.37
N ALA D 264 -46.68 -3.61 7.44
CA ALA D 264 -47.88 -3.16 8.17
C ALA D 264 -48.66 -2.12 7.35
N PRO D 265 -50.00 -2.07 7.52
CA PRO D 265 -50.76 -1.04 6.82
C PRO D 265 -50.16 0.34 7.09
N GLY D 266 -49.91 1.12 6.04
CA GLY D 266 -49.39 2.49 6.18
C GLY D 266 -47.88 2.57 6.20
N HIS D 267 -47.21 1.50 5.73
CA HIS D 267 -45.74 1.45 5.61
C HIS D 267 -45.31 1.64 4.13
N ALA D 268 -45.83 2.72 3.53
CA ALA D 268 -45.56 3.09 2.15
C ALA D 268 -45.21 4.56 2.13
N ILE D 269 -44.00 4.87 1.71
CA ILE D 269 -43.63 6.27 1.49
C ILE D 269 -43.63 6.56 -0.03
N SER D 270 -43.29 7.78 -0.41
CA SER D 270 -43.12 8.08 -1.81
C SER D 270 -41.63 8.06 -2.00
N VAL D 271 -41.19 7.55 -3.15
CA VAL D 271 -39.79 7.71 -3.55
C VAL D 271 -39.36 9.19 -3.56
N GLU D 272 -40.28 10.11 -3.80
CA GLU D 272 -39.95 11.55 -3.79
C GLU D 272 -39.87 12.20 -2.40
N ASP D 273 -40.35 11.50 -1.36
CA ASP D 273 -39.99 11.81 0.05
C ASP D 273 -38.51 11.48 0.34
N ILE D 274 -37.95 10.49 -0.34
CA ILE D 274 -36.53 10.21 -0.23
C ILE D 274 -35.79 11.34 -0.87
N ALA D 275 -36.22 11.73 -2.06
CA ALA D 275 -35.59 12.82 -2.79
C ALA D 275 -36.53 13.35 -3.86
N PRO D 276 -36.75 14.69 -3.89
CA PRO D 276 -37.76 15.24 -4.77
C PRO D 276 -37.24 15.24 -6.21
N PRO D 277 -38.15 15.19 -7.21
CA PRO D 277 -37.73 14.99 -8.62
C PRO D 277 -36.83 16.11 -9.21
N GLN D 278 -36.90 17.32 -8.62
CA GLN D 278 -36.04 18.45 -9.02
C GLN D 278 -34.51 18.14 -8.89
N ILE D 279 -34.16 17.31 -7.92
CA ILE D 279 -32.77 17.01 -7.55
C ILE D 279 -32.26 15.66 -8.10
N ALA D 280 -33.11 14.63 -8.04
CA ALA D 280 -32.76 13.29 -8.52
C ALA D 280 -33.98 12.53 -9.02
N THR D 281 -33.76 11.62 -9.96
CA THR D 281 -34.82 10.79 -10.56
C THR D 281 -34.73 9.34 -10.06
N ALA D 282 -35.77 8.89 -9.34
CA ALA D 282 -35.97 7.49 -8.98
C ALA D 282 -36.12 6.67 -10.25
N ILE D 283 -35.18 5.74 -10.45
CA ILE D 283 -35.14 4.83 -11.56
C ILE D 283 -35.99 3.60 -11.26
N THR D 284 -36.01 3.17 -10.00
CA THR D 284 -36.83 2.05 -9.57
C THR D 284 -37.57 2.47 -8.29
N ASP D 285 -38.63 1.74 -7.93
CA ASP D 285 -39.26 1.94 -6.64
C ASP D 285 -39.38 0.57 -5.96
N GLY D 286 -40.06 0.50 -4.82
CA GLY D 286 -40.30 -0.80 -4.15
C GLY D 286 -39.49 -0.79 -2.86
N GLN D 287 -38.39 -1.57 -2.87
CA GLN D 287 -37.45 -1.68 -1.75
C GLN D 287 -36.02 -1.29 -2.07
N VAL D 288 -35.58 -1.62 -3.31
CA VAL D 288 -34.29 -1.17 -3.81
C VAL D 288 -34.52 0.00 -4.83
N ILE D 289 -34.14 1.20 -4.37
CA ILE D 289 -34.52 2.46 -4.99
C ILE D 289 -33.23 3.01 -5.56
N GLY D 290 -33.16 3.04 -6.88
CA GLY D 290 -32.05 3.65 -7.56
C GLY D 290 -32.30 5.12 -7.86
N PHE D 291 -31.26 5.93 -7.79
CA PHE D 291 -31.41 7.37 -7.97
C PHE D 291 -30.29 7.87 -8.85
N GLU D 292 -30.69 8.66 -9.84
CA GLU D 292 -29.81 9.26 -10.81
C GLU D 292 -30.00 10.79 -10.64
N PRO D 293 -28.98 11.52 -10.08
CA PRO D 293 -29.01 12.99 -9.96
C PRO D 293 -29.24 13.67 -11.31
N LEU D 294 -30.03 14.74 -11.35
CA LEU D 294 -30.23 15.53 -12.61
C LEU D 294 -29.00 16.44 -12.82
N PRO D 295 -28.70 16.84 -14.09
CA PRO D 295 -27.47 17.59 -14.43
C PRO D 295 -27.11 18.65 -13.39
N GLY D 296 -25.88 18.59 -12.87
CA GLY D 296 -25.42 19.55 -11.86
C GLY D 296 -26.08 19.46 -10.48
N GLN D 297 -26.84 18.39 -10.21
CA GLN D 297 -27.54 18.25 -8.94
C GLN D 297 -26.93 17.13 -8.07
N GLN D 298 -25.69 16.72 -8.32
CA GLN D 298 -25.08 15.62 -7.56
C GLN D 298 -25.00 15.95 -6.07
N ALA D 299 -24.32 17.05 -5.75
CA ALA D 299 -24.08 17.48 -4.36
C ALA D 299 -25.39 17.64 -3.56
N ALA D 300 -26.40 18.25 -4.20
CA ALA D 300 -27.74 18.35 -3.60
C ALA D 300 -28.33 16.94 -3.35
N ALA D 301 -28.18 16.08 -4.35
CA ALA D 301 -28.61 14.67 -4.29
C ALA D 301 -27.93 13.88 -3.17
N GLU D 302 -26.59 13.84 -3.20
CA GLU D 302 -25.84 13.11 -2.18
C GLU D 302 -26.18 13.60 -0.75
N ALA D 303 -26.33 14.92 -0.61
CA ALA D 303 -26.60 15.57 0.68
C ALA D 303 -27.99 15.31 1.24
N SER D 304 -28.99 15.15 0.37
CA SER D 304 -30.37 14.83 0.82
C SER D 304 -30.63 13.32 0.85
N VAL D 305 -29.84 12.55 0.10
CA VAL D 305 -30.01 11.10 0.03
C VAL D 305 -29.05 10.32 0.96
N LEU D 306 -27.73 10.51 0.84
CA LEU D 306 -26.74 9.59 1.46
C LEU D 306 -26.85 9.38 2.98
N GLY D 307 -26.53 8.17 3.41
CA GLY D 307 -26.49 7.81 4.84
C GLY D 307 -27.79 7.22 5.35
N ALA D 308 -28.03 7.37 6.65
CA ALA D 308 -29.17 6.76 7.33
C ALA D 308 -30.35 7.72 7.42
N HIS D 309 -31.55 7.18 7.28
CA HIS D 309 -32.78 7.93 7.55
C HIS D 309 -33.63 6.95 8.33
N ASP D 310 -34.93 7.19 8.44
CA ASP D 310 -35.73 6.49 9.44
C ASP D 310 -36.04 5.08 9.06
N HIS D 311 -36.45 4.88 7.82
CA HIS D 311 -36.92 3.58 7.36
C HIS D 311 -36.18 3.09 6.12
N TYR D 312 -34.99 3.65 5.89
CA TYR D 312 -34.14 3.24 4.79
C TYR D 312 -32.74 3.85 4.95
N ASP D 313 -31.81 3.30 4.19
CA ASP D 313 -30.46 3.85 4.10
C ASP D 313 -30.10 3.99 2.62
N CYS D 314 -29.13 4.86 2.33
CA CYS D 314 -28.71 5.13 0.98
C CYS D 314 -27.18 5.24 0.90
N TRP D 315 -26.62 4.67 -0.16
CA TRP D 315 -25.18 4.73 -0.42
C TRP D 315 -24.90 5.05 -1.89
N ARG D 316 -23.75 5.67 -2.14
CA ARG D 316 -23.13 5.65 -3.47
C ARG D 316 -22.92 4.18 -3.83
N LYS D 317 -23.14 3.77 -5.09
CA LYS D 317 -23.18 2.33 -5.43
C LYS D 317 -21.86 1.59 -5.20
N ALA D 318 -20.75 2.27 -5.44
CA ALA D 318 -19.40 1.77 -5.15
C ALA D 318 -19.22 1.47 -3.66
N GLU D 319 -19.88 2.28 -2.83
CA GLU D 319 -19.81 2.16 -1.38
C GLU D 319 -21.05 1.45 -0.75
N LEU D 320 -21.71 0.61 -1.53
CA LEU D 320 -22.79 -0.21 -0.95
C LEU D 320 -22.11 -1.28 -0.06
N PRO D 321 -22.74 -1.64 1.10
CA PRO D 321 -22.15 -2.62 2.02
C PRO D 321 -21.49 -3.78 1.28
N ALA D 322 -20.21 -4.04 1.59
CA ALA D 322 -19.42 -5.04 0.84
C ALA D 322 -20.08 -6.40 0.76
N ARG D 323 -20.67 -6.85 1.87
CA ARG D 323 -21.32 -8.17 1.98
C ARG D 323 -22.45 -8.43 0.92
N TRP D 324 -23.07 -7.37 0.38
CA TRP D 324 -24.08 -7.53 -0.69
C TRP D 324 -23.47 -7.81 -2.09
N GLN D 325 -22.20 -7.42 -2.28
CA GLN D 325 -21.44 -7.80 -3.50
C GLN D 325 -22.17 -7.28 -4.73
N TYR D 326 -22.60 -6.03 -4.60
CA TYR D 326 -23.40 -5.32 -5.58
C TYR D 326 -22.91 -3.90 -5.63
N GLY D 327 -23.00 -3.30 -6.80
CA GLY D 327 -22.81 -1.88 -7.00
C GLY D 327 -21.71 -1.54 -7.98
N SER D 328 -20.99 -2.50 -8.50
CA SER D 328 -19.94 -2.15 -9.48
C SER D 328 -20.45 -2.28 -10.90
N HIS D 329 -21.56 -3.02 -11.11
CA HIS D 329 -22.16 -3.06 -12.44
C HIS D 329 -22.60 -1.68 -12.95
N PRO D 330 -22.27 -1.36 -14.23
CA PRO D 330 -22.66 -0.05 -14.82
C PRO D 330 -24.17 0.30 -14.85
N ARG D 331 -25.04 -0.70 -14.76
CA ARG D 331 -26.48 -0.52 -14.96
C ARG D 331 -27.15 0.01 -13.72
N ILE D 332 -26.44 -0.10 -12.60
CA ILE D 332 -26.95 0.27 -11.29
C ILE D 332 -26.84 1.79 -11.31
N PRO D 333 -27.92 2.51 -10.93
CA PRO D 333 -27.85 3.96 -10.73
C PRO D 333 -26.77 4.36 -9.71
N SER D 334 -26.32 5.60 -9.82
CA SER D 334 -25.26 6.15 -8.97
C SER D 334 -25.52 6.05 -7.46
N LEU D 335 -26.74 6.33 -7.04
CA LEU D 335 -27.11 6.17 -5.63
C LEU D 335 -28.21 5.13 -5.53
N VAL D 336 -28.08 4.24 -4.54
CA VAL D 336 -29.04 3.15 -4.27
C VAL D 336 -29.49 3.28 -2.80
N CYS D 337 -30.80 3.35 -2.59
CA CYS D 337 -31.35 3.21 -1.26
C CYS D 337 -31.97 1.83 -1.02
N GLN D 338 -31.72 1.28 0.15
CA GLN D 338 -32.36 0.07 0.58
C GLN D 338 -33.37 0.47 1.66
N MET D 339 -34.64 0.23 1.39
CA MET D 339 -35.66 0.34 2.41
C MET D 339 -35.34 -0.66 3.51
N HIS D 340 -35.62 -0.30 4.76
CA HIS D 340 -35.54 -1.30 5.85
C HIS D 340 -36.71 -2.25 5.70
N GLU D 341 -36.52 -3.43 6.25
CA GLU D 341 -37.52 -4.52 6.31
C GLU D 341 -38.85 -3.94 6.73
N GLY D 342 -39.92 -4.31 6.04
CA GLY D 342 -41.29 -3.89 6.35
C GLY D 342 -41.83 -2.60 5.73
N TRP D 343 -40.94 -1.86 5.03
CA TRP D 343 -41.20 -0.54 4.45
C TRP D 343 -41.04 -0.53 2.92
N ASP D 344 -41.96 0.18 2.27
CA ASP D 344 -41.97 0.42 0.82
C ASP D 344 -41.83 1.90 0.51
N ALA D 345 -41.27 2.16 -0.68
CA ALA D 345 -41.29 3.49 -1.28
C ALA D 345 -41.77 3.38 -2.73
N LEU D 346 -42.81 4.13 -3.09
CA LEU D 346 -43.48 4.00 -4.40
C LEU D 346 -43.46 5.26 -5.24
N PHE D 347 -43.62 5.08 -6.55
CA PHE D 347 -43.82 6.25 -7.39
C PHE D 347 -45.19 6.88 -6.97
N PRO D 348 -45.30 8.23 -7.00
CA PRO D 348 -46.50 8.92 -6.57
C PRO D 348 -47.79 8.23 -7.02
N ASP D 349 -47.94 7.98 -8.32
CA ASP D 349 -49.19 7.40 -8.79
C ASP D 349 -49.49 6.08 -8.11
N LYS D 350 -48.50 5.19 -8.03
CA LYS D 350 -48.69 3.86 -7.37
C LYS D 350 -49.00 3.93 -5.87
N LEU D 351 -48.33 4.82 -5.15
CA LEU D 351 -48.73 5.15 -3.76
C LEU D 351 -50.22 5.55 -3.69
N ALA D 352 -50.60 6.62 -4.41
CA ALA D 352 -51.97 7.12 -4.41
C ALA D 352 -53.06 6.05 -4.62
N LYS D 353 -52.82 5.02 -5.46
CA LYS D 353 -53.83 3.98 -5.71
C LYS D 353 -53.66 2.66 -4.95
N ARG D 354 -52.61 2.53 -4.13
CA ARG D 354 -52.47 1.36 -3.25
C ARG D 354 -53.55 1.50 -2.17
N ALA D 355 -54.49 0.56 -2.14
CA ALA D 355 -55.63 0.64 -1.22
C ALA D 355 -55.26 0.00 0.12
N GLN D 356 -54.76 0.80 1.07
CA GLN D 356 -54.52 0.36 2.46
C GLN D 356 -55.78 -0.31 2.97
N ARG D 357 -55.75 -1.64 3.05
CA ARG D 357 -56.91 -2.42 3.50
C ARG D 357 -56.45 -3.58 4.40
N GLY D 358 -55.36 -3.36 5.14
CA GLY D 358 -54.73 -4.39 5.97
C GLY D 358 -53.22 -4.49 5.85
N THR D 359 -52.69 -5.62 6.29
CA THR D 359 -51.27 -5.91 6.25
C THR D 359 -50.89 -6.46 4.86
N ARG D 360 -49.66 -6.19 4.42
CA ARG D 360 -49.15 -6.58 3.11
C ARG D 360 -47.76 -7.18 3.29
N GLY D 361 -47.13 -7.57 2.19
CA GLY D 361 -45.77 -8.10 2.24
C GLY D 361 -44.87 -7.62 1.10
N SER D 362 -43.57 -7.65 1.37
CA SER D 362 -42.54 -7.28 0.38
C SER D 362 -41.32 -8.10 0.64
N HIS D 363 -40.48 -8.19 -0.38
CA HIS D 363 -39.12 -8.70 -0.25
C HIS D 363 -38.20 -7.60 -0.77
N GLY D 364 -37.06 -7.89 -1.39
CA GLY D 364 -36.20 -6.80 -1.85
C GLY D 364 -35.42 -6.20 -0.69
N TYR D 365 -35.47 -6.88 0.46
CA TYR D 365 -34.76 -6.39 1.64
C TYR D 365 -33.37 -6.98 1.68
N ASP D 366 -32.53 -6.38 2.53
CA ASP D 366 -31.25 -6.99 2.96
C ASP D 366 -31.33 -8.58 2.97
N PRO D 367 -30.66 -9.22 2.01
CA PRO D 367 -30.74 -10.68 1.87
C PRO D 367 -30.09 -11.55 2.98
N ALA D 368 -29.39 -10.97 3.95
CA ALA D 368 -28.92 -11.73 5.11
C ALA D 368 -30.00 -11.87 6.18
N LEU D 369 -31.09 -11.14 6.02
CA LEU D 369 -32.18 -11.15 7.01
C LEU D 369 -32.84 -12.48 6.98
N PRO D 370 -33.17 -13.06 8.16
CA PRO D 370 -33.96 -14.28 8.26
C PRO D 370 -35.21 -14.30 7.36
N SER D 371 -35.90 -13.16 7.27
CA SER D 371 -37.15 -13.04 6.49
C SER D 371 -36.96 -13.26 4.97
N MET D 372 -35.76 -12.93 4.46
CA MET D 372 -35.48 -13.05 3.01
C MET D 372 -34.97 -14.42 2.65
N ARG D 373 -34.80 -15.31 3.63
CA ARG D 373 -34.33 -16.71 3.35
C ARG D 373 -35.27 -17.47 2.46
N ALA D 374 -34.70 -18.03 1.40
CA ALA D 374 -35.37 -18.92 0.47
C ALA D 374 -35.25 -20.37 0.90
N VAL D 375 -35.82 -21.22 0.05
CA VAL D 375 -35.82 -22.65 0.18
C VAL D 375 -34.91 -23.26 -0.87
N PHE D 376 -34.26 -24.35 -0.48
CA PHE D 376 -33.65 -25.30 -1.42
C PHE D 376 -33.99 -26.73 -0.96
N LEU D 377 -34.63 -27.54 -1.79
CA LEU D 377 -34.65 -29.01 -1.60
C LEU D 377 -34.41 -29.73 -2.91
N ALA D 378 -34.02 -30.98 -2.80
CA ALA D 378 -33.61 -31.78 -3.91
C ALA D 378 -33.83 -33.26 -3.59
N GLN D 379 -34.08 -34.09 -4.62
CA GLN D 379 -34.49 -35.51 -4.46
C GLN D 379 -34.32 -36.32 -5.76
N GLY D 380 -33.74 -37.54 -5.67
CA GLY D 380 -33.58 -38.39 -6.87
C GLY D 380 -32.42 -39.37 -6.85
N PRO D 381 -32.19 -40.08 -7.98
CA PRO D 381 -31.08 -41.06 -8.12
C PRO D 381 -29.65 -40.61 -7.87
N ASP D 382 -29.33 -39.36 -8.19
CA ASP D 382 -27.99 -38.86 -7.94
C ASP D 382 -27.94 -37.96 -6.68
N LEU D 383 -29.00 -38.00 -5.86
CA LEU D 383 -29.13 -37.14 -4.69
C LEU D 383 -29.48 -37.92 -3.40
N ALA D 384 -28.70 -37.71 -2.34
CA ALA D 384 -28.88 -38.36 -1.02
C ALA D 384 -30.26 -38.26 -0.37
N GLN D 385 -30.53 -39.19 0.55
CA GLN D 385 -31.87 -39.40 1.14
C GLN D 385 -31.84 -39.15 2.63
N GLY D 386 -32.88 -38.48 3.14
CA GLY D 386 -32.91 -38.02 4.53
C GLY D 386 -31.58 -37.38 4.93
N LYS D 387 -31.29 -36.24 4.30
CA LYS D 387 -30.09 -35.47 4.64
C LYS D 387 -30.42 -34.00 4.63
N THR D 388 -30.07 -33.31 5.70
CA THR D 388 -30.21 -31.88 5.83
C THR D 388 -28.86 -31.32 5.41
N LEU D 389 -28.83 -30.05 4.99
CA LEU D 389 -27.58 -29.29 4.74
C LEU D 389 -27.64 -27.96 5.47
N PRO D 390 -26.47 -27.33 5.73
CA PRO D 390 -26.57 -26.00 6.36
C PRO D 390 -27.08 -24.91 5.42
N GLY D 391 -27.39 -23.76 6.01
CA GLY D 391 -27.74 -22.55 5.29
C GLY D 391 -26.62 -22.17 4.35
N PHE D 392 -26.96 -21.73 3.15
CA PHE D 392 -25.96 -21.58 2.10
C PHE D 392 -26.40 -20.58 1.07
N ASP D 393 -25.41 -20.16 0.29
CA ASP D 393 -25.53 -19.03 -0.56
C ASP D 393 -26.07 -19.48 -1.95
N ASN D 394 -27.13 -18.84 -2.47
CA ASN D 394 -27.77 -19.32 -3.72
C ASN D 394 -26.86 -19.44 -4.95
N VAL D 395 -25.76 -18.70 -4.98
CA VAL D 395 -24.78 -18.85 -6.06
C VAL D 395 -24.18 -20.24 -6.24
N ASP D 396 -24.31 -21.07 -5.19
CA ASP D 396 -23.76 -22.43 -5.18
C ASP D 396 -24.64 -23.49 -5.85
N VAL D 397 -25.88 -23.15 -6.23
CA VAL D 397 -26.79 -24.14 -6.87
C VAL D 397 -26.28 -24.47 -8.26
N TYR D 398 -25.73 -23.46 -8.94
CA TYR D 398 -25.26 -23.65 -10.29
C TYR D 398 -24.32 -24.85 -10.43
N ALA D 399 -23.27 -24.96 -9.60
CA ALA D 399 -22.26 -26.06 -9.76
C ALA D 399 -22.86 -27.47 -9.55
N LEU D 400 -23.79 -27.60 -8.62
CA LEU D 400 -24.60 -28.85 -8.49
C LEU D 400 -25.36 -29.15 -9.78
N MET D 401 -26.06 -28.16 -10.35
CA MET D 401 -26.94 -28.42 -11.52
C MET D 401 -26.11 -28.79 -12.74
N SER D 402 -24.93 -28.19 -12.83
CA SER D 402 -23.96 -28.57 -13.84
C SER D 402 -23.57 -30.03 -13.80
N ARG D 403 -23.26 -30.49 -12.60
CA ARG D 403 -22.91 -31.90 -12.42
C ARG D 403 -24.11 -32.76 -12.79
N LEU D 404 -25.28 -32.44 -12.22
CA LEU D 404 -26.50 -33.20 -12.50
C LEU D 404 -26.93 -33.15 -13.97
N LEU D 405 -26.63 -32.05 -14.68
CA LEU D 405 -27.01 -31.91 -16.09
C LEU D 405 -25.96 -32.41 -17.07
N GLY D 406 -24.85 -32.98 -16.57
CA GLY D 406 -23.77 -33.49 -17.44
C GLY D 406 -23.07 -32.43 -18.28
N ILE D 407 -23.06 -31.17 -17.83
CA ILE D 407 -22.48 -30.03 -18.60
C ILE D 407 -21.28 -29.43 -17.89
N PRO D 408 -20.31 -28.91 -18.67
CA PRO D 408 -19.19 -28.18 -18.03
C PRO D 408 -19.69 -26.96 -17.24
N ALA D 409 -19.21 -26.79 -16.01
CA ALA D 409 -19.51 -25.59 -15.25
C ALA D 409 -18.78 -24.40 -15.84
N ALA D 410 -19.53 -23.45 -16.38
CA ALA D 410 -18.93 -22.22 -16.88
C ALA D 410 -18.38 -21.44 -15.70
N PRO D 411 -17.52 -20.43 -15.96
CA PRO D 411 -17.00 -19.64 -14.85
C PRO D 411 -18.12 -18.87 -14.13
N ASN D 412 -18.12 -18.94 -12.81
CA ASN D 412 -19.21 -18.46 -11.98
C ASN D 412 -18.70 -18.07 -10.60
N ASP D 413 -19.57 -17.46 -9.81
CA ASP D 413 -19.21 -16.88 -8.54
C ASP D 413 -19.35 -17.84 -7.38
N GLY D 414 -20.00 -18.98 -7.60
CA GLY D 414 -20.23 -19.94 -6.52
C GLY D 414 -19.04 -20.78 -6.10
N ASN D 415 -19.31 -21.70 -5.18
CA ASN D 415 -18.30 -22.63 -4.65
C ASN D 415 -18.75 -24.05 -4.90
N PRO D 416 -18.02 -24.82 -5.73
CA PRO D 416 -18.54 -26.13 -6.04
C PRO D 416 -18.55 -27.13 -4.89
N ALA D 417 -17.90 -26.83 -3.76
CA ALA D 417 -17.80 -27.75 -2.61
C ALA D 417 -19.08 -27.84 -1.72
N THR D 418 -19.74 -26.69 -1.56
CA THR D 418 -20.94 -26.52 -0.72
C THR D 418 -22.05 -27.57 -0.95
N LEU D 419 -22.47 -27.77 -2.20
CA LEU D 419 -23.53 -28.75 -2.47
C LEU D 419 -23.10 -30.21 -2.76
N LEU D 420 -21.82 -30.56 -2.63
CA LEU D 420 -21.35 -31.94 -2.83
C LEU D 420 -21.90 -32.98 -1.84
N PRO D 421 -22.18 -32.59 -0.57
CA PRO D 421 -22.92 -33.48 0.37
C PRO D 421 -24.40 -33.80 0.04
N ALA D 422 -25.01 -33.08 -0.90
CA ALA D 422 -26.35 -33.39 -1.41
C ALA D 422 -26.31 -34.55 -2.42
N LEU D 423 -25.14 -34.87 -2.91
CA LEU D 423 -24.94 -35.95 -3.88
C LEU D 423 -24.83 -37.30 -3.21
N ARG D 424 -25.69 -38.24 -3.64
CA ARG D 424 -25.65 -39.62 -3.14
C ARG D 424 -24.34 -40.34 -3.45
N MET D 425 -23.90 -40.29 -4.71
CA MET D 425 -22.84 -41.15 -5.27
C MET D 425 -21.72 -41.55 -4.29
N THR E 44 -6.00 -32.47 -64.03
CA THR E 44 -6.97 -31.36 -63.70
C THR E 44 -7.09 -31.23 -62.17
N PRO E 45 -6.59 -30.10 -61.57
CA PRO E 45 -6.79 -29.89 -60.12
C PRO E 45 -8.11 -29.17 -59.76
N HIS E 46 -8.29 -28.88 -58.48
CA HIS E 46 -9.58 -28.43 -57.90
C HIS E 46 -9.91 -26.98 -58.25
N ALA E 47 -11.18 -26.64 -58.06
CA ALA E 47 -11.68 -25.28 -58.30
C ALA E 47 -11.96 -24.64 -56.95
N LEU E 48 -11.92 -23.30 -56.91
CA LEU E 48 -12.39 -22.53 -55.76
C LEU E 48 -13.68 -21.86 -56.07
N LEU E 49 -14.58 -21.90 -55.11
CA LEU E 49 -15.85 -21.18 -55.12
C LEU E 49 -15.78 -20.14 -54.02
N LEU E 50 -15.89 -18.87 -54.39
CA LEU E 50 -15.65 -17.77 -53.46
C LEU E 50 -16.90 -17.00 -53.37
N ILE E 51 -17.41 -16.87 -52.14
CA ILE E 51 -18.68 -16.23 -51.87
C ILE E 51 -18.55 -15.10 -50.83
N SER E 52 -19.06 -13.93 -51.16
CA SER E 52 -19.08 -12.87 -50.22
C SER E 52 -20.50 -12.65 -49.85
N ILE E 53 -20.75 -12.43 -48.54
CA ILE E 53 -22.06 -12.03 -47.95
C ILE E 53 -21.94 -10.64 -47.30
N ASP E 54 -22.55 -9.65 -47.93
CA ASP E 54 -22.24 -8.28 -47.63
C ASP E 54 -22.76 -7.86 -46.25
N GLY E 55 -21.85 -7.28 -45.45
CA GLY E 55 -22.18 -6.72 -44.16
C GLY E 55 -22.49 -7.74 -43.05
N LEU E 56 -22.20 -9.01 -43.29
CA LEU E 56 -22.42 -10.10 -42.31
C LEU E 56 -21.35 -10.07 -41.23
N ARG E 57 -21.78 -9.70 -40.03
CA ARG E 57 -20.84 -9.58 -38.91
C ARG E 57 -20.31 -10.92 -38.38
N ALA E 58 -19.08 -10.86 -37.86
CA ALA E 58 -18.30 -12.03 -37.41
C ALA E 58 -19.06 -13.05 -36.51
N ASP E 59 -19.69 -12.55 -35.47
CA ASP E 59 -20.53 -13.36 -34.54
C ASP E 59 -21.76 -14.09 -35.13
N MET E 60 -22.25 -13.61 -36.26
CA MET E 60 -23.45 -14.15 -36.89
C MET E 60 -23.42 -15.64 -37.26
N LEU E 61 -22.26 -16.34 -37.19
CA LEU E 61 -22.27 -17.81 -37.40
C LEU E 61 -22.73 -18.62 -36.17
N ASP E 62 -23.01 -17.93 -35.06
CA ASP E 62 -23.06 -18.55 -33.75
C ASP E 62 -24.41 -18.21 -33.12
N ARG E 63 -25.48 -18.22 -33.91
CA ARG E 63 -26.83 -17.93 -33.35
C ARG E 63 -27.90 -18.84 -33.95
N GLY E 64 -27.49 -19.98 -34.50
CA GLY E 64 -28.39 -20.96 -35.08
C GLY E 64 -29.09 -20.55 -36.36
N ILE E 65 -28.68 -19.43 -36.96
CA ILE E 65 -29.24 -18.92 -38.25
C ILE E 65 -28.28 -19.19 -39.42
N THR E 66 -27.28 -20.05 -39.22
CA THR E 66 -26.35 -20.36 -40.25
C THR E 66 -26.16 -21.87 -40.37
N PRO E 67 -27.28 -22.65 -40.41
CA PRO E 67 -27.14 -24.11 -40.40
C PRO E 67 -26.10 -24.63 -41.38
N ASN E 68 -26.25 -24.29 -42.67
CA ASN E 68 -25.33 -24.77 -43.72
C ASN E 68 -23.96 -24.18 -43.55
N LEU E 69 -23.87 -22.91 -43.21
CA LEU E 69 -22.53 -22.27 -43.07
C LEU E 69 -21.76 -22.83 -41.86
N SER E 70 -22.41 -22.88 -40.71
CA SER E 70 -21.91 -23.62 -39.53
C SER E 70 -21.47 -25.05 -39.89
N HIS E 71 -22.31 -25.74 -40.66
CA HIS E 71 -22.01 -27.13 -41.08
C HIS E 71 -20.75 -27.19 -41.97
N LEU E 72 -20.71 -26.29 -42.95
CA LEU E 72 -19.51 -25.99 -43.75
C LEU E 72 -18.34 -25.60 -42.84
N ALA E 73 -18.64 -24.77 -41.83
CA ALA E 73 -17.66 -24.33 -40.81
C ALA E 73 -17.11 -25.53 -40.02
N ARG E 74 -18.01 -26.40 -39.52
CA ARG E 74 -17.62 -27.60 -38.75
C ARG E 74 -16.77 -28.56 -39.57
N GLU E 75 -17.15 -28.78 -40.84
CA GLU E 75 -16.39 -29.69 -41.71
C GLU E 75 -15.02 -29.10 -42.10
N GLY E 76 -14.90 -27.77 -42.07
CA GLY E 76 -13.64 -27.08 -42.45
C GLY E 76 -13.23 -25.93 -41.53
N VAL E 77 -12.43 -25.02 -42.10
CA VAL E 77 -11.67 -24.04 -41.33
C VAL E 77 -12.47 -22.77 -41.15
N ARG E 78 -12.68 -22.34 -39.91
CA ARG E 78 -13.36 -21.07 -39.57
C ARG E 78 -12.41 -20.10 -38.82
N ALA E 79 -12.28 -18.85 -39.27
CA ALA E 79 -11.59 -17.83 -38.42
C ALA E 79 -12.55 -17.16 -37.45
N ARG E 80 -12.03 -16.67 -36.31
CA ARG E 80 -12.84 -15.99 -35.32
C ARG E 80 -13.55 -14.77 -35.86
N TRP E 81 -12.79 -14.07 -36.68
CA TRP E 81 -13.24 -12.87 -37.35
C TRP E 81 -12.15 -12.50 -38.35
N MET E 82 -12.51 -11.59 -39.24
CA MET E 82 -11.58 -11.07 -40.20
C MET E 82 -11.74 -9.54 -40.20
N ALA E 83 -10.62 -8.86 -39.98
CA ALA E 83 -10.63 -7.38 -39.88
C ALA E 83 -10.68 -6.82 -41.30
N PRO E 84 -11.64 -5.91 -41.57
CA PRO E 84 -11.62 -5.20 -42.88
C PRO E 84 -10.43 -4.25 -43.01
N SER E 85 -10.11 -3.80 -44.22
CA SER E 85 -9.15 -2.71 -44.40
C SER E 85 -9.88 -1.41 -44.37
N TYR E 86 -9.13 -0.33 -44.26
CA TYR E 86 -9.67 1.01 -44.33
C TYR E 86 -9.83 1.53 -45.77
N PRO E 87 -10.98 2.10 -46.14
CA PRO E 87 -12.18 2.28 -45.31
C PRO E 87 -13.03 1.05 -45.32
N SER E 88 -13.84 0.83 -44.27
CA SER E 88 -14.70 -0.37 -44.18
C SER E 88 -16.03 -0.29 -44.99
N LEU E 89 -15.86 -0.13 -46.31
CA LEU E 89 -16.90 -0.06 -47.34
C LEU E 89 -16.67 -1.17 -48.37
N ALA E 90 -17.70 -1.42 -49.19
CA ALA E 90 -17.75 -2.55 -50.14
C ALA E 90 -16.66 -2.66 -51.22
N PHE E 91 -16.55 -1.66 -52.09
CA PHE E 91 -15.61 -1.78 -53.21
C PHE E 91 -14.17 -1.87 -52.77
N PRO E 92 -13.77 -1.03 -51.81
CA PRO E 92 -12.42 -1.16 -51.36
C PRO E 92 -12.14 -2.51 -50.76
N ASN E 93 -13.06 -3.09 -49.99
CA ASN E 93 -12.73 -4.34 -49.30
C ASN E 93 -12.89 -5.58 -50.14
N HIS E 94 -13.89 -5.57 -51.04
CA HIS E 94 -14.04 -6.68 -52.00
C HIS E 94 -12.85 -6.69 -52.86
N TYR E 95 -12.42 -5.52 -53.31
CA TYR E 95 -11.26 -5.45 -54.21
C TYR E 95 -9.94 -5.80 -53.47
N THR E 96 -9.82 -5.44 -52.20
CA THR E 96 -8.70 -5.94 -51.35
C THR E 96 -8.70 -7.47 -51.21
N LEU E 97 -9.88 -8.06 -51.06
CA LEU E 97 -9.96 -9.53 -50.88
C LEU E 97 -9.39 -10.27 -52.07
N VAL E 98 -9.66 -9.80 -53.29
CA VAL E 98 -9.24 -10.54 -54.49
C VAL E 98 -7.88 -10.11 -55.04
N THR E 99 -7.22 -9.14 -54.40
CA THR E 99 -5.87 -8.69 -54.82
C THR E 99 -4.75 -8.81 -53.78
N GLY E 100 -5.12 -8.75 -52.50
CA GLY E 100 -4.20 -8.77 -51.41
C GLY E 100 -3.65 -7.41 -51.07
N LEU E 101 -4.27 -6.34 -51.59
CA LEU E 101 -3.71 -5.02 -51.56
C LEU E 101 -4.60 -4.21 -50.67
N ARG E 102 -4.00 -3.30 -49.91
CA ARG E 102 -4.78 -2.31 -49.13
C ARG E 102 -5.38 -1.30 -50.09
N PRO E 103 -6.53 -0.71 -49.74
CA PRO E 103 -7.11 0.30 -50.62
C PRO E 103 -6.16 1.39 -51.02
N ASP E 104 -5.29 1.79 -50.10
CA ASP E 104 -4.31 2.82 -50.38
C ASP E 104 -3.35 2.42 -51.55
N HIS E 105 -3.19 1.13 -51.82
CA HIS E 105 -2.31 0.64 -52.90
C HIS E 105 -3.08 0.36 -54.17
N HIS E 106 -4.19 -0.36 -54.07
CA HIS E 106 -4.96 -0.70 -55.26
C HIS E 106 -5.75 0.46 -55.95
N GLY E 107 -5.94 1.60 -55.25
CA GLY E 107 -6.64 2.77 -55.84
C GLY E 107 -8.12 2.92 -55.63
N ILE E 108 -8.81 1.84 -55.25
CA ILE E 108 -10.22 1.89 -54.95
C ILE E 108 -10.30 2.27 -53.48
N VAL E 109 -10.05 3.55 -53.21
CA VAL E 109 -9.93 4.14 -51.87
C VAL E 109 -11.24 4.54 -51.23
N HIS E 110 -12.31 4.51 -52.00
CA HIS E 110 -13.67 4.72 -51.47
C HIS E 110 -14.63 4.07 -52.49
N ASN E 111 -15.87 3.83 -52.10
CA ASN E 111 -17.03 3.64 -53.03
C ASN E 111 -17.32 4.78 -54.02
N SER E 112 -17.00 6.01 -53.61
CA SER E 112 -17.21 7.25 -54.36
C SER E 112 -15.92 8.04 -54.36
N MET E 113 -15.37 8.38 -55.54
CA MET E 113 -14.06 9.07 -55.61
C MET E 113 -13.98 10.09 -56.74
N ARG E 114 -12.87 10.81 -56.76
CA ARG E 114 -12.52 11.66 -57.88
C ARG E 114 -11.06 11.47 -58.27
N ASP E 115 -10.80 11.70 -59.54
CA ASP E 115 -9.47 11.62 -60.08
C ASP E 115 -9.33 12.68 -61.19
N PRO E 116 -8.25 13.48 -61.15
CA PRO E 116 -8.13 14.61 -62.11
C PRO E 116 -8.26 14.22 -63.58
N THR E 117 -7.74 13.04 -63.94
CA THR E 117 -7.73 12.54 -65.32
C THR E 117 -8.91 11.65 -65.67
N LEU E 118 -9.45 10.93 -64.67
CA LEU E 118 -10.55 9.99 -64.90
C LEU E 118 -11.92 10.55 -64.56
N GLY E 119 -12.01 11.61 -63.75
CA GLY E 119 -13.30 12.19 -63.35
C GLY E 119 -13.93 11.45 -62.18
N GLY E 120 -15.25 11.32 -62.20
CA GLY E 120 -16.01 10.70 -61.13
C GLY E 120 -16.04 9.18 -61.18
N PHE E 121 -15.99 8.57 -59.99
CA PHE E 121 -16.30 7.16 -59.81
C PHE E 121 -17.37 7.04 -58.74
N TRP E 122 -18.38 6.24 -59.01
CA TRP E 122 -19.28 5.74 -57.95
C TRP E 122 -20.00 4.47 -58.37
N LEU E 123 -20.67 3.79 -57.42
CA LEU E 123 -21.11 2.41 -57.64
C LEU E 123 -22.15 2.22 -58.74
N SER E 124 -23.00 3.22 -58.94
CA SER E 124 -24.00 3.23 -60.02
C SER E 124 -23.44 3.77 -61.37
N LYS E 125 -22.24 4.35 -61.37
CA LYS E 125 -21.72 4.94 -62.59
C LYS E 125 -20.93 3.88 -63.35
N SER E 126 -21.64 3.12 -64.20
CA SER E 126 -21.12 1.87 -64.76
C SER E 126 -19.98 2.02 -65.77
N GLU E 127 -19.83 3.18 -66.39
CA GLU E 127 -18.68 3.41 -67.26
C GLU E 127 -17.40 3.68 -66.44
N ALA E 128 -17.50 4.27 -65.26
CA ALA E 128 -16.29 4.37 -64.38
C ALA E 128 -15.96 2.99 -63.80
N VAL E 129 -16.97 2.31 -63.21
CA VAL E 129 -16.76 0.97 -62.61
C VAL E 129 -16.21 -0.03 -63.65
N GLY E 130 -16.62 0.10 -64.91
CA GLY E 130 -16.10 -0.78 -65.96
C GLY E 130 -14.76 -0.37 -66.54
N ASP E 131 -14.18 0.74 -66.09
CA ASP E 131 -12.93 1.30 -66.69
C ASP E 131 -11.77 0.80 -65.86
N ALA E 132 -10.97 -0.08 -66.47
CA ALA E 132 -9.84 -0.73 -65.75
C ALA E 132 -8.81 0.24 -65.19
N ARG E 133 -8.72 1.43 -65.72
CA ARG E 133 -7.78 2.41 -65.21
C ARG E 133 -8.01 2.79 -63.70
N TRP E 134 -9.23 2.68 -63.18
CA TRP E 134 -9.45 2.82 -61.71
C TRP E 134 -8.81 1.72 -60.81
N TRP E 135 -8.61 0.53 -61.37
CA TRP E 135 -8.35 -0.67 -60.58
C TRP E 135 -6.88 -1.08 -60.62
N GLY E 136 -6.20 -0.87 -59.50
CA GLY E 136 -4.80 -1.33 -59.34
C GLY E 136 -4.60 -2.81 -59.08
N GLY E 137 -3.35 -3.26 -59.19
CA GLY E 137 -3.00 -4.65 -59.01
C GLY E 137 -3.71 -5.65 -59.92
N GLU E 138 -3.85 -6.88 -59.43
CA GLU E 138 -4.26 -8.00 -60.25
C GLU E 138 -5.22 -8.86 -59.47
N PRO E 139 -6.51 -8.76 -59.77
CA PRO E 139 -7.44 -9.66 -59.05
C PRO E 139 -7.18 -11.11 -59.39
N VAL E 140 -7.60 -11.99 -58.52
CA VAL E 140 -7.37 -13.45 -58.79
C VAL E 140 -7.96 -13.99 -60.12
N TRP E 141 -9.09 -13.49 -60.59
CA TRP E 141 -9.62 -13.93 -61.91
C TRP E 141 -8.66 -13.59 -63.06
N VAL E 142 -7.95 -12.46 -62.96
CA VAL E 142 -6.99 -12.12 -63.98
C VAL E 142 -5.90 -13.16 -63.96
N GLY E 143 -5.35 -13.45 -62.78
CA GLY E 143 -4.35 -14.47 -62.64
C GLY E 143 -4.77 -15.85 -63.13
N VAL E 144 -6.02 -16.24 -62.80
CA VAL E 144 -6.62 -17.52 -63.23
C VAL E 144 -6.64 -17.56 -64.76
N GLU E 145 -7.30 -16.58 -65.38
CA GLU E 145 -7.33 -16.46 -66.86
C GLU E 145 -5.93 -16.46 -67.50
N ASN E 146 -4.97 -15.76 -66.91
CA ASN E 146 -3.59 -15.74 -67.45
C ASN E 146 -2.79 -17.07 -67.34
N THR E 147 -3.29 -18.07 -66.59
CA THR E 147 -2.67 -19.40 -66.55
C THR E 147 -3.48 -20.42 -67.37
N GLY E 148 -4.08 -19.97 -68.46
CA GLY E 148 -4.86 -20.84 -69.33
C GLY E 148 -6.03 -21.53 -68.68
N GLN E 149 -6.54 -21.00 -67.55
CA GLN E 149 -7.71 -21.57 -66.88
C GLN E 149 -8.80 -20.56 -67.06
N HIS E 150 -9.95 -20.76 -66.44
CA HIS E 150 -11.09 -19.86 -66.62
C HIS E 150 -11.69 -19.41 -65.32
N ALA E 151 -12.16 -18.15 -65.28
CA ALA E 151 -12.92 -17.62 -64.17
C ALA E 151 -14.31 -17.21 -64.62
N ALA E 152 -15.27 -17.50 -63.76
CA ALA E 152 -16.63 -17.05 -63.91
C ALA E 152 -17.00 -16.27 -62.66
N THR E 153 -17.34 -14.97 -62.80
CA THR E 153 -17.83 -14.19 -61.67
C THR E 153 -19.29 -13.83 -61.82
N TRP E 154 -20.04 -13.87 -60.71
CA TRP E 154 -21.44 -13.44 -60.73
C TRP E 154 -21.55 -11.92 -60.71
N SER E 155 -21.08 -11.28 -59.63
CA SER E 155 -21.05 -9.78 -59.58
C SER E 155 -19.82 -9.11 -58.94
N TRP E 156 -18.75 -9.84 -58.66
CA TRP E 156 -17.63 -9.27 -57.88
C TRP E 156 -17.18 -7.85 -58.30
N PRO E 157 -17.02 -6.92 -57.34
CA PRO E 157 -16.51 -5.58 -57.70
C PRO E 157 -15.16 -5.58 -58.45
N GLY E 158 -15.14 -4.90 -59.60
CA GLY E 158 -14.01 -4.96 -60.52
C GLY E 158 -14.21 -5.94 -61.67
N SER E 159 -15.20 -6.83 -61.56
CA SER E 159 -15.32 -7.92 -62.53
C SER E 159 -15.87 -7.48 -63.89
N GLU E 160 -16.40 -6.26 -64.01
CA GLU E 160 -16.92 -5.68 -65.26
C GLU E 160 -15.87 -4.83 -66.00
N ALA E 161 -14.64 -4.78 -65.47
CA ALA E 161 -13.54 -4.07 -66.08
C ALA E 161 -12.59 -5.07 -66.69
N ALA E 162 -11.71 -4.59 -67.57
CA ALA E 162 -10.68 -5.44 -68.18
C ALA E 162 -9.36 -5.11 -67.50
N ILE E 163 -9.26 -5.57 -66.25
CA ILE E 163 -8.13 -5.20 -65.38
C ILE E 163 -6.90 -5.94 -65.84
N LYS E 164 -5.80 -5.21 -66.03
CA LYS E 164 -4.62 -5.66 -66.73
C LYS E 164 -4.96 -6.29 -68.08
N GLY E 165 -5.99 -5.73 -68.72
CA GLY E 165 -6.47 -6.17 -70.01
C GLY E 165 -7.22 -7.50 -70.08
N VAL E 166 -7.59 -8.08 -68.95
CA VAL E 166 -8.19 -9.42 -68.91
C VAL E 166 -9.53 -9.40 -68.17
N ARG E 167 -10.58 -9.79 -68.87
CA ARG E 167 -11.90 -10.04 -68.28
C ARG E 167 -12.01 -11.50 -67.82
N PRO E 168 -12.94 -11.80 -66.89
CA PRO E 168 -13.30 -13.18 -66.71
C PRO E 168 -13.98 -13.71 -67.96
N SER E 169 -14.02 -15.05 -68.07
CA SER E 169 -14.74 -15.76 -69.11
C SER E 169 -16.25 -15.59 -68.96
N GLN E 170 -16.72 -15.44 -67.73
CA GLN E 170 -18.15 -15.19 -67.47
C GLN E 170 -18.28 -14.03 -66.51
N TRP E 171 -19.11 -13.06 -66.86
CA TRP E 171 -19.41 -11.90 -66.04
C TRP E 171 -20.66 -11.21 -66.57
N ARG E 172 -21.27 -10.37 -65.74
CA ARG E 172 -22.53 -9.66 -66.03
C ARG E 172 -22.39 -8.26 -65.45
N HIS E 173 -23.15 -7.30 -65.98
CA HIS E 173 -23.24 -5.97 -65.37
C HIS E 173 -24.19 -6.15 -64.15
N TYR E 174 -23.70 -5.89 -62.95
CA TYR E 174 -24.49 -5.96 -61.72
C TYR E 174 -25.87 -5.33 -61.86
N GLN E 175 -26.88 -6.05 -61.40
CA GLN E 175 -28.26 -5.55 -61.36
C GLN E 175 -28.82 -5.63 -59.94
N LYS E 176 -29.41 -4.54 -59.46
CA LYS E 176 -30.46 -4.59 -58.41
C LYS E 176 -31.36 -5.83 -58.57
N GLY E 177 -31.50 -6.60 -57.49
CA GLY E 177 -32.64 -7.48 -57.31
C GLY E 177 -32.75 -8.75 -58.15
N VAL E 178 -31.63 -9.40 -58.46
CA VAL E 178 -31.70 -10.71 -59.11
C VAL E 178 -32.14 -11.76 -58.07
N ARG E 179 -32.96 -12.72 -58.48
CA ARG E 179 -33.42 -13.80 -57.61
C ARG E 179 -32.26 -14.65 -57.14
N LEU E 180 -32.42 -15.28 -55.98
CA LEU E 180 -31.35 -16.05 -55.35
C LEU E 180 -31.08 -17.33 -56.14
N ASP E 181 -32.16 -18.04 -56.47
CA ASP E 181 -32.16 -19.23 -57.38
C ASP E 181 -31.49 -19.01 -58.77
N THR E 182 -31.73 -17.84 -59.38
CA THR E 182 -31.07 -17.48 -60.64
C THR E 182 -29.54 -17.47 -60.52
N ARG E 183 -29.08 -16.79 -59.48
CA ARG E 183 -27.64 -16.65 -59.26
C ARG E 183 -27.00 -17.94 -58.75
N VAL E 184 -27.73 -18.67 -57.89
CA VAL E 184 -27.29 -20.01 -57.46
C VAL E 184 -27.11 -20.98 -58.65
N ASP E 185 -28.15 -21.11 -59.48
CA ASP E 185 -28.10 -22.07 -60.60
C ASP E 185 -27.12 -21.64 -61.67
N ALA E 186 -27.00 -20.33 -61.86
CA ALA E 186 -25.91 -19.80 -62.68
C ALA E 186 -24.60 -20.38 -62.19
N VAL E 187 -24.28 -20.18 -60.91
CA VAL E 187 -22.98 -20.63 -60.33
C VAL E 187 -22.76 -22.14 -60.41
N ARG E 188 -23.80 -22.94 -60.15
CA ARG E 188 -23.68 -24.40 -60.26
C ARG E 188 -23.25 -24.82 -61.66
N GLY E 189 -24.04 -24.36 -62.62
CA GLY E 189 -23.77 -24.59 -64.03
C GLY E 189 -22.32 -24.32 -64.38
N TRP E 190 -21.81 -23.19 -63.91
CA TRP E 190 -20.39 -22.81 -64.10
C TRP E 190 -19.38 -23.80 -63.49
N LEU E 191 -19.73 -24.38 -62.34
CA LEU E 191 -18.87 -25.39 -61.71
C LEU E 191 -18.87 -26.75 -62.44
N ALA E 192 -19.97 -27.11 -63.13
CA ALA E 192 -20.05 -28.39 -63.87
C ALA E 192 -19.25 -28.42 -65.19
N THR E 193 -19.26 -27.33 -65.95
CA THR E 193 -18.70 -27.26 -67.31
C THR E 193 -17.29 -27.86 -67.46
N ASP E 194 -17.00 -28.48 -68.63
CA ASP E 194 -15.71 -29.14 -68.90
C ASP E 194 -15.04 -28.65 -70.18
N GLY E 195 -13.74 -28.88 -70.27
CA GLY E 195 -12.96 -28.62 -71.49
C GLY E 195 -12.78 -27.15 -71.86
N ALA E 196 -13.53 -26.69 -72.86
CA ALA E 196 -13.43 -25.32 -73.40
C ALA E 196 -14.03 -24.21 -72.50
N GLN E 197 -14.63 -24.57 -71.37
CA GLN E 197 -15.04 -23.57 -70.39
C GLN E 197 -14.99 -24.11 -68.93
N ARG E 198 -14.02 -24.97 -68.63
CA ARG E 198 -13.82 -25.47 -67.25
C ARG E 198 -13.34 -24.38 -66.28
N ASN E 199 -14.20 -24.01 -65.33
CA ASN E 199 -13.96 -22.90 -64.36
C ASN E 199 -13.22 -23.32 -63.08
N ARG E 200 -11.93 -22.95 -63.04
CA ARG E 200 -11.07 -23.00 -61.86
C ARG E 200 -11.55 -22.04 -60.73
N LEU E 201 -12.15 -20.89 -61.09
CA LEU E 201 -12.69 -19.94 -60.10
C LEU E 201 -14.11 -19.64 -60.44
N VAL E 202 -14.94 -19.55 -59.40
CA VAL E 202 -16.29 -19.03 -59.49
C VAL E 202 -16.56 -18.15 -58.29
N THR E 203 -17.17 -16.98 -58.53
CA THR E 203 -17.55 -16.06 -57.48
C THR E 203 -19.04 -15.77 -57.45
N LEU E 204 -19.48 -15.35 -56.28
CA LEU E 204 -20.88 -15.21 -55.98
C LEU E 204 -21.03 -14.19 -54.87
N TYR E 205 -22.00 -13.32 -55.04
CA TYR E 205 -22.15 -12.24 -54.12
C TYR E 205 -23.61 -12.17 -53.76
N PHE E 206 -23.87 -11.76 -52.52
CA PHE E 206 -25.22 -11.49 -52.03
C PHE E 206 -25.12 -10.16 -51.36
N GLU E 207 -26.11 -9.32 -51.58
CA GLU E 207 -26.20 -7.96 -51.03
C GLU E 207 -27.24 -7.90 -49.92
N HIS E 208 -27.95 -8.99 -49.67
CA HIS E 208 -29.25 -8.92 -48.96
C HIS E 208 -29.05 -8.58 -47.48
N VAL E 209 -28.04 -9.22 -46.91
CA VAL E 209 -27.67 -9.00 -45.52
C VAL E 209 -27.25 -7.53 -45.28
N ASP E 210 -26.42 -6.93 -46.16
CA ASP E 210 -26.03 -5.49 -46.02
C ASP E 210 -27.17 -4.52 -46.18
N GLU E 211 -27.99 -4.75 -47.19
CA GLU E 211 -29.20 -3.90 -47.40
C GLU E 211 -30.02 -3.84 -46.13
N ALA E 212 -30.37 -5.03 -45.64
CA ALA E 212 -31.17 -5.23 -44.41
C ALA E 212 -30.48 -4.57 -43.23
N GLY E 213 -29.19 -4.85 -43.07
CA GLY E 213 -28.34 -4.18 -42.07
C GLY E 213 -28.55 -2.69 -42.03
N HIS E 214 -28.30 -2.03 -43.16
CA HIS E 214 -28.54 -0.59 -43.32
C HIS E 214 -29.95 -0.13 -42.91
N ASP E 215 -30.93 -0.96 -43.22
CA ASP E 215 -32.32 -0.52 -43.07
C ASP E 215 -32.79 -0.65 -41.63
N HIS E 216 -32.65 -1.86 -41.08
CA HIS E 216 -33.19 -2.17 -39.75
C HIS E 216 -32.18 -2.84 -38.80
N GLY E 217 -30.89 -2.63 -39.07
CA GLY E 217 -29.82 -2.84 -38.07
C GLY E 217 -29.35 -4.27 -37.88
N PRO E 218 -28.17 -4.41 -37.26
CA PRO E 218 -27.57 -5.73 -37.17
C PRO E 218 -28.33 -6.70 -36.26
N GLU E 219 -29.15 -6.21 -35.36
CA GLU E 219 -29.84 -7.11 -34.43
C GLU E 219 -31.18 -7.60 -34.93
N SER E 220 -31.69 -7.05 -36.02
CA SER E 220 -33.12 -7.18 -36.29
C SER E 220 -33.46 -8.50 -36.91
N ARG E 221 -34.76 -8.80 -36.90
CA ARG E 221 -35.27 -9.97 -37.65
C ARG E 221 -34.88 -9.90 -39.15
N GLN E 222 -34.97 -8.72 -39.75
CA GLN E 222 -34.67 -8.57 -41.20
C GLN E 222 -33.27 -9.06 -41.51
N TYR E 223 -32.34 -8.62 -40.67
CA TYR E 223 -30.95 -9.02 -40.79
C TYR E 223 -30.82 -10.53 -40.72
N ALA E 224 -31.45 -11.11 -39.68
CA ALA E 224 -31.43 -12.55 -39.44
C ALA E 224 -32.09 -13.31 -40.57
N ASP E 225 -33.22 -12.79 -41.05
CA ASP E 225 -33.95 -13.37 -42.22
C ASP E 225 -33.08 -13.38 -43.48
N ALA E 226 -32.40 -12.28 -43.74
CA ALA E 226 -31.44 -12.25 -44.85
C ALA E 226 -30.33 -13.29 -44.68
N VAL E 227 -29.84 -13.47 -43.43
CA VAL E 227 -28.83 -14.47 -43.14
C VAL E 227 -29.34 -15.86 -43.55
N ARG E 228 -30.51 -16.21 -43.03
CA ARG E 228 -31.13 -17.50 -43.31
C ARG E 228 -31.25 -17.72 -44.82
N ALA E 229 -31.80 -16.72 -45.51
CA ALA E 229 -31.94 -16.75 -46.96
C ALA E 229 -30.67 -17.18 -47.66
N VAL E 230 -29.60 -16.42 -47.38
CA VAL E 230 -28.33 -16.62 -48.05
C VAL E 230 -27.73 -17.95 -47.60
N ASP E 231 -27.95 -18.35 -46.35
CA ASP E 231 -27.44 -19.63 -45.84
C ASP E 231 -28.10 -20.74 -46.63
N ALA E 232 -29.44 -20.72 -46.65
CA ALA E 232 -30.28 -21.64 -47.44
C ALA E 232 -29.81 -21.78 -48.87
N ALA E 233 -29.69 -20.60 -49.49
CA ALA E 233 -29.18 -20.47 -50.86
C ALA E 233 -27.96 -21.33 -51.04
N ILE E 234 -27.02 -21.19 -50.11
CA ILE E 234 -25.75 -21.90 -50.21
C ILE E 234 -25.99 -23.39 -50.06
N GLY E 235 -26.91 -23.78 -49.18
CA GLY E 235 -27.40 -25.17 -49.07
C GLY E 235 -27.81 -25.87 -50.38
N ARG E 236 -28.76 -25.26 -51.03
CA ARG E 236 -29.11 -25.61 -52.41
C ARG E 236 -27.86 -25.87 -53.25
N LEU E 237 -26.94 -24.89 -53.20
CA LEU E 237 -25.77 -24.88 -54.05
C LEU E 237 -24.79 -26.01 -53.75
N LEU E 238 -24.65 -26.32 -52.46
CA LEU E 238 -23.77 -27.41 -52.00
C LEU E 238 -24.28 -28.77 -52.50
N ALA E 239 -25.58 -29.00 -52.29
CA ALA E 239 -26.23 -30.27 -52.65
C ALA E 239 -26.20 -30.54 -54.16
N GLY E 240 -26.43 -29.46 -54.92
CA GLY E 240 -26.47 -29.52 -56.39
C GLY E 240 -25.09 -29.92 -56.88
N MET E 241 -24.07 -29.24 -56.36
CA MET E 241 -22.69 -29.51 -56.77
C MET E 241 -22.36 -30.99 -56.52
N GLN E 242 -22.90 -31.54 -55.40
CA GLN E 242 -22.72 -32.96 -55.03
C GLN E 242 -23.43 -33.89 -56.00
N ARG E 243 -24.66 -33.55 -56.38
CA ARG E 243 -25.32 -34.27 -57.48
C ARG E 243 -24.56 -34.24 -58.83
N ASP E 244 -23.81 -33.15 -59.04
CA ASP E 244 -22.93 -33.04 -60.21
C ASP E 244 -21.53 -33.70 -60.06
N GLY E 245 -21.18 -34.10 -58.85
CA GLY E 245 -19.84 -34.62 -58.54
C GLY E 245 -18.79 -33.54 -58.54
N THR E 246 -19.21 -32.31 -58.19
CA THR E 246 -18.29 -31.15 -58.08
C THR E 246 -17.98 -30.77 -56.62
N ARG E 247 -18.97 -30.88 -55.72
CA ARG E 247 -18.82 -30.58 -54.27
C ARG E 247 -18.01 -31.68 -53.61
N ALA E 248 -16.73 -31.73 -53.94
CA ALA E 248 -15.84 -32.84 -53.60
C ALA E 248 -14.52 -32.66 -54.33
N ARG E 249 -14.58 -32.15 -55.57
CA ARG E 249 -13.38 -31.60 -56.22
C ARG E 249 -13.32 -30.05 -56.12
N THR E 250 -14.17 -29.44 -55.27
CA THR E 250 -14.32 -27.98 -55.13
C THR E 250 -13.95 -27.44 -53.70
N ASN E 251 -12.84 -26.69 -53.61
CA ASN E 251 -12.55 -25.88 -52.40
C ASN E 251 -13.50 -24.71 -52.42
N ILE E 252 -14.00 -24.34 -51.26
CA ILE E 252 -14.94 -23.24 -51.10
C ILE E 252 -14.33 -22.24 -50.12
N ILE E 253 -14.72 -20.95 -50.25
CA ILE E 253 -14.43 -19.89 -49.25
C ILE E 253 -15.57 -18.90 -49.18
N VAL E 254 -16.11 -18.68 -47.99
CA VAL E 254 -17.13 -17.67 -47.76
C VAL E 254 -16.55 -16.57 -46.89
N VAL E 255 -16.87 -15.30 -47.20
CA VAL E 255 -16.37 -14.10 -46.54
C VAL E 255 -17.41 -12.98 -46.46
N SER E 256 -17.11 -11.95 -45.67
CA SER E 256 -17.79 -10.67 -45.79
C SER E 256 -16.77 -9.55 -45.93
N ASP E 257 -17.24 -8.46 -46.50
CA ASP E 257 -16.43 -7.23 -46.65
C ASP E 257 -16.20 -6.50 -45.34
N HIS E 258 -17.18 -6.58 -44.44
CA HIS E 258 -17.18 -5.89 -43.15
C HIS E 258 -18.44 -6.30 -42.35
N GLY E 259 -18.57 -5.76 -41.15
CA GLY E 259 -19.72 -6.02 -40.29
C GLY E 259 -20.70 -4.86 -40.34
N MET E 260 -21.35 -4.61 -39.21
CA MET E 260 -22.49 -3.72 -39.19
C MET E 260 -22.69 -3.24 -37.76
N ALA E 261 -22.71 -1.93 -37.58
CA ALA E 261 -22.91 -1.31 -36.30
C ALA E 261 -24.26 -0.61 -36.28
N GLU E 262 -25.05 -0.92 -35.27
CA GLU E 262 -26.31 -0.24 -35.02
C GLU E 262 -26.15 1.28 -35.01
N VAL E 263 -26.99 1.98 -35.77
CA VAL E 263 -27.12 3.44 -35.73
C VAL E 263 -28.50 3.64 -35.13
N ALA E 264 -28.58 4.22 -33.94
CA ALA E 264 -29.90 4.40 -33.28
C ALA E 264 -30.52 5.63 -33.93
N PRO E 265 -31.83 5.89 -33.68
CA PRO E 265 -32.48 7.15 -34.14
C PRO E 265 -31.77 8.42 -33.64
N GLY E 266 -31.70 9.46 -34.46
CA GLY E 266 -31.07 10.75 -34.07
C GLY E 266 -29.57 10.87 -34.24
N HIS E 267 -28.93 9.86 -34.84
CA HIS E 267 -27.47 9.79 -35.01
C HIS E 267 -26.97 10.33 -36.39
N ALA E 268 -27.63 11.34 -36.93
CA ALA E 268 -27.43 11.76 -38.33
C ALA E 268 -27.18 13.27 -38.40
N ILE E 269 -25.91 13.65 -38.55
CA ILE E 269 -25.53 15.05 -38.72
C ILE E 269 -25.41 15.35 -40.23
N SER E 270 -25.22 16.62 -40.57
CA SER E 270 -24.96 17.05 -41.96
C SER E 270 -23.47 17.01 -42.16
N VAL E 271 -22.98 16.86 -43.40
CA VAL E 271 -21.55 17.04 -43.67
C VAL E 271 -21.19 18.52 -43.54
N GLU E 272 -22.13 19.40 -43.84
CA GLU E 272 -21.87 20.85 -43.77
C GLU E 272 -21.73 21.37 -42.34
N ASP E 273 -22.30 20.66 -41.37
CA ASP E 273 -21.92 20.79 -39.96
C ASP E 273 -20.39 20.58 -39.72
N ILE E 274 -19.80 19.54 -40.33
CA ILE E 274 -18.34 19.30 -40.23
C ILE E 274 -17.57 20.45 -40.87
N ALA E 275 -18.01 20.87 -42.05
CA ALA E 275 -17.44 22.05 -42.70
C ALA E 275 -18.46 22.69 -43.68
N PRO E 276 -18.57 24.03 -43.69
CA PRO E 276 -19.52 24.69 -44.56
C PRO E 276 -19.05 24.75 -46.02
N PRO E 277 -20.01 24.83 -46.96
CA PRO E 277 -19.68 24.69 -48.39
C PRO E 277 -18.68 25.70 -48.92
N GLN E 278 -18.59 26.87 -48.29
CA GLN E 278 -17.72 27.96 -48.74
C GLN E 278 -16.25 27.67 -48.53
N ILE E 279 -15.93 26.92 -47.49
CA ILE E 279 -14.53 26.62 -47.17
C ILE E 279 -14.07 25.21 -47.56
N ALA E 280 -15.02 24.30 -47.75
CA ALA E 280 -14.70 22.93 -48.13
C ALA E 280 -15.90 22.21 -48.75
N THR E 281 -15.63 21.47 -49.84
CA THR E 281 -16.61 20.58 -50.46
C THR E 281 -16.38 19.20 -49.90
N ALA E 282 -17.46 18.57 -49.45
CA ALA E 282 -17.48 17.17 -49.08
C ALA E 282 -17.50 16.26 -50.34
N ILE E 283 -16.48 15.43 -50.51
CA ILE E 283 -16.34 14.56 -51.69
C ILE E 283 -17.19 13.31 -51.52
N THR E 284 -17.30 12.88 -50.27
CA THR E 284 -18.03 11.70 -49.91
C THR E 284 -18.80 12.05 -48.66
N ASP E 285 -19.87 11.31 -48.39
CA ASP E 285 -20.54 11.43 -47.13
C ASP E 285 -20.60 10.01 -46.53
N GLY E 286 -21.49 9.78 -45.58
CA GLY E 286 -21.61 8.49 -44.94
C GLY E 286 -20.79 8.52 -43.66
N GLN E 287 -19.70 7.77 -43.66
CA GLN E 287 -18.88 7.51 -42.45
C GLN E 287 -17.43 7.93 -42.59
N VAL E 288 -16.84 7.77 -43.78
CA VAL E 288 -15.57 8.46 -44.10
C VAL E 288 -15.82 9.63 -45.12
N ILE E 289 -15.70 10.83 -44.57
CA ILE E 289 -16.16 12.03 -45.19
C ILE E 289 -14.89 12.67 -45.66
N GLY E 290 -14.72 12.74 -46.97
CA GLY E 290 -13.52 13.37 -47.54
C GLY E 290 -13.81 14.83 -47.81
N PHE E 291 -12.78 15.67 -47.64
CA PHE E 291 -12.96 17.10 -47.79
C PHE E 291 -11.85 17.69 -48.59
N GLU E 292 -12.25 18.44 -49.62
CA GLU E 292 -11.33 19.21 -50.45
C GLU E 292 -11.61 20.69 -50.27
N PRO E 293 -10.63 21.44 -49.68
CA PRO E 293 -10.85 22.86 -49.44
C PRO E 293 -10.97 23.63 -50.76
N LEU E 294 -11.86 24.63 -50.79
CA LEU E 294 -12.00 25.50 -51.97
C LEU E 294 -10.74 26.34 -51.99
N PRO E 295 -10.26 26.75 -53.18
CA PRO E 295 -8.94 27.40 -53.27
C PRO E 295 -8.75 28.55 -52.24
N GLY E 296 -7.61 28.60 -51.55
CA GLY E 296 -7.34 29.62 -50.53
C GLY E 296 -7.91 29.34 -49.14
N GLN E 297 -8.66 28.25 -49.01
CA GLN E 297 -9.35 27.96 -47.75
C GLN E 297 -8.64 26.85 -46.96
N GLN E 298 -7.43 26.44 -47.40
CA GLN E 298 -6.65 25.36 -46.76
C GLN E 298 -6.69 25.54 -45.23
N ALA E 299 -6.19 26.69 -44.77
CA ALA E 299 -6.13 27.04 -43.34
C ALA E 299 -7.50 27.13 -42.65
N ALA E 300 -8.44 27.82 -43.31
CA ALA E 300 -9.79 27.94 -42.74
C ALA E 300 -10.37 26.55 -42.59
N ALA E 301 -10.20 25.71 -43.63
CA ALA E 301 -10.71 24.34 -43.59
C ALA E 301 -10.05 23.57 -42.45
N GLU E 302 -8.74 23.73 -42.34
CA GLU E 302 -7.98 23.12 -41.25
C GLU E 302 -8.46 23.54 -39.85
N ALA E 303 -8.85 24.80 -39.67
CA ALA E 303 -9.39 25.28 -38.38
C ALA E 303 -10.76 24.66 -38.03
N SER E 304 -11.66 24.61 -39.02
CA SER E 304 -13.03 24.08 -38.80
C SER E 304 -13.05 22.54 -38.57
N VAL E 305 -12.11 21.85 -39.19
CA VAL E 305 -12.17 20.40 -39.38
C VAL E 305 -11.17 19.61 -38.54
N LEU E 306 -9.88 19.98 -38.62
CA LEU E 306 -8.80 19.17 -38.06
C LEU E 306 -8.97 18.92 -36.56
N GLY E 307 -8.62 17.72 -36.11
CA GLY E 307 -8.67 17.38 -34.68
C GLY E 307 -9.93 16.63 -34.27
N ALA E 308 -10.28 16.72 -32.99
CA ALA E 308 -11.37 15.93 -32.40
C ALA E 308 -12.63 16.78 -32.30
N HIS E 309 -13.81 16.15 -32.32
CA HIS E 309 -15.11 16.82 -32.20
C HIS E 309 -16.07 15.80 -31.60
N ASP E 310 -17.33 16.17 -31.43
CA ASP E 310 -18.27 15.36 -30.65
C ASP E 310 -18.43 13.87 -31.06
N HIS E 311 -18.80 13.60 -32.31
CA HIS E 311 -18.94 12.23 -32.81
C HIS E 311 -18.05 11.91 -34.04
N TYR E 312 -16.98 12.67 -34.25
CA TYR E 312 -16.03 12.40 -35.35
C TYR E 312 -14.64 12.97 -35.04
N ASP E 313 -13.62 12.50 -35.75
CA ASP E 313 -12.31 13.16 -35.79
C ASP E 313 -11.91 13.37 -37.25
N CYS E 314 -11.04 14.35 -37.54
CA CYS E 314 -10.53 14.60 -38.89
C CYS E 314 -9.00 14.68 -38.92
N TRP E 315 -8.38 14.29 -40.02
CA TRP E 315 -6.93 14.45 -40.20
C TRP E 315 -6.54 14.95 -41.59
N ARG E 316 -5.42 15.65 -41.74
CA ARG E 316 -4.79 15.71 -43.07
C ARG E 316 -4.46 14.27 -43.53
N LYS E 317 -4.72 13.95 -44.80
CA LYS E 317 -4.57 12.55 -45.25
C LYS E 317 -3.18 11.95 -44.92
N ALA E 318 -2.09 12.74 -45.04
CA ALA E 318 -0.75 12.23 -44.69
C ALA E 318 -0.52 11.99 -43.19
N GLU E 319 -1.46 12.46 -42.36
CA GLU E 319 -1.43 12.36 -40.92
C GLU E 319 -2.55 11.45 -40.40
N LEU E 320 -3.25 10.71 -41.28
CA LEU E 320 -4.24 9.77 -40.83
C LEU E 320 -3.55 8.71 -39.92
N PRO E 321 -4.25 8.24 -38.86
CA PRO E 321 -3.71 7.16 -37.99
C PRO E 321 -2.87 6.13 -38.74
N ALA E 322 -1.67 5.83 -38.24
CA ALA E 322 -0.80 4.91 -38.99
C ALA E 322 -1.37 3.48 -39.12
N ARG E 323 -2.15 3.05 -38.13
CA ARG E 323 -2.73 1.72 -38.17
C ARG E 323 -3.76 1.52 -39.28
N TRP E 324 -4.25 2.60 -39.88
CA TRP E 324 -5.21 2.47 -40.99
C TRP E 324 -4.55 2.22 -42.35
N GLN E 325 -3.25 2.50 -42.45
CA GLN E 325 -2.47 2.27 -43.67
C GLN E 325 -3.18 2.85 -44.89
N TYR E 326 -3.56 4.11 -44.74
CA TYR E 326 -4.40 4.84 -45.68
C TYR E 326 -3.99 6.29 -45.61
N GLY E 327 -3.97 6.93 -46.76
CA GLY E 327 -3.69 8.34 -46.83
C GLY E 327 -2.62 8.76 -47.79
N SER E 328 -1.86 7.81 -48.34
CA SER E 328 -0.86 8.05 -49.36
C SER E 328 -1.39 8.23 -50.77
N HIS E 329 -2.43 7.49 -51.12
CA HIS E 329 -2.92 7.54 -52.50
C HIS E 329 -3.39 8.96 -52.96
N PRO E 330 -3.04 9.38 -54.20
CA PRO E 330 -3.45 10.72 -54.62
C PRO E 330 -4.97 10.94 -54.68
N ARG E 331 -5.75 9.90 -54.94
CA ARG E 331 -7.22 10.05 -55.03
C ARG E 331 -7.88 10.36 -53.69
N ILE E 332 -7.16 10.18 -52.58
CA ILE E 332 -7.75 10.48 -51.26
C ILE E 332 -7.83 12.00 -51.16
N PRO E 333 -8.99 12.52 -50.76
CA PRO E 333 -9.09 13.96 -50.58
C PRO E 333 -8.10 14.49 -49.53
N SER E 334 -7.85 15.78 -49.57
CA SER E 334 -6.84 16.37 -48.69
C SER E 334 -7.13 16.16 -47.22
N LEU E 335 -8.40 16.18 -46.82
CA LEU E 335 -8.76 15.93 -45.43
C LEU E 335 -9.82 14.87 -45.32
N VAL E 336 -9.66 14.04 -44.28
CA VAL E 336 -10.54 12.90 -44.07
C VAL E 336 -10.97 12.87 -42.63
N CYS E 337 -12.29 12.87 -42.47
CA CYS E 337 -12.93 12.73 -41.21
C CYS E 337 -13.52 11.35 -41.09
N GLN E 338 -13.21 10.64 -40.00
CA GLN E 338 -13.90 9.43 -39.57
C GLN E 338 -15.03 9.63 -38.54
N MET E 339 -16.28 9.35 -38.92
CA MET E 339 -17.37 9.36 -37.92
C MET E 339 -17.16 8.23 -36.89
N HIS E 340 -17.60 8.45 -35.65
CA HIS E 340 -17.55 7.42 -34.63
C HIS E 340 -18.66 6.45 -34.85
N GLU E 341 -18.46 5.25 -34.31
CA GLU E 341 -19.40 4.15 -34.37
C GLU E 341 -20.83 4.57 -34.04
N GLY E 342 -21.78 4.16 -34.88
CA GLY E 342 -23.17 4.54 -34.71
C GLY E 342 -23.53 5.93 -35.16
N TRP E 343 -22.57 6.72 -35.68
CA TRP E 343 -22.87 8.03 -36.24
C TRP E 343 -22.73 8.12 -37.79
N ASP E 344 -23.55 9.00 -38.39
CA ASP E 344 -23.58 9.28 -39.85
C ASP E 344 -23.49 10.80 -40.09
N ALA E 345 -22.79 11.21 -41.15
CA ALA E 345 -22.95 12.55 -41.70
C ALA E 345 -23.39 12.45 -43.15
N LEU E 346 -24.57 12.99 -43.47
CA LEU E 346 -25.10 13.01 -44.84
C LEU E 346 -25.00 14.37 -45.54
N PHE E 347 -24.95 14.37 -46.88
CA PHE E 347 -25.13 15.61 -47.67
C PHE E 347 -26.45 16.21 -47.22
N PRO E 348 -26.56 17.55 -47.24
CA PRO E 348 -27.76 18.19 -46.68
C PRO E 348 -29.10 17.80 -47.30
N ASP E 349 -29.13 17.62 -48.63
CA ASP E 349 -30.36 17.19 -49.32
C ASP E 349 -30.81 15.77 -48.94
N LYS E 350 -29.84 14.84 -48.89
CA LYS E 350 -30.11 13.44 -48.51
C LYS E 350 -30.52 13.34 -47.04
N LEU E 351 -29.92 14.19 -46.21
CA LEU E 351 -30.29 14.29 -44.80
C LEU E 351 -31.79 14.52 -44.75
N ALA E 352 -32.24 15.62 -45.36
CA ALA E 352 -33.67 16.03 -45.33
C ALA E 352 -34.65 14.91 -45.63
N LYS E 353 -34.37 14.09 -46.65
CA LYS E 353 -35.28 13.00 -47.00
C LYS E 353 -35.15 11.74 -46.15
N ARG E 354 -34.36 11.77 -45.06
CA ARG E 354 -34.01 10.54 -44.27
C ARG E 354 -35.20 9.58 -44.03
N ALA E 355 -35.89 9.70 -42.88
CA ALA E 355 -36.99 8.78 -42.42
C ALA E 355 -36.84 8.54 -40.92
N GLN E 356 -37.50 9.36 -40.08
CA GLN E 356 -37.16 9.41 -38.63
C GLN E 356 -37.73 8.16 -37.98
N ARG E 357 -37.20 7.04 -38.43
CA ARG E 357 -37.84 5.75 -38.30
C ARG E 357 -37.15 5.05 -37.14
N GLY E 358 -37.07 3.73 -37.22
CA GLY E 358 -36.50 2.94 -36.14
C GLY E 358 -34.99 2.90 -36.18
N THR E 359 -34.48 1.75 -35.77
CA THR E 359 -33.06 1.53 -35.69
C THR E 359 -32.55 1.25 -37.10
N ARG E 360 -31.36 1.72 -37.37
CA ARG E 360 -30.80 1.67 -38.71
C ARG E 360 -29.43 1.06 -38.53
N GLY E 361 -28.62 1.08 -39.60
CA GLY E 361 -27.30 0.49 -39.58
C GLY E 361 -26.32 1.18 -40.51
N SER E 362 -25.05 1.10 -40.14
CA SER E 362 -23.94 1.64 -40.90
C SER E 362 -22.71 0.82 -40.58
N HIS E 363 -21.77 0.84 -41.53
CA HIS E 363 -20.41 0.33 -41.36
C HIS E 363 -19.55 1.48 -41.83
N GLY E 364 -18.35 1.29 -42.36
CA GLY E 364 -17.50 2.45 -42.71
C GLY E 364 -16.77 3.08 -41.51
N TYR E 365 -16.78 2.39 -40.36
CA TYR E 365 -16.15 2.91 -39.14
C TYR E 365 -14.79 2.26 -39.01
N ASP E 366 -13.98 2.80 -38.12
CA ASP E 366 -12.66 2.24 -37.74
C ASP E 366 -12.64 0.73 -37.84
N PRO E 367 -11.91 0.15 -38.82
CA PRO E 367 -11.95 -1.30 -39.05
C PRO E 367 -11.50 -2.23 -37.89
N ALA E 368 -10.85 -1.67 -36.86
CA ALA E 368 -10.45 -2.42 -35.68
C ALA E 368 -11.58 -2.59 -34.63
N LEU E 369 -12.73 -1.94 -34.84
CA LEU E 369 -13.91 -2.17 -34.00
C LEU E 369 -14.41 -3.61 -34.16
N PRO E 370 -14.92 -4.20 -33.07
CA PRO E 370 -15.61 -5.49 -33.19
C PRO E 370 -16.90 -5.45 -34.04
N SER E 371 -17.58 -4.32 -34.08
CA SER E 371 -18.76 -4.20 -34.94
C SER E 371 -18.36 -4.41 -36.44
N MET E 372 -17.17 -3.96 -36.80
CA MET E 372 -16.75 -3.98 -38.18
C MET E 372 -16.19 -5.29 -38.61
N ARG E 373 -15.96 -6.19 -37.66
CA ARG E 373 -15.43 -7.50 -38.00
C ARG E 373 -16.36 -8.24 -38.95
N ALA E 374 -15.70 -9.02 -39.81
CA ALA E 374 -16.26 -9.73 -40.92
C ALA E 374 -15.96 -11.19 -40.71
N VAL E 375 -16.54 -12.03 -41.53
CA VAL E 375 -16.34 -13.50 -41.45
C VAL E 375 -15.35 -14.09 -42.41
N PHE E 376 -14.87 -15.26 -42.04
CA PHE E 376 -14.00 -16.01 -42.88
C PHE E 376 -14.13 -17.51 -42.60
N LEU E 377 -14.68 -18.26 -43.57
CA LEU E 377 -14.70 -19.73 -43.50
C LEU E 377 -14.29 -20.42 -44.81
N ALA E 378 -13.90 -21.69 -44.72
CA ALA E 378 -13.26 -22.42 -45.84
C ALA E 378 -13.44 -23.94 -45.69
N GLN E 379 -13.61 -24.66 -46.81
CA GLN E 379 -13.85 -26.11 -46.77
C GLN E 379 -13.57 -26.82 -48.13
N GLY E 380 -12.98 -28.03 -48.08
CA GLY E 380 -12.78 -28.87 -49.26
C GLY E 380 -11.43 -29.57 -49.41
N PRO E 381 -11.28 -30.38 -50.45
CA PRO E 381 -10.18 -31.35 -50.53
C PRO E 381 -8.77 -30.90 -50.09
N ASP E 382 -8.31 -29.72 -50.54
CA ASP E 382 -6.97 -29.20 -50.21
C ASP E 382 -6.89 -28.34 -48.92
N LEU E 383 -8.04 -28.14 -48.26
CA LEU E 383 -8.13 -27.49 -46.96
C LEU E 383 -8.06 -28.50 -45.81
N ALA E 384 -7.75 -28.01 -44.61
CA ALA E 384 -7.91 -28.77 -43.36
C ALA E 384 -9.38 -28.85 -42.96
N GLN E 385 -9.65 -29.74 -41.99
CA GLN E 385 -10.99 -30.00 -41.46
C GLN E 385 -11.02 -29.88 -39.95
N GLY E 386 -12.12 -29.31 -39.46
CA GLY E 386 -12.36 -29.14 -38.05
C GLY E 386 -11.26 -28.35 -37.35
N LYS E 387 -11.14 -27.08 -37.71
CA LYS E 387 -10.06 -26.20 -37.22
C LYS E 387 -10.54 -24.77 -37.13
N THR E 388 -10.37 -24.12 -35.98
CA THR E 388 -10.65 -22.69 -35.80
C THR E 388 -9.33 -21.95 -36.02
N LEU E 389 -9.41 -20.67 -36.46
CA LEU E 389 -8.18 -19.83 -36.59
C LEU E 389 -8.35 -18.56 -35.80
N PRO E 390 -7.23 -17.99 -35.33
CA PRO E 390 -7.33 -16.65 -34.78
C PRO E 390 -7.91 -15.67 -35.78
N GLY E 391 -8.40 -14.54 -35.26
CA GLY E 391 -8.59 -13.35 -36.07
C GLY E 391 -7.35 -12.92 -36.87
N PHE E 392 -7.55 -12.52 -38.12
CA PHE E 392 -6.49 -12.07 -38.99
C PHE E 392 -6.93 -10.92 -39.94
N ASP E 393 -5.99 -10.40 -40.71
CA ASP E 393 -6.24 -9.19 -41.57
C ASP E 393 -6.74 -9.63 -42.89
N ASN E 394 -7.80 -9.01 -43.42
CA ASN E 394 -8.33 -9.46 -44.73
C ASN E 394 -7.35 -9.43 -45.90
N VAL E 395 -6.26 -8.68 -45.79
CA VAL E 395 -5.19 -8.76 -46.83
C VAL E 395 -4.54 -10.14 -47.03
N ASP E 396 -4.70 -11.05 -46.08
CA ASP E 396 -4.06 -12.39 -46.13
C ASP E 396 -4.88 -13.42 -46.91
N VAL E 397 -6.11 -13.10 -47.25
CA VAL E 397 -6.99 -14.02 -47.97
C VAL E 397 -6.47 -14.34 -49.35
N TYR E 398 -6.02 -13.30 -50.05
CA TYR E 398 -5.35 -13.44 -51.34
C TYR E 398 -4.35 -14.57 -51.38
N ALA E 399 -3.30 -14.57 -50.55
CA ALA E 399 -2.30 -15.65 -50.69
C ALA E 399 -2.89 -17.07 -50.56
N LEU E 400 -3.92 -17.26 -49.75
CA LEU E 400 -4.61 -18.55 -49.72
C LEU E 400 -5.35 -18.80 -51.04
N MET E 401 -6.14 -17.83 -51.50
CA MET E 401 -6.86 -18.01 -52.78
C MET E 401 -5.95 -18.31 -53.97
N SER E 402 -4.80 -17.64 -54.04
N SER E 402 -4.81 -17.63 -54.04
CA SER E 402 -3.84 -17.85 -55.13
CA SER E 402 -3.84 -17.85 -55.11
C SER E 402 -3.30 -19.29 -55.16
C SER E 402 -3.32 -19.30 -55.16
N ARG E 403 -3.03 -19.85 -53.99
CA ARG E 403 -2.60 -21.24 -53.86
C ARG E 403 -3.72 -22.25 -54.22
N LEU E 404 -4.92 -22.04 -53.71
CA LEU E 404 -6.07 -22.86 -54.07
C LEU E 404 -6.47 -22.84 -55.57
N LEU E 405 -6.05 -21.79 -56.30
CA LEU E 405 -6.42 -21.57 -57.70
C LEU E 405 -5.23 -21.82 -58.63
N GLY E 406 -4.09 -22.23 -58.06
CA GLY E 406 -2.92 -22.61 -58.83
C GLY E 406 -2.35 -21.53 -59.70
N ILE E 407 -2.20 -20.34 -59.13
CA ILE E 407 -1.61 -19.17 -59.85
C ILE E 407 -0.50 -18.54 -59.06
N PRO E 408 0.45 -17.88 -59.74
CA PRO E 408 1.43 -17.15 -58.92
C PRO E 408 0.69 -16.12 -58.07
N ALA E 409 1.11 -15.99 -56.82
CA ALA E 409 0.65 -14.89 -55.98
C ALA E 409 1.34 -13.64 -56.50
N ALA E 410 0.55 -12.64 -56.90
CA ALA E 410 1.15 -11.38 -57.28
C ALA E 410 1.69 -10.62 -56.04
N PRO E 411 2.47 -9.54 -56.25
CA PRO E 411 2.90 -8.71 -55.13
C PRO E 411 1.72 -8.12 -54.37
N ASN E 412 1.70 -8.36 -53.06
CA ASN E 412 0.61 -8.01 -52.19
C ASN E 412 1.08 -7.63 -50.77
N ASP E 413 0.14 -7.06 -50.03
CA ASP E 413 0.33 -6.48 -48.71
C ASP E 413 0.09 -7.47 -47.59
N GLY E 414 -0.38 -8.68 -47.91
CA GLY E 414 -0.62 -9.71 -46.90
C GLY E 414 0.57 -10.61 -46.59
N ASN E 415 0.33 -11.45 -45.58
CA ASN E 415 1.25 -12.50 -45.12
C ASN E 415 0.80 -13.91 -45.50
N PRO E 416 1.57 -14.62 -46.35
CA PRO E 416 1.10 -15.98 -46.72
C PRO E 416 1.21 -17.00 -45.60
N ALA E 417 1.98 -16.67 -44.54
CA ALA E 417 2.06 -17.54 -43.37
C ALA E 417 0.72 -17.65 -42.67
N THR E 418 -0.01 -16.53 -42.57
CA THR E 418 -1.22 -16.48 -41.76
C THR E 418 -2.22 -17.63 -42.00
N LEU E 419 -2.50 -17.96 -43.26
CA LEU E 419 -3.57 -18.90 -43.58
C LEU E 419 -3.16 -20.34 -43.96
N LEU E 420 -1.86 -20.66 -44.01
CA LEU E 420 -1.37 -22.03 -44.26
C LEU E 420 -2.05 -23.11 -43.37
N PRO E 421 -2.26 -22.82 -42.06
CA PRO E 421 -3.01 -23.74 -41.19
C PRO E 421 -4.52 -23.90 -41.51
N ALA E 422 -5.00 -23.26 -42.55
CA ALA E 422 -6.27 -23.62 -43.15
C ALA E 422 -6.12 -24.75 -44.17
N LEU E 423 -4.91 -24.95 -44.72
CA LEU E 423 -4.66 -26.05 -45.64
C LEU E 423 -4.71 -27.42 -44.92
N ARG E 424 -4.74 -28.50 -45.71
CA ARG E 424 -4.79 -29.86 -45.19
C ARG E 424 -3.37 -30.31 -44.82
N MET E 425 -2.44 -30.07 -45.74
CA MET E 425 -0.99 -30.22 -45.52
C MET E 425 -0.37 -28.86 -45.91
N PRO E 426 0.95 -28.64 -45.68
CA PRO E 426 1.65 -27.46 -46.27
C PRO E 426 2.77 -27.78 -47.31
N PRO E 427 4.09 -27.85 -46.95
CA PRO E 427 4.99 -28.12 -48.09
C PRO E 427 4.95 -29.58 -48.53
N SER F 43 25.33 -30.22 35.16
CA SER F 43 26.74 -29.95 34.75
C SER F 43 27.21 -28.61 35.30
N THR F 44 28.46 -28.58 35.74
CA THR F 44 29.11 -27.36 36.27
C THR F 44 29.05 -26.15 35.31
N PRO F 45 28.67 -24.97 35.82
CA PRO F 45 28.62 -23.78 34.96
C PRO F 45 30.01 -23.16 34.71
N HIS F 46 30.14 -22.41 33.61
CA HIS F 46 31.42 -21.84 33.21
C HIS F 46 31.94 -20.74 34.13
N ALA F 47 33.25 -20.78 34.40
CA ALA F 47 33.95 -19.83 35.26
C ALA F 47 34.22 -18.57 34.50
N LEU F 48 34.48 -17.49 35.25
CA LEU F 48 34.87 -16.20 34.67
C LEU F 48 36.19 -15.75 35.26
N LEU F 49 37.15 -15.50 34.36
CA LEU F 49 38.44 -14.97 34.71
C LEU F 49 38.43 -13.51 34.31
N LEU F 50 38.55 -12.61 35.29
CA LEU F 50 38.45 -11.17 35.08
C LEU F 50 39.81 -10.60 35.35
N ILE F 51 40.37 -9.86 34.40
CA ILE F 51 41.77 -9.38 34.48
C ILE F 51 41.80 -7.88 34.26
N SER F 52 42.48 -7.14 35.12
CA SER F 52 42.74 -5.74 34.90
C SER F 52 44.20 -5.50 34.65
N ILE F 53 44.48 -4.68 33.63
CA ILE F 53 45.84 -4.16 33.33
C ILE F 53 45.79 -2.68 33.60
N ASP F 54 46.32 -2.28 34.75
CA ASP F 54 46.20 -0.92 35.19
C ASP F 54 46.85 0.02 34.20
N GLY F 55 46.12 1.09 33.80
CA GLY F 55 46.63 2.11 32.85
C GLY F 55 46.92 1.70 31.40
N LEU F 56 46.40 0.56 30.96
CA LEU F 56 46.48 0.21 29.55
C LEU F 56 45.50 1.06 28.75
N ARG F 57 46.04 2.02 28.01
CA ARG F 57 45.20 2.82 27.11
C ARG F 57 44.63 2.01 25.95
N ALA F 58 43.42 2.39 25.52
CA ALA F 58 42.63 1.68 24.50
C ALA F 58 43.38 1.31 23.19
N ASP F 59 44.11 2.27 22.64
CA ASP F 59 44.91 2.10 21.39
C ASP F 59 46.15 1.16 21.51
N MET F 60 46.50 0.76 22.73
CA MET F 60 47.73 0.02 22.96
C MET F 60 47.68 -1.44 22.56
N LEU F 61 46.48 -1.93 22.21
CA LEU F 61 46.32 -3.27 21.56
C LEU F 61 46.61 -3.29 20.05
N ASP F 62 46.98 -2.14 19.47
CA ASP F 62 47.11 -2.00 18.02
C ASP F 62 48.49 -1.54 17.60
N ARG F 63 49.52 -1.85 18.40
CA ARG F 63 50.89 -1.47 18.00
C ARG F 63 51.86 -2.61 18.12
N GLY F 64 51.37 -3.83 17.96
CA GLY F 64 52.26 -4.99 17.81
C GLY F 64 52.99 -5.39 19.08
N ILE F 65 52.48 -4.92 20.24
CA ILE F 65 53.06 -5.27 21.54
C ILE F 65 52.09 -6.09 22.39
N THR F 66 50.97 -6.51 21.84
CA THR F 66 50.04 -7.33 22.61
C THR F 66 49.54 -8.50 21.85
N PRO F 67 50.47 -9.36 21.36
CA PRO F 67 50.03 -10.44 20.47
C PRO F 67 49.11 -11.48 21.14
N ASN F 68 49.34 -11.80 22.41
CA ASN F 68 48.45 -12.75 23.09
C ASN F 68 47.08 -12.13 23.33
N LEU F 69 47.06 -10.88 23.81
CA LEU F 69 45.78 -10.16 23.97
C LEU F 69 45.08 -9.91 22.62
N SER F 70 45.85 -9.50 21.62
CA SER F 70 45.30 -9.31 20.26
C SER F 70 44.69 -10.58 19.64
N HIS F 71 45.38 -11.70 19.80
CA HIS F 71 44.85 -13.01 19.42
C HIS F 71 43.57 -13.34 20.23
N LEU F 72 43.55 -13.02 21.53
CA LEU F 72 42.35 -13.25 22.36
C LEU F 72 41.20 -12.36 21.89
N ALA F 73 41.53 -11.11 21.57
CA ALA F 73 40.60 -10.14 20.96
C ALA F 73 39.92 -10.73 19.74
N ARG F 74 40.75 -11.09 18.76
CA ARG F 74 40.27 -11.61 17.48
C ARG F 74 39.47 -12.89 17.59
N GLU F 75 39.87 -13.83 18.46
CA GLU F 75 39.04 -15.02 18.77
C GLU F 75 37.72 -14.68 19.45
N GLY F 76 37.66 -13.52 20.09
CA GLY F 76 36.50 -13.13 20.90
C GLY F 76 35.86 -11.82 20.48
N VAL F 77 35.69 -10.93 21.47
CA VAL F 77 34.95 -9.68 21.36
C VAL F 77 35.85 -8.61 21.89
N ARG F 78 35.85 -7.46 21.21
CA ARG F 78 36.67 -6.29 21.58
C ARG F 78 35.91 -4.95 21.33
N ALA F 79 35.83 -4.09 22.34
CA ALA F 79 35.29 -2.74 22.14
C ALA F 79 36.38 -1.83 21.64
N ARG F 80 36.01 -0.84 20.86
CA ARG F 80 37.01 0.07 20.35
C ARG F 80 37.74 0.72 21.52
N TRP F 81 36.97 1.02 22.59
CA TRP F 81 37.48 1.57 23.85
C TRP F 81 36.39 1.45 24.95
N MET F 82 36.78 1.73 26.19
CA MET F 82 35.88 1.82 27.31
C MET F 82 36.18 3.08 28.08
N ALA F 83 35.14 3.94 28.24
CA ALA F 83 35.27 5.18 29.01
C ALA F 83 35.25 4.93 30.52
N PRO F 84 36.32 5.35 31.23
CA PRO F 84 36.30 5.23 32.67
C PRO F 84 35.26 6.18 33.29
N SER F 85 34.87 5.94 34.52
CA SER F 85 34.04 6.90 35.21
C SER F 85 34.94 7.90 35.95
N TYR F 86 34.31 8.98 36.43
CA TYR F 86 34.98 10.05 37.12
C TYR F 86 35.05 9.73 38.59
N PRO F 87 36.20 9.93 39.24
CA PRO F 87 37.48 10.36 38.67
C PRO F 87 38.23 9.23 37.99
N SER F 88 39.07 9.52 36.98
CA SER F 88 39.68 8.45 36.17
C SER F 88 40.93 7.81 36.83
N LEU F 89 40.70 7.28 38.03
CA LEU F 89 41.70 6.82 38.99
C LEU F 89 41.34 5.41 39.40
N ALA F 90 42.30 4.71 40.01
CA ALA F 90 42.25 3.28 40.12
C ALA F 90 41.19 2.74 41.05
N PHE F 91 41.17 3.20 42.31
CA PHE F 91 40.25 2.61 43.28
C PHE F 91 38.85 2.89 42.85
N PRO F 92 38.54 4.13 42.47
CA PRO F 92 37.15 4.37 42.09
C PRO F 92 36.71 3.55 40.89
N ASN F 93 37.60 3.33 39.92
CA ASN F 93 37.23 2.64 38.69
C ASN F 93 37.25 1.14 38.78
N HIS F 94 38.18 0.57 39.53
CA HIS F 94 38.13 -0.87 39.69
C HIS F 94 36.85 -1.20 40.44
N TYR F 95 36.52 -0.40 41.44
CA TYR F 95 35.35 -0.68 42.25
C TYR F 95 34.10 -0.45 41.40
N THR F 96 34.09 0.55 40.51
CA THR F 96 32.98 0.73 39.54
C THR F 96 32.86 -0.52 38.68
N LEU F 97 33.98 -1.06 38.22
CA LEU F 97 33.91 -2.22 37.31
C LEU F 97 33.18 -3.41 37.91
N VAL F 98 33.49 -3.74 39.16
CA VAL F 98 32.88 -4.88 39.80
C VAL F 98 31.52 -4.60 40.45
N THR F 99 31.05 -3.36 40.47
CA THR F 99 29.72 -3.02 41.06
C THR F 99 28.66 -2.53 40.07
N GLY F 100 29.10 -1.96 38.96
CA GLY F 100 28.25 -1.23 38.03
C GLY F 100 27.79 0.13 38.53
N LEU F 101 28.48 0.66 39.57
CA LEU F 101 28.07 1.91 40.18
C LEU F 101 29.13 2.97 39.86
N ARG F 102 28.67 4.20 39.59
CA ARG F 102 29.52 5.39 39.53
C ARG F 102 30.18 5.62 40.90
N PRO F 103 31.44 6.09 40.92
CA PRO F 103 32.09 6.53 42.20
C PRO F 103 31.24 7.41 43.13
N ASP F 104 30.47 8.28 42.54
CA ASP F 104 29.58 9.13 43.27
C ASP F 104 28.53 8.36 44.06
N HIS F 105 28.26 7.11 43.68
CA HIS F 105 27.25 6.26 44.36
C HIS F 105 27.89 5.25 45.25
N HIS F 106 28.96 4.59 44.79
CA HIS F 106 29.60 3.55 45.61
C HIS F 106 30.41 4.05 46.80
N GLY F 107 30.77 5.33 46.83
CA GLY F 107 31.56 5.91 47.94
C GLY F 107 33.08 6.06 47.80
N ILE F 108 33.68 5.27 46.92
CA ILE F 108 35.12 5.36 46.69
C ILE F 108 35.36 6.47 45.67
N VAL F 109 35.30 7.71 46.15
CA VAL F 109 35.22 8.90 45.29
C VAL F 109 36.58 9.37 44.78
N HIS F 110 37.65 8.80 45.33
CA HIS F 110 39.03 9.12 44.96
C HIS F 110 39.84 7.99 45.56
N ASN F 111 41.11 7.89 45.20
CA ASN F 111 42.10 7.09 45.92
C ASN F 111 42.39 7.52 47.36
N SER F 112 42.24 8.80 47.65
CA SER F 112 42.52 9.43 48.97
C SER F 112 41.28 10.21 49.29
N MET F 113 40.87 10.16 50.54
CA MET F 113 39.58 10.71 50.97
C MET F 113 39.61 10.94 52.47
N ARG F 114 38.64 11.74 52.95
CA ARG F 114 38.34 11.89 54.35
C ARG F 114 36.82 11.75 54.50
N ASP F 115 36.40 11.31 55.68
CA ASP F 115 34.98 11.20 56.01
C ASP F 115 34.92 11.63 57.47
N PRO F 116 33.88 12.44 57.86
CA PRO F 116 33.81 12.91 59.26
C PRO F 116 33.73 11.79 60.32
N THR F 117 33.23 10.60 59.97
CA THR F 117 33.13 9.47 60.92
C THR F 117 34.24 8.41 60.78
N LEU F 118 34.59 8.02 59.56
CA LEU F 118 35.56 6.92 59.38
C LEU F 118 37.02 7.41 59.34
N GLY F 119 37.26 8.72 59.27
CA GLY F 119 38.62 9.28 59.20
C GLY F 119 39.19 9.33 57.78
N GLY F 120 40.50 9.15 57.66
CA GLY F 120 41.19 9.13 56.39
C GLY F 120 41.24 7.78 55.66
N PHE F 121 41.20 7.83 54.32
CA PHE F 121 41.40 6.64 53.49
C PHE F 121 42.57 6.96 52.55
N TRP F 122 43.54 6.08 52.46
CA TRP F 122 44.41 6.09 51.27
C TRP F 122 44.87 4.70 50.89
N LEU F 123 45.53 4.59 49.73
CA LEU F 123 45.72 3.26 49.15
C LEU F 123 46.46 2.30 50.03
N SER F 124 47.48 2.82 50.69
CA SER F 124 48.33 2.02 51.54
C SER F 124 47.84 2.00 52.99
N LYS F 125 46.76 2.72 53.30
CA LYS F 125 46.20 2.67 54.68
C LYS F 125 45.39 1.41 54.86
N SER F 126 46.09 0.30 55.14
CA SER F 126 45.50 -1.06 55.16
C SER F 126 44.25 -1.21 56.05
N GLU F 127 44.21 -0.51 57.18
CA GLU F 127 43.04 -0.54 58.06
C GLU F 127 41.84 0.22 57.52
N ALA F 128 42.02 1.23 56.68
CA ALA F 128 40.90 1.87 55.94
C ALA F 128 40.43 1.08 54.74
N VAL F 129 41.37 0.57 53.95
CA VAL F 129 41.04 -0.21 52.75
C VAL F 129 40.32 -1.49 53.16
N GLY F 130 40.76 -2.05 54.28
CA GLY F 130 40.13 -3.20 54.87
C GLY F 130 38.77 -3.02 55.53
N ASP F 131 38.24 -1.77 55.64
CA ASP F 131 37.05 -1.48 56.46
C ASP F 131 35.82 -1.35 55.59
N ALA F 132 34.97 -2.36 55.59
CA ALA F 132 33.83 -2.43 54.67
C ALA F 132 32.92 -1.18 54.61
N ARG F 133 32.86 -0.38 55.68
CA ARG F 133 32.06 0.84 55.69
C ARG F 133 32.39 1.87 54.61
N TRP F 134 33.59 1.81 54.05
CA TRP F 134 33.93 2.70 52.94
C TRP F 134 33.25 2.36 51.61
N TRP F 135 32.92 1.06 51.44
CA TRP F 135 32.61 0.42 50.14
C TRP F 135 31.10 0.18 49.99
N GLY F 136 30.45 0.98 49.17
CA GLY F 136 28.99 0.87 48.92
C GLY F 136 28.62 -0.20 47.91
N GLY F 137 27.33 -0.45 47.73
CA GLY F 137 26.88 -1.43 46.73
C GLY F 137 27.45 -2.79 46.98
N GLU F 138 27.55 -3.60 45.92
CA GLU F 138 27.87 -5.04 46.07
C GLU F 138 28.81 -5.48 44.92
N PRO F 139 30.08 -5.75 45.25
CA PRO F 139 30.93 -6.17 44.16
C PRO F 139 30.62 -7.61 43.80
N VAL F 140 30.94 -8.00 42.57
CA VAL F 140 30.56 -9.35 42.05
C VAL F 140 30.99 -10.52 42.95
N TRP F 141 32.14 -10.43 43.62
CA TRP F 141 32.58 -11.52 44.46
C TRP F 141 31.65 -11.81 45.62
N VAL F 142 31.07 -10.75 46.17
CA VAL F 142 30.00 -10.92 47.15
C VAL F 142 28.79 -11.63 46.51
N GLY F 143 28.33 -11.19 45.36
CA GLY F 143 27.18 -11.88 44.68
C GLY F 143 27.42 -13.37 44.44
N VAL F 144 28.65 -13.69 44.09
CA VAL F 144 29.04 -15.04 43.82
C VAL F 144 29.08 -15.90 45.09
N GLU F 145 29.71 -15.39 46.14
CA GLU F 145 29.72 -16.09 47.44
C GLU F 145 28.31 -16.23 47.98
N ASN F 146 27.50 -15.18 47.83
CA ASN F 146 26.13 -15.19 48.30
C ASN F 146 25.20 -16.20 47.63
N THR F 147 25.58 -16.77 46.48
CA THR F 147 24.83 -17.87 45.84
C THR F 147 25.38 -19.27 46.13
N GLY F 148 26.31 -19.38 47.08
CA GLY F 148 26.96 -20.64 47.42
C GLY F 148 28.21 -20.96 46.61
N GLN F 149 28.56 -20.12 45.65
CA GLN F 149 29.69 -20.40 44.75
C GLN F 149 30.90 -19.72 45.34
N HIS F 150 32.07 -19.83 44.70
CA HIS F 150 33.27 -19.22 45.26
C HIS F 150 34.05 -18.23 44.36
N ALA F 151 34.51 -17.13 44.96
CA ALA F 151 35.40 -16.16 44.26
C ALA F 151 36.81 -16.28 44.80
N ALA F 152 37.82 -16.20 43.89
CA ALA F 152 39.24 -16.04 44.25
C ALA F 152 39.74 -14.71 43.70
N THR F 153 40.23 -13.82 44.56
CA THR F 153 40.76 -12.55 44.08
C THR F 153 42.27 -12.49 44.31
N TRP F 154 43.01 -12.24 43.25
CA TRP F 154 44.43 -11.92 43.38
C TRP F 154 44.64 -10.64 44.21
N SER F 155 44.10 -9.51 43.75
CA SER F 155 44.22 -8.25 44.52
C SER F 155 43.14 -7.18 44.39
N TRP F 156 42.05 -7.47 43.68
CA TRP F 156 41.16 -6.41 43.26
C TRP F 156 40.82 -5.37 44.39
N PRO F 157 40.79 -4.07 44.06
CA PRO F 157 40.40 -3.13 45.09
C PRO F 157 39.02 -3.41 45.73
N GLY F 158 39.00 -3.55 47.05
CA GLY F 158 37.79 -3.87 47.79
C GLY F 158 37.88 -5.21 48.45
N SER F 159 38.82 -6.04 47.98
CA SER F 159 38.74 -7.46 48.25
C SER F 159 39.31 -7.85 49.63
N GLU F 160 40.03 -6.96 50.29
CA GLU F 160 40.54 -7.09 51.65
C GLU F 160 39.52 -6.68 52.72
N ALA F 161 38.37 -6.13 52.32
CA ALA F 161 37.27 -5.87 53.24
C ALA F 161 36.21 -6.98 53.24
N ALA F 162 35.43 -7.02 54.32
CA ALA F 162 34.24 -7.84 54.37
C ALA F 162 33.06 -7.00 53.89
N ILE F 163 32.98 -6.77 52.58
CA ILE F 163 31.93 -5.91 52.03
C ILE F 163 30.55 -6.61 52.14
N LYS F 164 29.54 -5.93 52.69
CA LYS F 164 28.26 -6.57 53.09
C LYS F 164 28.46 -7.82 53.90
N GLY F 165 29.48 -7.82 54.74
CA GLY F 165 29.78 -8.94 55.62
C GLY F 165 30.41 -10.13 54.97
N VAL F 166 30.89 -10.02 53.72
CA VAL F 166 31.33 -11.16 52.94
C VAL F 166 32.70 -10.91 52.25
N ARG F 167 33.62 -11.86 52.44
CA ARG F 167 34.95 -11.84 51.87
C ARG F 167 34.93 -12.85 50.74
N PRO F 168 35.79 -12.68 49.70
CA PRO F 168 36.02 -13.80 48.81
C PRO F 168 36.63 -15.04 49.51
N SER F 169 36.49 -16.21 48.87
CA SER F 169 37.13 -17.47 49.33
C SER F 169 38.66 -17.46 49.28
N GLN F 170 39.24 -16.78 48.29
CA GLN F 170 40.69 -16.47 48.27
C GLN F 170 40.94 -14.98 48.12
N TRP F 171 41.94 -14.48 48.83
CA TRP F 171 42.28 -13.04 48.85
C TRP F 171 43.53 -12.85 49.66
N ARG F 172 44.15 -11.70 49.54
CA ARG F 172 45.37 -11.38 50.30
C ARG F 172 45.54 -9.89 50.53
N HIS F 173 46.44 -9.53 51.43
CA HIS F 173 46.85 -8.14 51.58
C HIS F 173 47.78 -7.75 50.39
N TYR F 174 47.50 -6.61 49.75
CA TYR F 174 48.17 -6.29 48.47
C TYR F 174 49.51 -5.75 48.77
N GLN F 175 50.47 -6.11 47.95
CA GLN F 175 51.83 -5.67 48.14
C GLN F 175 52.48 -5.51 46.78
N LYS F 176 53.13 -4.37 46.59
CA LYS F 176 54.05 -4.10 45.46
C LYS F 176 55.05 -5.22 45.16
N GLY F 177 55.33 -5.42 43.87
CA GLY F 177 56.47 -6.19 43.41
C GLY F 177 56.36 -7.69 43.33
N VAL F 178 55.17 -8.25 43.50
CA VAL F 178 54.99 -9.72 43.40
C VAL F 178 55.39 -10.16 41.98
N ARG F 179 56.02 -11.32 41.88
CA ARG F 179 56.50 -11.79 40.59
C ARG F 179 55.30 -12.01 39.66
N LEU F 180 55.56 -12.05 38.36
CA LEU F 180 54.50 -12.31 37.38
C LEU F 180 54.03 -13.75 37.42
N ASP F 181 54.98 -14.67 37.45
CA ASP F 181 54.67 -16.10 37.49
C ASP F 181 53.93 -16.48 38.79
N THR F 182 54.36 -15.95 39.92
CA THR F 182 53.71 -16.26 41.19
C THR F 182 52.19 -15.97 41.09
N ARG F 183 51.81 -14.80 40.60
CA ARG F 183 50.37 -14.49 40.46
C ARG F 183 49.70 -15.31 39.38
N VAL F 184 50.38 -15.48 38.23
CA VAL F 184 49.87 -16.33 37.16
C VAL F 184 49.56 -17.76 37.64
N ASP F 185 50.48 -18.34 38.40
CA ASP F 185 50.35 -19.72 38.89
C ASP F 185 49.31 -19.86 39.97
N ALA F 186 49.09 -18.83 40.76
CA ALA F 186 48.01 -18.90 41.75
C ALA F 186 46.66 -18.81 41.03
N VAL F 187 46.59 -17.96 40.02
CA VAL F 187 45.39 -17.84 39.20
C VAL F 187 45.02 -19.18 38.52
N ARG F 188 46.02 -19.80 37.92
CA ARG F 188 45.88 -21.14 37.33
C ARG F 188 45.30 -22.18 38.27
N GLY F 189 45.91 -22.28 39.45
CA GLY F 189 45.48 -23.22 40.49
C GLY F 189 44.06 -22.95 40.94
N TRP F 190 43.75 -21.69 41.21
CA TRP F 190 42.36 -21.30 41.55
C TRP F 190 41.35 -21.70 40.47
N LEU F 191 41.77 -21.72 39.19
CA LEU F 191 40.87 -22.15 38.10
C LEU F 191 40.65 -23.67 38.06
N ALA F 192 41.68 -24.41 38.44
CA ALA F 192 41.72 -25.90 38.34
C ALA F 192 41.03 -26.63 39.50
N THR F 193 40.83 -25.99 40.65
CA THR F 193 40.24 -26.71 41.77
C THR F 193 38.84 -27.13 41.31
N ASP F 194 38.47 -28.37 41.61
CA ASP F 194 37.16 -28.91 41.25
C ASP F 194 36.38 -29.23 42.53
N GLY F 195 35.22 -29.88 42.40
CA GLY F 195 34.41 -30.20 43.57
C GLY F 195 33.90 -28.93 44.25
N ALA F 196 33.76 -29.00 45.58
CA ALA F 196 33.07 -27.96 46.36
C ALA F 196 33.78 -26.61 46.35
N GLN F 197 35.12 -26.59 46.41
CA GLN F 197 35.94 -25.36 46.41
C GLN F 197 36.22 -24.78 45.01
N ARG F 198 35.35 -25.08 44.05
CA ARG F 198 35.47 -24.60 42.67
C ARG F 198 35.22 -23.10 42.63
N ASN F 199 36.06 -22.37 41.91
CA ASN F 199 35.90 -20.93 41.85
C ASN F 199 35.14 -20.49 40.62
N ARG F 200 33.99 -19.88 40.79
CA ARG F 200 33.22 -19.38 39.66
C ARG F 200 33.84 -18.11 39.05
N LEU F 201 34.55 -17.34 39.88
CA LEU F 201 35.16 -16.08 39.54
C LEU F 201 36.58 -16.08 40.06
N VAL F 202 37.50 -15.61 39.23
CA VAL F 202 38.89 -15.43 39.61
C VAL F 202 39.31 -14.14 39.01
N THR F 203 40.04 -13.33 39.78
CA THR F 203 40.45 -12.03 39.31
C THR F 203 41.95 -11.93 39.35
N LEU F 204 42.48 -11.03 38.53
CA LEU F 204 43.92 -10.88 38.42
C LEU F 204 44.20 -9.44 38.09
N TYR F 205 45.25 -8.89 38.68
CA TYR F 205 45.59 -7.49 38.46
C TYR F 205 47.04 -7.35 38.21
N PHE F 206 47.38 -6.47 37.27
CA PHE F 206 48.76 -6.06 37.01
C PHE F 206 48.87 -4.56 37.19
N GLU F 207 49.89 -4.12 37.93
CA GLU F 207 50.14 -2.72 38.28
C GLU F 207 51.17 -2.09 37.35
N HIS F 208 51.84 -2.91 36.54
CA HIS F 208 53.12 -2.54 35.88
C HIS F 208 53.05 -1.48 34.77
N VAL F 209 52.02 -1.53 33.95
CA VAL F 209 51.89 -0.63 32.83
C VAL F 209 51.64 0.77 33.39
N ASP F 210 50.71 0.91 34.35
CA ASP F 210 50.48 2.19 35.05
C ASP F 210 51.75 2.80 35.67
N GLU F 211 52.49 1.97 36.37
CA GLU F 211 53.71 2.41 37.08
C GLU F 211 54.70 2.98 36.07
N ALA F 212 54.95 2.19 35.01
CA ALA F 212 55.78 2.64 33.86
C ALA F 212 55.22 3.87 33.17
N GLY F 213 53.89 3.99 33.08
CA GLY F 213 53.26 5.20 32.54
C GLY F 213 53.61 6.44 33.31
N HIS F 214 53.54 6.33 34.63
CA HIS F 214 53.75 7.48 35.48
C HIS F 214 55.20 7.97 35.44
N ASP F 215 56.11 7.00 35.48
CA ASP F 215 57.54 7.26 35.48
C ASP F 215 58.03 7.93 34.20
N HIS F 216 57.53 7.49 33.05
CA HIS F 216 58.09 7.86 31.75
C HIS F 216 57.10 8.23 30.61
N GLY F 217 55.78 8.31 30.84
CA GLY F 217 54.76 8.55 29.78
C GLY F 217 54.32 7.34 28.94
N PRO F 218 53.12 7.40 28.31
CA PRO F 218 52.61 6.27 27.55
C PRO F 218 53.30 5.92 26.19
N GLU F 219 54.07 6.84 25.65
CA GLU F 219 54.79 6.55 24.42
C GLU F 219 56.18 6.07 24.71
N SER F 220 56.49 5.76 25.97
CA SER F 220 57.87 5.52 26.36
C SER F 220 58.24 4.10 26.04
N ARG F 221 59.55 3.88 25.98
CA ARG F 221 60.10 2.54 25.90
C ARG F 221 59.68 1.72 27.14
N GLN F 222 59.67 2.34 28.31
CA GLN F 222 59.37 1.61 29.56
C GLN F 222 57.88 1.14 29.62
N TYR F 223 56.95 2.04 29.30
CA TYR F 223 55.53 1.64 29.19
C TYR F 223 55.39 0.46 28.24
N ALA F 224 56.00 0.57 27.04
CA ALA F 224 55.77 -0.45 26.00
C ALA F 224 56.29 -1.79 26.44
N ASP F 225 57.46 -1.79 27.08
CA ASP F 225 58.04 -3.00 27.70
C ASP F 225 57.13 -3.62 28.79
N ALA F 226 56.56 -2.80 29.66
CA ALA F 226 55.61 -3.30 30.68
C ALA F 226 54.46 -4.02 30.01
N VAL F 227 53.88 -3.36 29.00
CA VAL F 227 52.75 -3.93 28.22
C VAL F 227 53.11 -5.31 27.70
N ARG F 228 54.27 -5.40 27.05
CA ARG F 228 54.86 -6.69 26.59
C ARG F 228 54.98 -7.75 27.68
N ALA F 229 55.51 -7.37 28.84
CA ALA F 229 55.68 -8.32 29.94
C ALA F 229 54.34 -8.83 30.41
N VAL F 230 53.41 -7.91 30.63
CA VAL F 230 52.09 -8.24 31.09
C VAL F 230 51.38 -9.10 30.08
N ASP F 231 51.42 -8.70 28.81
CA ASP F 231 50.83 -9.49 27.74
C ASP F 231 51.39 -10.91 27.67
N ALA F 232 52.70 -11.05 27.78
CA ALA F 232 53.30 -12.40 27.77
C ALA F 232 52.84 -13.26 28.99
N ALA F 233 52.82 -12.68 30.19
CA ALA F 233 52.27 -13.39 31.36
C ALA F 233 50.86 -13.88 31.12
N ILE F 234 50.04 -13.07 30.45
CA ILE F 234 48.68 -13.54 30.15
C ILE F 234 48.73 -14.68 29.10
N GLY F 235 49.67 -14.60 28.17
CA GLY F 235 49.97 -15.75 27.27
C GLY F 235 50.27 -17.06 27.97
N ARG F 236 51.11 -16.96 29.00
CA ARG F 236 51.49 -18.13 29.81
C ARG F 236 50.36 -18.72 30.59
N LEU F 237 49.44 -17.86 31.04
CA LEU F 237 48.28 -18.25 31.82
C LEU F 237 47.32 -19.02 30.94
N LEU F 238 47.07 -18.48 29.76
CA LEU F 238 46.15 -19.11 28.81
C LEU F 238 46.64 -20.49 28.38
N ALA F 239 47.92 -20.58 28.00
CA ALA F 239 48.54 -21.87 27.64
C ALA F 239 48.49 -22.87 28.82
N GLY F 240 48.74 -22.34 30.03
CA GLY F 240 48.59 -23.08 31.30
C GLY F 240 47.19 -23.61 31.46
N MET F 241 46.19 -22.74 31.24
CA MET F 241 44.77 -23.11 31.39
C MET F 241 44.39 -24.22 30.43
N GLN F 242 44.85 -24.12 29.17
CA GLN F 242 44.63 -25.16 28.16
C GLN F 242 45.18 -26.54 28.57
N ARG F 243 46.47 -26.59 28.93
CA ARG F 243 47.08 -27.82 29.48
C ARG F 243 46.27 -28.39 30.65
N ASP F 244 45.70 -27.51 31.49
CA ASP F 244 44.87 -27.92 32.61
C ASP F 244 43.48 -28.41 32.21
N GLY F 245 43.07 -28.18 30.96
CA GLY F 245 41.69 -28.37 30.51
C GLY F 245 40.68 -27.40 31.14
N THR F 246 41.13 -26.21 31.58
CA THR F 246 40.24 -25.18 32.21
C THR F 246 39.75 -24.10 31.20
N ARG F 247 40.54 -23.92 30.14
CA ARG F 247 40.41 -22.85 29.19
C ARG F 247 39.07 -22.91 28.44
N ALA F 248 38.76 -24.08 27.89
CA ALA F 248 37.57 -24.24 27.06
C ALA F 248 36.31 -23.92 27.83
N ARG F 249 36.33 -24.05 29.16
CA ARG F 249 35.11 -23.83 29.94
C ARG F 249 35.11 -22.53 30.73
N THR F 250 36.10 -21.67 30.50
CA THR F 250 36.26 -20.42 31.25
C THR F 250 36.19 -19.18 30.36
N ASN F 251 35.12 -18.41 30.53
CA ASN F 251 35.03 -17.07 29.96
C ASN F 251 36.11 -16.15 30.51
N ILE F 252 36.61 -15.23 29.69
CA ILE F 252 37.64 -14.26 30.09
C ILE F 252 37.21 -12.85 29.74
N ILE F 253 37.41 -11.91 30.67
CA ILE F 253 37.26 -10.46 30.44
C ILE F 253 38.55 -9.72 30.81
N VAL F 254 39.03 -8.87 29.92
CA VAL F 254 40.24 -8.10 30.12
C VAL F 254 39.87 -6.64 30.04
N VAL F 255 40.20 -5.88 31.07
CA VAL F 255 39.94 -4.43 31.13
C VAL F 255 41.11 -3.68 31.66
N SER F 256 41.11 -2.37 31.43
CA SER F 256 41.86 -1.45 32.25
C SER F 256 40.90 -0.50 32.95
N ASP F 257 41.44 0.20 33.91
CA ASP F 257 40.77 1.20 34.75
C ASP F 257 40.72 2.59 34.12
N HIS F 258 41.68 2.89 33.25
CA HIS F 258 41.81 4.17 32.56
C HIS F 258 43.01 4.07 31.60
N GLY F 259 43.23 5.07 30.79
CA GLY F 259 44.40 5.08 29.87
C GLY F 259 45.57 5.81 30.52
N MET F 260 46.30 6.58 29.71
CA MET F 260 47.48 7.31 30.19
C MET F 260 47.81 8.47 29.22
N ALA F 261 47.87 9.71 29.72
CA ALA F 261 48.30 10.88 28.92
C ALA F 261 49.75 11.25 29.22
N GLU F 262 50.43 11.83 28.22
CA GLU F 262 51.78 12.35 28.38
C GLU F 262 51.85 13.63 29.26
N VAL F 263 52.82 13.68 30.19
CA VAL F 263 53.08 14.87 31.05
C VAL F 263 54.51 15.38 30.77
N ALA F 264 54.60 16.40 29.93
CA ALA F 264 55.90 16.94 29.53
C ALA F 264 56.63 17.57 30.70
N PRO F 265 57.94 17.80 30.56
CA PRO F 265 58.71 18.49 31.62
C PRO F 265 58.16 19.87 31.99
N GLY F 266 58.12 20.20 33.30
CA GLY F 266 57.61 21.51 33.76
C GLY F 266 56.08 21.66 33.88
N HIS F 267 55.35 20.55 33.79
CA HIS F 267 53.88 20.56 33.85
C HIS F 267 53.34 20.25 35.25
N ALA F 268 54.09 20.59 36.30
CA ALA F 268 53.62 20.39 37.68
C ALA F 268 53.57 21.71 38.42
N ILE F 269 52.40 22.05 38.96
CA ILE F 269 52.25 23.24 39.80
C ILE F 269 51.95 22.82 41.23
N SER F 270 51.97 23.75 42.18
CA SER F 270 51.71 23.43 43.58
C SER F 270 50.22 23.53 43.85
N VAL F 271 49.67 22.64 44.67
CA VAL F 271 48.25 22.79 45.03
C VAL F 271 47.99 24.15 45.68
N GLU F 272 48.98 24.72 46.38
CA GLU F 272 48.86 26.03 47.04
C GLU F 272 48.95 27.26 46.09
N ASP F 273 49.49 27.06 44.89
CA ASP F 273 49.28 28.02 43.78
C ASP F 273 47.77 28.20 43.47
N ILE F 274 46.94 27.19 43.71
CA ILE F 274 45.48 27.22 43.40
C ILE F 274 44.69 27.96 44.49
N ALA F 275 44.97 27.60 45.74
CA ALA F 275 44.43 28.31 46.89
C ALA F 275 45.46 28.25 48.01
N PRO F 276 45.66 29.36 48.72
CA PRO F 276 46.61 29.26 49.83
C PRO F 276 46.06 28.43 51.01
N PRO F 277 46.96 27.91 51.87
CA PRO F 277 46.52 27.05 52.95
C PRO F 277 45.70 27.77 54.02
N GLN F 278 45.81 29.09 54.08
CA GLN F 278 44.97 29.91 54.97
C GLN F 278 43.53 30.01 54.48
N ILE F 279 43.30 29.92 53.16
CA ILE F 279 41.95 30.05 52.58
C ILE F 279 41.25 28.67 52.52
N ALA F 280 41.95 27.65 52.00
CA ALA F 280 41.41 26.29 51.90
C ALA F 280 42.46 25.16 52.02
N THR F 281 42.02 24.01 52.51
CA THR F 281 42.87 22.82 52.63
C THR F 281 42.71 21.92 51.39
N ALA F 282 43.82 21.70 50.68
CA ALA F 282 43.92 20.66 49.64
C ALA F 282 43.78 19.30 50.29
N ILE F 283 42.71 18.60 49.95
CA ILE F 283 42.44 17.28 50.46
C ILE F 283 43.14 16.21 49.63
N THR F 284 43.26 16.47 48.33
CA THR F 284 43.92 15.53 47.43
C THR F 284 44.81 16.37 46.58
N ASP F 285 45.80 15.75 45.94
CA ASP F 285 46.62 16.40 44.93
C ASP F 285 46.58 15.53 43.71
N GLY F 286 47.39 15.82 42.70
CA GLY F 286 47.48 14.98 41.50
C GLY F 286 46.76 15.67 40.35
N GLN F 287 45.55 15.23 40.03
CA GLN F 287 44.76 15.81 38.91
C GLN F 287 43.35 16.25 39.30
N VAL F 288 42.78 15.56 40.26
CA VAL F 288 41.48 15.90 40.80
C VAL F 288 41.81 16.43 42.17
N ILE F 289 41.80 17.77 42.30
CA ILE F 289 42.23 18.49 43.48
C ILE F 289 41.01 18.94 44.26
N GLY F 290 40.68 18.21 45.32
CA GLY F 290 39.58 18.56 46.21
C GLY F 290 40.03 19.60 47.23
N PHE F 291 39.22 20.65 47.46
CA PHE F 291 39.54 21.69 48.41
C PHE F 291 38.45 21.83 49.42
N GLU F 292 38.84 22.08 50.68
CA GLU F 292 37.90 22.32 51.77
C GLU F 292 38.19 23.70 52.42
N PRO F 293 37.35 24.72 52.11
CA PRO F 293 37.54 26.04 52.69
C PRO F 293 37.62 25.99 54.21
N LEU F 294 38.43 26.88 54.79
CA LEU F 294 38.53 27.00 56.26
C LEU F 294 37.33 27.79 56.78
N PRO F 295 36.84 27.45 57.99
CA PRO F 295 35.59 28.08 58.50
C PRO F 295 35.63 29.61 58.38
N GLY F 296 34.56 30.19 57.83
CA GLY F 296 34.53 31.62 57.52
C GLY F 296 35.30 32.10 56.30
N GLN F 297 36.06 31.22 55.64
CA GLN F 297 36.82 31.58 54.44
C GLN F 297 36.16 31.09 53.16
N GLN F 298 34.84 30.92 53.18
CA GLN F 298 34.09 30.27 52.10
C GLN F 298 34.10 31.15 50.84
N ALA F 299 33.72 32.41 51.04
CA ALA F 299 33.67 33.47 50.01
C ALA F 299 35.02 33.73 49.37
N ALA F 300 36.06 33.71 50.22
CA ALA F 300 37.43 33.96 49.80
C ALA F 300 37.94 32.82 48.93
N ALA F 301 37.68 31.58 49.34
CA ALA F 301 38.05 30.41 48.56
C ALA F 301 37.42 30.47 47.17
N GLU F 302 36.14 30.83 47.14
CA GLU F 302 35.39 30.95 45.88
C GLU F 302 35.67 32.23 45.10
N ALA F 303 36.61 33.07 45.57
CA ALA F 303 37.06 34.22 44.81
C ALA F 303 38.06 33.73 43.80
N SER F 304 39.19 33.19 44.29
CA SER F 304 40.32 32.85 43.43
C SER F 304 40.50 31.34 43.17
N VAL F 305 39.52 30.52 43.56
CA VAL F 305 39.49 29.11 43.13
C VAL F 305 38.53 28.97 41.94
N LEU F 306 37.26 29.35 42.12
CA LEU F 306 36.19 29.06 41.12
C LEU F 306 36.43 29.60 39.69
N GLY F 307 35.86 28.89 38.71
CA GLY F 307 36.02 29.23 37.29
C GLY F 307 37.29 28.69 36.65
N ALA F 308 37.75 29.40 35.63
CA ALA F 308 38.81 28.92 34.72
C ALA F 308 40.19 29.43 35.07
N HIS F 309 41.23 28.65 34.78
CA HIS F 309 42.63 29.08 34.94
C HIS F 309 43.45 28.48 33.81
N ASP F 310 44.77 28.71 33.86
CA ASP F 310 45.66 28.40 32.76
C ASP F 310 45.58 26.93 32.37
N HIS F 311 45.67 26.06 33.37
CA HIS F 311 45.79 24.64 33.11
C HIS F 311 44.89 23.82 34.05
N TYR F 312 43.85 24.43 34.60
CA TYR F 312 42.82 23.74 35.39
C TYR F 312 41.53 24.61 35.46
N ASP F 313 40.41 24.01 35.86
CA ASP F 313 39.13 24.68 36.14
C ASP F 313 38.61 24.18 37.49
N CYS F 314 37.77 24.95 38.18
CA CYS F 314 37.29 24.59 39.51
C CYS F 314 35.82 24.95 39.75
N TRP F 315 35.16 24.04 40.46
CA TRP F 315 33.73 24.10 40.67
C TRP F 315 33.37 23.74 42.09
N ARG F 316 32.17 24.17 42.49
CA ARG F 316 31.54 23.65 43.69
C ARG F 316 31.11 22.26 43.32
N LYS F 317 31.23 21.33 44.26
CA LYS F 317 30.92 19.90 44.02
C LYS F 317 29.54 19.70 43.39
N ALA F 318 28.55 20.44 43.88
CA ALA F 318 27.17 20.38 43.38
C ALA F 318 26.94 21.08 42.02
N GLU F 319 27.97 21.65 41.42
CA GLU F 319 27.90 22.31 40.10
C GLU F 319 29.03 21.85 39.18
N LEU F 320 29.59 20.67 39.49
CA LEU F 320 30.52 20.00 38.57
C LEU F 320 29.78 19.64 37.31
N PRO F 321 30.46 19.71 36.15
CA PRO F 321 29.82 19.29 34.90
C PRO F 321 28.94 18.04 35.07
N ALA F 322 27.70 18.14 34.60
CA ALA F 322 26.70 17.09 34.71
C ALA F 322 27.17 15.77 34.13
N ARG F 323 27.86 15.87 33.00
CA ARG F 323 28.36 14.71 32.28
C ARG F 323 29.40 13.84 33.06
N TRP F 324 30.01 14.37 34.13
CA TRP F 324 30.87 13.54 34.97
C TRP F 324 30.11 12.72 35.98
N GLN F 325 28.84 13.00 36.23
CA GLN F 325 28.03 12.27 37.19
C GLN F 325 28.74 12.06 38.51
N TYR F 326 29.30 13.15 39.03
CA TYR F 326 30.13 13.15 40.27
C TYR F 326 29.91 14.47 41.01
N GLY F 327 29.93 14.46 42.34
CA GLY F 327 29.71 15.67 43.15
C GLY F 327 28.60 15.62 44.17
N SER F 328 27.77 14.57 44.13
CA SER F 328 26.72 14.36 45.10
C SER F 328 27.19 13.79 46.42
N HIS F 329 28.19 12.90 46.38
CA HIS F 329 28.56 12.14 47.58
C HIS F 329 29.04 13.10 48.67
N PRO F 330 28.56 12.88 49.91
CA PRO F 330 29.13 13.64 51.04
C PRO F 330 30.68 13.67 51.09
N ARG F 331 31.36 12.62 50.73
CA ARG F 331 32.81 12.53 50.98
C ARG F 331 33.63 13.34 49.98
N ILE F 332 32.98 13.86 48.94
CA ILE F 332 33.65 14.71 48.03
C ILE F 332 33.76 16.10 48.68
N PRO F 333 34.98 16.67 48.74
CA PRO F 333 35.15 18.03 49.26
C PRO F 333 34.26 19.09 48.59
N SER F 334 34.01 20.19 49.30
CA SER F 334 33.12 21.25 48.79
C SER F 334 33.58 21.81 47.49
N LEU F 335 34.89 21.96 47.31
CA LEU F 335 35.40 22.48 46.04
C LEU F 335 36.26 21.46 45.34
N VAL F 336 36.00 21.21 44.06
CA VAL F 336 36.76 20.24 43.21
C VAL F 336 37.33 20.98 42.01
N CYS F 337 38.64 20.84 41.82
CA CYS F 337 39.35 21.41 40.67
C CYS F 337 39.88 20.31 39.78
N GLN F 338 39.65 20.45 38.47
CA GLN F 338 40.17 19.43 37.52
C GLN F 338 41.37 19.96 36.76
N MET F 339 42.50 19.27 36.84
CA MET F 339 43.64 19.66 36.00
C MET F 339 43.39 19.33 34.54
N HIS F 340 43.92 20.17 33.65
CA HIS F 340 43.90 19.91 32.22
C HIS F 340 44.83 18.77 31.88
N GLU F 341 44.45 18.03 30.84
CA GLU F 341 45.28 16.95 30.28
C GLU F 341 46.75 17.31 30.26
N GLY F 342 47.60 16.41 30.74
CA GLY F 342 49.04 16.64 30.72
C GLY F 342 49.65 17.44 31.85
N TRP F 343 48.84 18.03 32.75
CA TRP F 343 49.28 18.83 33.91
C TRP F 343 49.05 18.13 35.30
N ASP F 344 49.87 18.50 36.28
CA ASP F 344 49.76 17.96 37.65
C ASP F 344 49.72 19.11 38.63
N ALA F 345 49.04 18.92 39.77
CA ALA F 345 49.09 19.89 40.87
C ALA F 345 49.49 19.05 42.08
N LEU F 346 50.68 19.28 42.63
CA LEU F 346 51.18 18.49 43.75
C LEU F 346 51.22 19.24 45.09
N PHE F 347 51.17 18.50 46.20
CA PHE F 347 51.41 19.07 47.53
C PHE F 347 52.84 19.68 47.50
N PRO F 348 53.08 20.73 48.30
CA PRO F 348 54.39 21.41 48.19
C PRO F 348 55.63 20.58 48.55
N ASP F 349 55.51 19.61 49.47
CA ASP F 349 56.66 18.76 49.81
C ASP F 349 57.03 17.86 48.63
N LYS F 350 56.02 17.35 47.95
CA LYS F 350 56.20 16.52 46.74
C LYS F 350 56.84 17.30 45.59
N LEU F 351 56.30 18.49 45.31
CA LEU F 351 56.87 19.36 44.28
C LEU F 351 58.34 19.70 44.60
N ALA F 352 58.62 20.06 45.85
CA ALA F 352 60.01 20.35 46.30
C ALA F 352 60.97 19.14 46.18
N LYS F 353 60.50 17.94 46.51
CA LYS F 353 61.37 16.75 46.49
C LYS F 353 61.51 16.09 45.11
N ARG F 354 60.49 16.16 44.26
CA ARG F 354 60.51 15.45 42.94
C ARG F 354 61.46 16.10 41.94
N ALA F 355 62.47 15.35 41.48
CA ALA F 355 63.52 15.87 40.57
C ALA F 355 63.04 15.93 39.10
N GLN F 356 63.04 17.15 38.55
CA GLN F 356 62.53 17.40 37.19
C GLN F 356 63.63 17.09 36.20
N ARG F 357 63.20 16.53 35.07
CA ARG F 357 64.05 16.17 33.93
C ARG F 357 63.12 15.71 32.79
N GLY F 358 62.59 14.49 32.90
CA GLY F 358 61.98 13.80 31.77
C GLY F 358 60.48 13.93 31.60
N THR F 359 60.02 13.24 30.58
CA THR F 359 58.59 13.08 30.29
C THR F 359 58.02 12.03 31.24
N ARG F 360 56.85 12.33 31.77
CA ARG F 360 56.16 11.47 32.70
C ARG F 360 54.78 11.15 32.11
N GLY F 361 53.91 10.49 32.89
CA GLY F 361 52.51 10.26 32.54
C GLY F 361 51.55 10.38 33.71
N SER F 362 50.29 10.71 33.38
CA SER F 362 49.20 10.86 34.36
C SER F 362 47.89 10.42 33.72
N HIS F 363 46.96 10.02 34.58
CA HIS F 363 45.56 9.81 34.24
C HIS F 363 44.85 10.69 35.25
N GLY F 364 43.59 10.44 35.63
CA GLY F 364 42.85 11.42 36.47
C GLY F 364 42.25 12.62 35.72
N TYR F 365 42.32 12.59 34.41
CA TYR F 365 41.77 13.64 33.56
C TYR F 365 40.35 13.30 33.12
N ASP F 366 39.67 14.31 32.58
CA ASP F 366 38.34 14.20 31.97
C ASP F 366 38.18 12.80 31.31
N PRO F 367 37.31 11.92 31.85
CA PRO F 367 37.13 10.57 31.32
C PRO F 367 36.70 10.52 29.86
N ALA F 368 36.15 11.60 29.33
CA ALA F 368 35.86 11.70 27.88
C ALA F 368 37.11 11.78 26.97
N LEU F 369 38.27 12.19 27.50
CA LEU F 369 39.48 12.33 26.68
C LEU F 369 39.93 11.02 26.07
N PRO F 370 40.22 11.01 24.76
CA PRO F 370 40.74 9.75 24.20
C PRO F 370 41.96 9.15 24.96
N SER F 371 42.82 9.98 25.50
CA SER F 371 43.93 9.54 26.34
C SER F 371 43.54 8.72 27.59
N MET F 372 42.34 9.00 28.13
CA MET F 372 41.84 8.32 29.30
C MET F 372 41.11 7.01 29.03
N ARG F 373 40.81 6.73 27.77
CA ARG F 373 40.18 5.47 27.39
C ARG F 373 40.89 4.19 27.84
N ALA F 374 40.09 3.23 28.29
CA ALA F 374 40.53 1.96 28.75
C ALA F 374 40.19 0.89 27.71
N VAL F 375 40.67 -0.30 28.01
CA VAL F 375 40.47 -1.44 27.17
C VAL F 375 39.29 -2.27 27.67
N PHE F 376 38.56 -2.85 26.72
CA PHE F 376 37.64 -3.98 26.95
C PHE F 376 37.74 -5.07 25.86
N LEU F 377 38.19 -6.26 26.27
CA LEU F 377 38.08 -7.52 25.47
C LEU F 377 37.35 -8.62 26.24
N ALA F 378 36.76 -9.55 25.49
CA ALA F 378 36.12 -10.73 26.10
C ALA F 378 36.13 -11.98 25.18
N GLN F 379 36.40 -13.15 25.73
CA GLN F 379 36.56 -14.39 24.93
C GLN F 379 36.22 -15.57 25.78
N GLY F 380 35.41 -16.48 25.22
CA GLY F 380 35.08 -17.75 25.85
C GLY F 380 33.81 -18.37 25.30
N PRO F 381 33.40 -19.51 25.86
CA PRO F 381 32.33 -20.33 25.30
C PRO F 381 30.94 -19.70 25.26
N ASP F 382 30.69 -18.76 26.17
CA ASP F 382 29.41 -18.01 26.21
C ASP F 382 29.48 -16.66 25.47
N LEU F 383 30.64 -16.34 24.91
CA LEU F 383 30.86 -15.07 24.23
C LEU F 383 30.98 -15.26 22.73
N ALA F 384 30.59 -14.20 22.01
CA ALA F 384 30.79 -14.07 20.56
C ALA F 384 32.25 -14.19 20.12
N GLN F 385 32.43 -14.44 18.82
CA GLN F 385 33.75 -14.66 18.24
C GLN F 385 33.96 -13.74 17.05
N GLY F 386 35.11 -13.09 17.02
CA GLY F 386 35.54 -12.32 15.87
C GLY F 386 34.73 -11.05 15.73
N LYS F 387 34.45 -10.39 16.86
CA LYS F 387 33.50 -9.28 16.89
C LYS F 387 34.09 -8.06 17.52
N THR F 388 33.66 -6.89 16.98
CA THR F 388 34.00 -5.57 17.48
C THR F 388 32.75 -4.80 17.95
N LEU F 389 32.85 -4.18 19.12
CA LEU F 389 31.77 -3.39 19.70
C LEU F 389 32.12 -1.93 19.67
N PRO F 390 31.10 -1.06 19.63
CA PRO F 390 31.37 0.37 19.76
C PRO F 390 31.98 0.72 21.08
N GLY F 391 32.51 1.93 21.16
CA GLY F 391 32.99 2.43 22.43
C GLY F 391 31.83 2.45 23.40
N PHE F 392 32.09 2.26 24.69
CA PHE F 392 31.01 2.19 25.70
C PHE F 392 31.49 2.57 27.12
N ASP F 393 30.52 2.81 27.99
N ASP F 393 30.58 2.95 28.02
CA ASP F 393 30.70 3.25 29.40
CA ASP F 393 31.06 3.39 29.33
C ASP F 393 31.14 2.08 30.27
C ASP F 393 31.13 2.23 30.30
N ASN F 394 32.20 2.22 31.08
CA ASN F 394 32.55 1.13 32.01
C ASN F 394 31.51 0.67 33.05
N VAL F 395 30.47 1.46 33.31
CA VAL F 395 29.38 1.00 34.19
C VAL F 395 28.63 -0.19 33.63
N ASP F 396 28.81 -0.47 32.34
CA ASP F 396 28.12 -1.53 31.64
C ASP F 396 28.69 -2.92 31.80
N VAL F 397 29.93 -3.04 32.29
CA VAL F 397 30.61 -4.32 32.41
C VAL F 397 29.85 -5.21 33.39
N TYR F 398 29.39 -4.61 34.49
CA TYR F 398 28.87 -5.33 35.61
C TYR F 398 27.72 -6.22 35.18
N ALA F 399 26.80 -5.68 34.35
CA ALA F 399 25.63 -6.49 33.92
C ALA F 399 26.01 -7.72 33.11
N LEU F 400 27.05 -7.62 32.29
CA LEU F 400 27.57 -8.79 31.60
C LEU F 400 28.11 -9.79 32.62
N MET F 401 28.94 -9.30 33.53
CA MET F 401 29.61 -10.17 34.49
C MET F 401 28.66 -10.92 35.36
N SER F 402 27.62 -10.25 35.82
CA SER F 402 26.61 -10.88 36.66
C SER F 402 25.86 -12.01 35.88
N ARG F 403 25.57 -11.79 34.60
CA ARG F 403 24.98 -12.83 33.76
C ARG F 403 25.94 -14.03 33.63
N LEU F 404 27.20 -13.76 33.38
CA LEU F 404 28.18 -14.82 33.23
C LEU F 404 28.52 -15.60 34.53
N LEU F 405 28.31 -14.98 35.71
CA LEU F 405 28.55 -15.64 37.01
C LEU F 405 27.31 -16.20 37.69
N GLY F 406 26.16 -16.08 37.02
CA GLY F 406 24.92 -16.64 37.48
C GLY F 406 24.39 -15.98 38.73
N ILE F 407 24.81 -14.77 39.01
CA ILE F 407 24.33 -14.04 40.20
C ILE F 407 23.23 -13.05 39.76
N PRO F 408 22.30 -12.72 40.68
CA PRO F 408 21.40 -11.62 40.34
C PRO F 408 22.19 -10.31 40.23
N ALA F 409 21.89 -9.48 39.24
CA ALA F 409 22.45 -8.15 39.18
C ALA F 409 21.88 -7.31 40.29
N ALA F 410 22.73 -6.66 41.09
CA ALA F 410 22.22 -5.68 42.07
C ALA F 410 21.91 -4.34 41.35
N PRO F 411 21.11 -3.45 41.98
CA PRO F 411 20.84 -2.15 41.40
C PRO F 411 22.11 -1.40 41.02
N ASN F 412 22.24 -1.05 39.74
CA ASN F 412 23.46 -0.44 39.24
C ASN F 412 23.20 0.69 38.26
N ASP F 413 24.24 1.45 37.96
CA ASP F 413 24.16 2.53 36.99
C ASP F 413 24.33 2.17 35.50
N GLY F 414 24.51 0.88 35.19
CA GLY F 414 24.90 0.45 33.86
C GLY F 414 23.68 0.07 33.05
N ASN F 415 23.90 -0.09 31.74
CA ASN F 415 22.85 -0.57 30.83
C ASN F 415 23.06 -2.08 30.54
N PRO F 416 22.07 -2.94 30.92
CA PRO F 416 22.14 -4.33 30.49
C PRO F 416 22.21 -4.55 28.99
N ALA F 417 21.68 -3.62 28.18
CA ALA F 417 21.66 -3.81 26.70
C ALA F 417 23.04 -3.72 26.04
N THR F 418 23.90 -2.80 26.49
CA THR F 418 25.15 -2.49 25.80
C THR F 418 26.01 -3.68 25.42
N LEU F 419 26.23 -4.60 26.38
CA LEU F 419 27.08 -5.77 26.18
C LEU F 419 26.39 -7.11 25.81
N LEU F 420 25.06 -7.14 25.62
CA LEU F 420 24.37 -8.32 25.05
C LEU F 420 24.94 -8.81 23.70
N PRO F 421 25.37 -7.90 22.80
CA PRO F 421 26.11 -8.29 21.60
C PRO F 421 27.41 -9.08 21.80
N ALA F 422 28.01 -9.03 22.98
CA ALA F 422 29.23 -9.80 23.27
C ALA F 422 28.93 -11.26 23.54
N LEU F 423 27.67 -11.60 23.76
CA LEU F 423 27.30 -12.98 24.03
C LEU F 423 27.25 -13.80 22.72
N ARG F 424 27.44 -15.12 22.80
CA ARG F 424 27.40 -15.99 21.61
C ARG F 424 25.99 -16.05 20.98
N MET F 425 24.95 -15.98 21.80
CA MET F 425 23.55 -15.75 21.35
C MET F 425 22.91 -14.70 22.31
N PRO F 426 21.71 -14.14 21.99
CA PRO F 426 21.15 -13.13 22.92
C PRO F 426 20.88 -13.59 24.36
#